data_8K3S
#
_entry.id   8K3S
#
_cell.length_a   1.00
_cell.length_b   1.00
_cell.length_c   1.00
_cell.angle_alpha   90.00
_cell.angle_beta   90.00
_cell.angle_gamma   90.00
#
_symmetry.space_group_name_H-M   'P 1'
#
loop_
_entity.id
_entity.type
_entity.pdbx_description
1 polymer Polycystin-2
2 non-polymer DI-PALMITOYL-3-SN-PHOSPHATIDYLETHANOLAMINE
3 non-polymer 2-acetamido-2-deoxy-beta-D-glucopyranose
4 non-polymer 'CALCIUM ION'
#
_entity_poly.entity_id   1
_entity_poly.type   'polypeptide(L)'
_entity_poly.pdbx_seq_one_letter_code
;MSAWSHPQFEKGGGSGGGSGGSAWSHPQFEKGSAAAPRVAWAERLVRGLRGLWGTRLMEESSTNREKYLKSVLRELVTYL
LFLIVLCILTYGMMSSNVYYYTRMMSQLFLDTPVSKTEKTNFKTLSSMEDFWKFTEGSLLDGLYWKMQPSNQTEADNRSF
IFYENLLLGVPRIRQLRVRNGSCSIPQDLRDEIKECYDVYSVSSEDRAPFGPRNGTAWIYTSEKDLNGSSHWGIIATYSG
AGYYLDLSRTREETAAQVASLKKNVWLDRGTRATFIDFSVYNANINLFCVVRLLVEFPATGGVIPSWQFQPLKLIRYVTT
FDFFLAACEIIFCFFIFYYVVEEILEIRIHKLHYFRSFWNCLDVVIVVLSVVAIGINIYRTSNVEVLLQFLEDQNTFPNF
EHLAYWQIQFNNIAAVTVFFVWIKLFKFINFNRTMSQLSTTMSRCAKDLFGFAIMPFIIFLAYAQLAYLVFGTQVDDFST
FQECIFTQFRIILGDINFAEIEEANRVLGPIYFTTFVFFMFFILLNMFLAIINDTYSEVKSDLAQQKAEMELSDLIRKGY
HKALVKLKLKK
;
_entity_poly.pdbx_strand_id   A,B,C,D
#
# COMPACT_ATOMS: atom_id res chain seq x y z
CA LYS A 67 34.08 21.45 44.13
C LYS A 67 33.50 21.16 42.75
N TYR A 68 34.37 20.89 41.79
CA TYR A 68 33.93 20.61 40.43
C TYR A 68 33.14 19.30 40.36
N LEU A 69 33.68 18.25 40.98
CA LEU A 69 33.03 16.94 40.91
C LEU A 69 31.74 16.93 41.72
N LYS A 70 31.77 17.50 42.93
CA LYS A 70 30.59 17.45 43.79
C LYS A 70 29.42 18.22 43.20
N SER A 71 29.70 19.39 42.59
CA SER A 71 28.63 20.18 42.01
C SER A 71 27.96 19.45 40.85
N VAL A 72 28.75 18.88 39.95
CA VAL A 72 28.16 18.18 38.81
C VAL A 72 27.44 16.92 39.25
N LEU A 73 27.96 16.21 40.25
CA LEU A 73 27.26 15.04 40.77
C LEU A 73 25.93 15.44 41.42
N ARG A 74 25.90 16.55 42.15
CA ARG A 74 24.64 17.03 42.74
C ARG A 74 23.64 17.38 41.66
N GLU A 75 24.10 18.08 40.61
CA GLU A 75 23.21 18.41 39.51
C GLU A 75 22.67 17.16 38.84
N LEU A 76 23.54 16.17 38.63
CA LEU A 76 23.11 14.93 37.99
C LEU A 76 22.07 14.20 38.83
N VAL A 77 22.29 14.12 40.14
CA VAL A 77 21.36 13.36 40.98
C VAL A 77 20.03 14.08 41.11
N THR A 78 20.04 15.42 41.22
CA THR A 78 18.77 16.13 41.29
C THR A 78 18.01 16.05 39.98
N TYR A 79 18.74 16.08 38.85
CA TYR A 79 18.09 15.88 37.56
C TYR A 79 17.51 14.48 37.42
N LEU A 80 18.22 13.47 37.93
CA LEU A 80 17.70 12.11 37.89
C LEU A 80 16.42 11.99 38.73
N LEU A 81 16.40 12.61 39.90
CA LEU A 81 15.18 12.60 40.71
C LEU A 81 14.03 13.29 39.99
N PHE A 82 14.30 14.45 39.38
CA PHE A 82 13.26 15.14 38.62
C PHE A 82 12.74 14.28 37.48
N LEU A 83 13.65 13.63 36.75
CA LEU A 83 13.25 12.81 35.61
C LEU A 83 12.41 11.61 36.05
N ILE A 84 12.81 10.95 37.14
CA ILE A 84 12.03 9.80 37.58
C ILE A 84 10.67 10.22 38.10
N VAL A 85 10.59 11.37 38.78
CA VAL A 85 9.29 11.87 39.24
C VAL A 85 8.38 12.16 38.05
N LEU A 86 8.93 12.82 37.02
CA LEU A 86 8.14 13.11 35.83
C LEU A 86 7.68 11.84 35.13
N CYS A 87 8.57 10.84 35.03
CA CYS A 87 8.21 9.58 34.38
C CYS A 87 7.12 8.86 35.17
N ILE A 88 7.20 8.86 36.50
CA ILE A 88 6.16 8.23 37.30
C ILE A 88 4.83 8.94 37.09
N LEU A 89 4.86 10.28 37.06
CA LEU A 89 3.63 11.04 36.85
C LEU A 89 3.00 10.70 35.51
N THR A 90 3.82 10.68 34.45
CA THR A 90 3.29 10.39 33.11
C THR A 90 2.76 8.96 33.02
N TYR A 91 3.47 8.00 33.62
CA TYR A 91 2.99 6.62 33.59
C TYR A 91 1.67 6.48 34.35
N GLY A 92 1.56 7.13 35.49
CA GLY A 92 0.33 7.08 36.27
C GLY A 92 -0.86 7.70 35.57
N MET A 93 -0.68 8.89 34.99
CA MET A 93 -1.79 9.57 34.34
C MET A 93 -2.24 8.87 33.06
N MET A 94 -1.32 8.25 32.32
CA MET A 94 -1.65 7.63 31.04
C MET A 94 -2.18 6.23 31.32
N SER A 95 -3.49 6.04 31.15
CA SER A 95 -4.11 4.75 31.39
C SER A 95 -3.80 3.79 30.25
N SER A 96 -4.11 2.51 30.47
CA SER A 96 -3.83 1.45 29.51
C SER A 96 -5.13 0.93 28.91
N ASN A 97 -5.02 0.43 27.68
CA ASN A 97 -6.14 -0.16 26.95
C ASN A 97 -7.30 0.83 26.82
N VAL A 98 -6.97 2.11 26.66
CA VAL A 98 -7.99 3.12 26.39
C VAL A 98 -8.36 3.15 24.92
N TYR A 99 -7.45 2.73 24.04
CA TYR A 99 -7.71 2.78 22.61
C TYR A 99 -8.92 1.97 22.20
N TYR A 100 -9.16 0.83 22.88
CA TYR A 100 -10.26 -0.04 22.47
C TYR A 100 -11.62 0.58 22.77
N TYR A 101 -11.71 1.42 23.80
CA TYR A 101 -12.96 2.11 24.11
C TYR A 101 -13.39 3.01 22.95
N THR A 102 -12.48 3.89 22.53
CA THR A 102 -12.78 4.76 21.40
C THR A 102 -12.92 3.98 20.10
N ARG A 103 -12.18 2.89 19.96
CA ARG A 103 -12.29 2.07 18.75
C ARG A 103 -13.68 1.45 18.65
N MET A 104 -14.21 0.94 19.76
CA MET A 104 -15.55 0.37 19.74
C MET A 104 -16.61 1.44 19.49
N MET A 105 -16.46 2.61 20.11
CA MET A 105 -17.40 3.70 19.85
C MET A 105 -17.39 4.09 18.38
N SER A 106 -16.21 4.26 17.80
CA SER A 106 -16.11 4.67 16.40
C SER A 106 -16.63 3.59 15.47
N GLN A 107 -16.35 2.31 15.78
CA GLN A 107 -16.89 1.24 14.96
C GLN A 107 -18.41 1.22 15.00
N LEU A 108 -18.99 1.44 16.18
CA LEU A 108 -20.44 1.42 16.30
C LEU A 108 -21.08 2.58 15.55
N PHE A 109 -20.48 3.77 15.62
CA PHE A 109 -21.15 4.97 15.12
C PHE A 109 -20.76 5.36 13.69
N LEU A 110 -19.63 4.91 13.18
CA LEU A 110 -19.14 5.35 11.88
C LEU A 110 -19.09 4.25 10.83
N ASP A 111 -19.16 2.98 11.22
CA ASP A 111 -19.00 1.89 10.27
C ASP A 111 -20.28 1.15 9.95
N THR A 112 -21.29 1.20 10.82
CA THR A 112 -22.55 0.54 10.53
C THR A 112 -23.26 1.25 9.39
N PRO A 113 -23.81 0.51 8.42
CA PRO A 113 -24.55 1.15 7.33
C PRO A 113 -25.76 1.92 7.85
N VAL A 114 -26.08 3.02 7.17
CA VAL A 114 -27.20 3.87 7.57
C VAL A 114 -28.53 3.13 7.47
N SER A 115 -28.61 2.08 6.66
CA SER A 115 -29.82 1.29 6.52
C SER A 115 -29.43 -0.14 6.21
N LYS A 116 -30.36 -1.06 6.43
CA LYS A 116 -30.09 -2.48 6.17
C LYS A 116 -29.91 -2.74 4.68
N THR A 117 -30.73 -2.10 3.83
CA THR A 117 -30.60 -2.30 2.40
C THR A 117 -29.42 -1.53 1.82
N GLU A 118 -29.12 -0.36 2.38
CA GLU A 118 -28.04 0.47 1.87
C GLU A 118 -26.70 0.01 2.44
N LYS A 119 -25.62 0.42 1.77
CA LYS A 119 -24.27 0.15 2.21
C LYS A 119 -23.50 1.42 2.55
N THR A 120 -24.19 2.55 2.67
CA THR A 120 -23.54 3.82 2.99
C THR A 120 -23.44 3.99 4.50
N ASN A 121 -22.28 4.50 4.95
CA ASN A 121 -22.04 4.76 6.36
C ASN A 121 -21.70 6.24 6.54
N PHE A 122 -21.43 6.62 7.80
CA PHE A 122 -21.12 8.01 8.09
C PHE A 122 -19.80 8.45 7.47
N LYS A 123 -18.81 7.56 7.43
CA LYS A 123 -17.48 7.94 6.94
C LYS A 123 -17.52 8.36 5.48
N THR A 124 -18.50 7.88 4.72
CA THR A 124 -18.66 8.23 3.30
C THR A 124 -20.09 8.70 3.08
N LEU A 125 -20.33 9.98 3.31
CA LEU A 125 -21.63 10.60 3.06
C LEU A 125 -21.55 11.47 1.80
N SER A 126 -22.69 11.59 1.12
CA SER A 126 -22.71 12.24 -0.19
C SER A 126 -23.74 13.35 -0.35
N SER A 127 -24.86 13.32 0.37
CA SER A 127 -25.92 14.29 0.15
C SER A 127 -26.77 14.40 1.41
N MET A 128 -27.73 15.33 1.37
CA MET A 128 -28.62 15.55 2.50
C MET A 128 -29.56 14.37 2.72
N GLU A 129 -29.92 13.65 1.65
CA GLU A 129 -30.75 12.45 1.82
C GLU A 129 -30.00 11.40 2.64
N ASP A 130 -28.72 11.22 2.37
CA ASP A 130 -27.92 10.28 3.17
C ASP A 130 -27.85 10.72 4.63
N PHE A 131 -27.68 12.02 4.86
CA PHE A 131 -27.64 12.52 6.23
C PHE A 131 -28.96 12.29 6.95
N TRP A 132 -30.08 12.52 6.27
CA TRP A 132 -31.38 12.27 6.88
C TRP A 132 -31.58 10.78 7.16
N LYS A 133 -31.12 9.92 6.25
CA LYS A 133 -31.22 8.48 6.48
C LYS A 133 -30.37 8.06 7.67
N PHE A 134 -29.19 8.66 7.83
CA PHE A 134 -28.33 8.33 8.96
C PHE A 134 -28.91 8.83 10.28
N THR A 135 -29.49 10.03 10.28
CA THR A 135 -29.96 10.63 11.53
C THR A 135 -31.08 9.82 12.16
N GLU A 136 -32.03 9.33 11.36
CA GLU A 136 -33.12 8.51 11.85
C GLU A 136 -32.86 7.02 11.66
N GLY A 137 -31.67 6.65 11.20
CA GLY A 137 -31.33 5.26 10.97
C GLY A 137 -30.26 4.73 11.91
N SER A 138 -29.03 4.68 11.41
CA SER A 138 -27.94 4.08 12.18
C SER A 138 -27.66 4.86 13.47
N LEU A 139 -27.94 6.15 13.49
CA LEU A 139 -27.68 6.94 14.70
C LEU A 139 -28.62 6.53 15.83
N LEU A 140 -29.92 6.38 15.53
CA LEU A 140 -30.87 6.00 16.56
C LEU A 140 -30.67 4.54 16.99
N ASP A 141 -30.28 3.66 16.06
CA ASP A 141 -30.07 2.26 16.41
C ASP A 141 -28.89 2.10 17.36
N GLY A 142 -27.80 2.82 17.12
CA GLY A 142 -26.60 2.71 17.91
C GLY A 142 -26.55 3.59 19.14
N LEU A 143 -27.62 4.31 19.46
CA LEU A 143 -27.65 5.22 20.60
C LEU A 143 -28.63 4.79 21.67
N TYR A 144 -29.78 4.25 21.29
CA TYR A 144 -30.81 3.81 22.24
C TYR A 144 -30.86 2.29 22.23
N TRP A 145 -30.34 1.67 23.29
CA TRP A 145 -30.38 0.22 23.42
C TRP A 145 -31.58 -0.17 24.26
N LYS A 146 -32.27 -1.23 23.83
CA LYS A 146 -33.63 -1.53 24.28
C LYS A 146 -33.71 -1.76 25.80
N MET A 147 -33.06 -2.81 26.30
CA MET A 147 -32.95 -3.08 27.74
C MET A 147 -32.08 -4.32 27.91
N GLN A 148 -31.45 -4.41 29.09
CA GLN A 148 -30.36 -5.38 29.25
C GLN A 148 -30.85 -6.81 29.35
N PRO A 149 -31.68 -7.21 30.34
CA PRO A 149 -32.06 -8.62 30.30
C PRO A 149 -33.17 -8.91 29.29
N ASP A 156 -36.87 0.49 33.18
CA ASP A 156 -36.15 1.76 33.21
C ASP A 156 -35.73 2.19 31.81
N ASN A 157 -35.40 3.47 31.65
CA ASN A 157 -34.97 4.05 30.38
C ASN A 157 -33.65 4.79 30.54
N ARG A 158 -32.54 4.06 30.42
CA ARG A 158 -31.23 4.67 30.57
C ARG A 158 -30.23 4.31 29.47
N SER A 159 -30.53 3.34 28.61
CA SER A 159 -29.82 3.15 27.34
C SER A 159 -28.32 2.92 27.57
N PHE A 160 -28.02 1.77 28.18
CA PHE A 160 -26.64 1.34 28.34
C PHE A 160 -26.10 0.87 26.99
N ILE A 161 -25.32 1.72 26.32
CA ILE A 161 -24.72 1.35 25.05
C ILE A 161 -23.70 0.25 25.29
N PHE A 162 -23.79 -0.82 24.49
CA PHE A 162 -22.95 -2.01 24.64
C PHE A 162 -23.11 -2.66 26.00
N TYR A 163 -24.13 -2.25 26.76
CA TYR A 163 -24.49 -2.71 28.10
C TYR A 163 -23.61 -2.14 29.21
N GLU A 164 -22.63 -1.28 28.89
CA GLU A 164 -21.82 -0.67 29.94
C GLU A 164 -21.45 0.79 29.67
N ASN A 165 -22.30 1.58 29.01
CA ASN A 165 -21.89 2.94 28.67
C ASN A 165 -22.79 4.03 29.23
N LEU A 166 -24.10 3.81 29.38
CA LEU A 166 -24.97 4.73 30.11
C LEU A 166 -24.91 6.14 29.51
N LEU A 167 -25.46 6.25 28.31
CA LEU A 167 -25.62 7.55 27.66
C LEU A 167 -26.14 8.60 28.64
N LEU A 168 -25.38 9.68 28.80
CA LEU A 168 -25.64 10.67 29.83
C LEU A 168 -26.53 11.77 29.26
N GLY A 169 -27.64 12.05 29.93
CA GLY A 169 -28.52 13.13 29.52
C GLY A 169 -29.17 12.85 28.18
N VAL A 170 -29.29 13.89 27.37
CA VAL A 170 -29.90 13.79 26.04
C VAL A 170 -28.94 14.36 25.02
N PRO A 171 -28.98 13.89 23.77
CA PRO A 171 -28.13 14.48 22.73
C PRO A 171 -28.70 15.80 22.21
N ARG A 172 -27.85 16.53 21.49
CA ARG A 172 -28.21 17.84 20.96
C ARG A 172 -27.74 17.95 19.52
N ILE A 173 -28.56 18.57 18.67
CA ILE A 173 -28.24 18.79 17.27
C ILE A 173 -28.35 20.28 16.97
N ARG A 174 -27.35 20.83 16.29
CA ARG A 174 -27.26 22.26 16.03
C ARG A 174 -26.79 22.50 14.60
N GLN A 175 -27.26 23.59 14.00
CA GLN A 175 -26.88 23.95 12.63
C GLN A 175 -26.49 25.41 12.54
N LEU A 176 -25.79 25.76 11.47
CA LEU A 176 -25.36 27.12 11.17
C LEU A 176 -25.83 27.47 9.77
N ARG A 177 -26.34 28.69 9.61
CA ARG A 177 -26.93 29.12 8.34
C ARG A 177 -26.27 30.42 7.89
N VAL A 178 -26.49 30.75 6.61
CA VAL A 178 -26.00 32.01 6.05
C VAL A 178 -27.17 32.76 5.45
N ARG A 179 -26.94 34.02 5.07
CA ARG A 179 -28.00 34.89 4.57
C ARG A 179 -28.16 34.75 3.07
N ASN A 180 -29.41 34.77 2.61
CA ASN A 180 -29.67 34.85 1.18
C ASN A 180 -29.34 36.23 0.65
N GLY A 181 -28.78 36.29 -0.55
CA GLY A 181 -28.40 37.57 -1.13
C GLY A 181 -27.13 38.15 -0.58
N SER A 182 -26.28 37.33 0.02
CA SER A 182 -24.98 37.77 0.51
C SER A 182 -23.89 37.68 -0.55
N CYS A 183 -24.27 37.64 -1.82
CA CYS A 183 -23.35 37.52 -2.94
C CYS A 183 -23.34 38.79 -3.77
N SER A 184 -22.61 38.73 -4.89
CA SER A 184 -22.66 39.76 -5.93
C SER A 184 -22.83 39.02 -7.25
N ILE A 185 -24.08 38.73 -7.61
CA ILE A 185 -24.34 37.95 -8.83
C ILE A 185 -24.02 38.81 -10.05
N PRO A 186 -23.32 38.29 -11.05
CA PRO A 186 -23.04 39.08 -12.25
C PRO A 186 -24.34 39.49 -12.95
N GLN A 187 -24.32 40.69 -13.54
CA GLN A 187 -25.50 41.20 -14.22
C GLN A 187 -25.86 40.37 -15.45
N ASP A 188 -24.90 39.65 -16.03
CA ASP A 188 -25.20 38.78 -17.15
C ASP A 188 -26.11 37.63 -16.73
N LEU A 189 -25.77 36.96 -15.63
CA LEU A 189 -26.57 35.87 -15.11
C LEU A 189 -27.56 36.37 -14.08
N ARG A 190 -28.36 37.37 -14.43
CA ARG A 190 -29.30 37.97 -13.49
C ARG A 190 -30.74 37.53 -13.72
N ASP A 191 -31.03 36.89 -14.86
CA ASP A 191 -32.38 36.43 -15.15
C ASP A 191 -32.62 34.96 -14.84
N GLU A 192 -31.57 34.14 -14.86
CA GLU A 192 -31.70 32.72 -14.59
C GLU A 192 -31.50 32.34 -13.13
N ILE A 193 -30.67 33.08 -12.40
CA ILE A 193 -30.39 32.81 -11.00
C ILE A 193 -30.82 34.02 -10.17
N LYS A 194 -31.58 33.76 -9.10
CA LYS A 194 -32.07 34.81 -8.23
C LYS A 194 -31.76 34.60 -6.76
N GLU A 195 -31.15 33.47 -6.38
CA GLU A 195 -30.69 33.26 -5.01
C GLU A 195 -29.19 32.97 -5.02
N CYS A 196 -28.49 33.42 -3.98
CA CYS A 196 -27.10 33.08 -3.79
C CYS A 196 -26.80 33.01 -2.30
N TYR A 197 -25.77 32.24 -1.97
CA TYR A 197 -25.36 32.04 -0.57
C TYR A 197 -23.85 31.97 -0.54
N ASP A 198 -23.22 32.88 0.20
CA ASP A 198 -21.77 32.90 0.29
C ASP A 198 -21.28 31.74 1.15
N VAL A 199 -19.96 31.55 1.16
CA VAL A 199 -19.33 30.56 2.03
C VAL A 199 -19.46 31.03 3.47
N TYR A 200 -19.22 30.15 4.43
CA TYR A 200 -19.44 30.49 5.83
C TYR A 200 -18.47 31.55 6.30
N SER A 201 -18.99 32.52 7.03
CA SER A 201 -18.19 33.57 7.66
C SER A 201 -19.05 34.24 8.72
N VAL A 202 -18.39 34.93 9.65
CA VAL A 202 -19.12 35.64 10.70
C VAL A 202 -19.98 36.75 10.13
N SER A 203 -19.50 37.43 9.08
CA SER A 203 -20.28 38.50 8.46
C SER A 203 -21.48 38.01 7.69
N SER A 204 -21.43 36.79 7.14
CA SER A 204 -22.51 36.25 6.34
C SER A 204 -23.49 35.39 7.15
N GLU A 205 -23.28 35.27 8.45
CA GLU A 205 -24.10 34.38 9.26
C GLU A 205 -25.52 34.91 9.38
N ASP A 206 -26.48 33.98 9.37
CA ASP A 206 -27.90 34.32 9.46
C ASP A 206 -28.34 34.35 10.92
N ARG A 207 -29.19 35.33 11.25
CA ARG A 207 -29.67 35.49 12.63
C ARG A 207 -31.18 35.70 12.69
N ALA A 208 -31.92 35.30 11.67
CA ALA A 208 -33.36 35.52 11.65
C ALA A 208 -34.11 34.20 11.75
N PRO A 209 -35.32 34.20 12.32
CA PRO A 209 -36.12 32.98 12.37
C PRO A 209 -36.60 32.58 10.98
N PHE A 210 -36.89 31.29 10.85
CA PHE A 210 -37.35 30.75 9.57
C PHE A 210 -38.30 29.59 9.84
N GLY A 211 -39.16 29.32 8.86
CA GLY A 211 -40.14 28.26 8.98
C GLY A 211 -41.13 28.53 10.08
N PRO A 212 -41.81 27.48 10.53
CA PRO A 212 -42.68 27.63 11.71
C PRO A 212 -41.85 27.81 12.97
N ARG A 213 -41.92 28.99 13.59
CA ARG A 213 -41.03 29.33 14.69
C ARG A 213 -41.17 28.34 15.84
N ASN A 214 -42.32 28.38 16.51
CA ASN A 214 -42.83 27.33 17.39
C ASN A 214 -41.75 26.57 18.17
N GLY A 215 -40.82 27.28 18.80
CA GLY A 215 -39.83 26.62 19.60
C GLY A 215 -38.45 27.20 19.36
N THR A 216 -37.43 26.44 19.78
CA THR A 216 -36.05 26.90 19.77
C THR A 216 -35.24 26.34 18.61
N ALA A 217 -35.78 25.41 17.83
CA ALA A 217 -35.07 24.89 16.67
C ALA A 217 -35.17 25.81 15.46
N TRP A 218 -35.97 26.89 15.56
CA TRP A 218 -36.18 27.81 14.45
C TRP A 218 -35.87 29.25 14.84
N ILE A 219 -35.16 29.45 15.95
CA ILE A 219 -34.84 30.78 16.45
C ILE A 219 -33.36 30.83 16.78
N TYR A 220 -32.68 31.87 16.33
CA TYR A 220 -31.25 32.01 16.58
C TYR A 220 -30.98 32.20 18.06
N THR A 221 -29.92 31.55 18.55
CA THR A 221 -29.48 31.67 19.93
C THR A 221 -28.01 32.08 19.93
N SER A 222 -27.69 33.10 20.71
CA SER A 222 -26.34 33.65 20.70
C SER A 222 -25.35 32.69 21.36
N GLU A 223 -24.07 32.96 21.16
CA GLU A 223 -23.02 32.16 21.77
C GLU A 223 -22.96 32.31 23.29
N LYS A 224 -23.38 33.45 23.83
CA LYS A 224 -23.38 33.61 25.27
C LYS A 224 -24.53 32.85 25.92
N ASP A 225 -25.72 32.87 25.30
CA ASP A 225 -26.83 32.10 25.84
C ASP A 225 -26.60 30.61 25.67
N LEU A 226 -26.09 30.20 24.51
CA LEU A 226 -25.79 28.80 24.24
C LEU A 226 -24.33 28.52 24.61
N ASN A 227 -24.14 27.87 25.76
CA ASN A 227 -22.81 27.69 26.35
C ASN A 227 -21.95 26.87 25.39
N GLY A 228 -21.00 27.52 24.75
CA GLY A 228 -20.15 26.83 23.81
C GLY A 228 -19.08 27.75 23.26
N SER A 229 -18.20 27.17 22.46
CA SER A 229 -17.08 27.89 21.86
C SER A 229 -16.94 27.47 20.41
N SER A 230 -15.99 28.09 19.72
CA SER A 230 -15.78 27.81 18.31
C SER A 230 -15.10 26.47 18.10
N HIS A 231 -15.35 25.89 16.93
CA HIS A 231 -14.74 24.62 16.54
C HIS A 231 -14.07 24.79 15.19
N TRP A 232 -12.90 24.17 15.04
CA TRP A 232 -12.06 24.32 13.86
C TRP A 232 -12.30 23.12 12.96
N GLY A 233 -13.20 23.29 11.99
CA GLY A 233 -13.56 22.22 11.07
C GLY A 233 -12.59 22.10 9.91
N ILE A 234 -13.02 21.36 8.89
CA ILE A 234 -12.18 21.10 7.72
C ILE A 234 -12.17 22.28 6.76
N ILE A 235 -13.34 22.84 6.47
CA ILE A 235 -13.41 23.94 5.50
C ILE A 235 -13.10 25.26 6.17
N ALA A 236 -13.74 25.56 7.30
CA ALA A 236 -13.58 26.84 7.97
C ALA A 236 -13.71 26.63 9.47
N THR A 237 -13.74 27.74 10.21
CA THR A 237 -13.94 27.73 11.64
C THR A 237 -15.34 28.26 11.94
N TYR A 238 -16.10 27.51 12.74
CA TYR A 238 -17.50 27.81 12.99
C TYR A 238 -17.68 28.46 14.35
N SER A 239 -18.64 29.39 14.41
CA SER A 239 -18.76 30.29 15.56
C SER A 239 -19.07 29.53 16.84
N GLY A 240 -20.11 28.70 16.83
CA GLY A 240 -20.57 28.00 18.02
C GLY A 240 -21.97 28.35 18.45
N ALA A 241 -22.64 29.28 17.78
CA ALA A 241 -24.03 29.61 18.03
C ALA A 241 -24.89 28.95 16.95
N GLY A 242 -26.18 29.29 16.92
CA GLY A 242 -27.03 28.82 15.86
C GLY A 242 -28.35 28.32 16.38
N TYR A 243 -28.97 27.44 15.59
CA TYR A 243 -30.28 26.88 15.88
C TYR A 243 -30.09 25.46 16.38
N TYR A 244 -30.46 25.21 17.63
CA TYR A 244 -30.23 23.93 18.26
C TYR A 244 -31.55 23.28 18.66
N LEU A 245 -31.49 21.98 18.90
CA LEU A 245 -32.64 21.23 19.40
C LEU A 245 -32.13 20.11 20.30
N ASP A 246 -32.73 19.97 21.47
CA ASP A 246 -32.38 18.92 22.43
C ASP A 246 -33.29 17.73 22.18
N LEU A 247 -32.69 16.59 21.85
CA LEU A 247 -33.46 15.39 21.59
C LEU A 247 -33.96 14.79 22.90
N SER A 248 -34.61 13.64 22.81
CA SER A 248 -35.29 13.04 23.95
C SER A 248 -34.44 11.91 24.55
N ARG A 249 -34.93 11.33 25.64
CA ARG A 249 -34.23 10.27 26.34
C ARG A 249 -34.62 8.87 25.86
N THR A 250 -35.60 8.76 24.97
CA THR A 250 -36.07 7.48 24.47
C THR A 250 -36.03 7.48 22.95
N ARG A 251 -36.22 6.30 22.36
CA ARG A 251 -36.14 6.15 20.92
C ARG A 251 -37.35 6.75 20.21
N GLU A 252 -38.54 6.52 20.76
CA GLU A 252 -39.77 6.92 20.06
C GLU A 252 -39.89 8.44 19.95
N GLU A 253 -39.69 9.14 21.07
CA GLU A 253 -39.82 10.59 21.06
C GLU A 253 -38.74 11.24 20.20
N THR A 254 -37.51 10.74 20.27
CA THR A 254 -36.45 11.27 19.44
C THR A 254 -36.73 11.04 17.96
N ALA A 255 -37.24 9.85 17.61
CA ALA A 255 -37.58 9.58 16.22
C ALA A 255 -38.70 10.51 15.75
N ALA A 256 -39.70 10.75 16.60
CA ALA A 256 -40.78 11.66 16.24
C ALA A 256 -40.25 13.08 16.03
N GLN A 257 -39.34 13.53 16.90
CA GLN A 257 -38.78 14.86 16.76
C GLN A 257 -37.96 14.99 15.47
N VAL A 258 -37.17 13.96 15.14
CA VAL A 258 -36.39 14.00 13.91
C VAL A 258 -37.30 13.97 12.69
N ALA A 259 -38.40 13.20 12.74
CA ALA A 259 -39.34 13.18 11.64
C ALA A 259 -40.01 14.54 11.47
N SER A 260 -40.36 15.20 12.58
CA SER A 260 -40.94 16.53 12.49
C SER A 260 -39.95 17.54 11.92
N LEU A 261 -38.66 17.42 12.29
CA LEU A 261 -37.65 18.28 11.70
C LEU A 261 -37.51 18.02 10.19
N LYS A 262 -37.59 16.76 9.78
CA LYS A 262 -37.47 16.43 8.36
C LYS A 262 -38.66 16.95 7.57
N LYS A 263 -39.87 16.84 8.12
CA LYS A 263 -41.07 17.26 7.42
C LYS A 263 -41.05 18.75 7.12
N ASN A 264 -41.06 19.56 8.17
CA ASN A 264 -40.89 21.01 8.03
C ASN A 264 -39.43 21.26 7.72
N VAL A 265 -39.12 21.55 6.45
CA VAL A 265 -37.74 21.55 5.97
C VAL A 265 -36.84 22.41 6.84
N TRP A 266 -35.83 21.78 7.44
CA TRP A 266 -34.94 22.42 8.39
C TRP A 266 -33.53 22.62 7.83
N LEU A 267 -33.08 21.69 7.00
CA LEU A 267 -31.85 21.84 6.22
C LEU A 267 -32.25 22.17 4.79
N ASP A 268 -32.08 23.44 4.39
CA ASP A 268 -32.53 23.84 3.05
C ASP A 268 -31.61 24.95 2.53
N ARG A 269 -30.56 24.55 1.83
CA ARG A 269 -29.83 25.41 0.90
C ARG A 269 -29.11 26.56 1.59
N GLY A 270 -29.31 26.71 2.89
CA GLY A 270 -28.66 27.77 3.64
C GLY A 270 -27.77 27.22 4.73
N THR A 271 -27.97 25.94 5.05
CA THR A 271 -27.18 25.28 6.09
C THR A 271 -25.74 25.15 5.64
N ARG A 272 -24.81 25.46 6.54
CA ARG A 272 -23.39 25.33 6.26
C ARG A 272 -22.67 24.38 7.19
N ALA A 273 -23.29 23.94 8.28
CA ALA A 273 -22.69 23.00 9.20
C ALA A 273 -23.78 22.39 10.07
N THR A 274 -23.49 21.22 10.62
CA THR A 274 -24.41 20.52 11.51
C THR A 274 -23.61 19.71 12.52
N PHE A 275 -23.95 19.86 13.79
CA PHE A 275 -23.24 19.18 14.88
C PHE A 275 -24.17 18.24 15.62
N ILE A 276 -23.61 17.13 16.09
CA ILE A 276 -24.32 16.17 16.94
C ILE A 276 -23.44 15.89 18.15
N ASP A 277 -24.00 16.02 19.34
CA ASP A 277 -23.24 15.92 20.59
C ASP A 277 -23.94 14.99 21.57
N PHE A 278 -23.14 14.18 22.27
CA PHE A 278 -23.62 13.36 23.37
C PHE A 278 -22.41 12.86 24.15
N SER A 279 -22.68 12.18 25.26
CA SER A 279 -21.61 11.68 26.12
C SER A 279 -22.05 10.39 26.79
N VAL A 280 -21.06 9.57 27.15
CA VAL A 280 -21.29 8.30 27.84
C VAL A 280 -20.30 8.18 28.98
N TYR A 281 -20.63 7.30 29.93
CA TYR A 281 -19.80 7.07 31.11
C TYR A 281 -19.70 5.57 31.37
N ASN A 282 -18.48 5.04 31.32
CA ASN A 282 -18.24 3.62 31.56
C ASN A 282 -17.90 3.41 33.03
N ALA A 283 -18.66 2.54 33.69
CA ALA A 283 -18.49 2.32 35.12
C ALA A 283 -17.35 1.36 35.45
N ASN A 284 -17.07 0.39 34.57
CA ASN A 284 -16.01 -0.57 34.84
C ASN A 284 -14.65 0.11 34.95
N ILE A 285 -14.37 1.07 34.08
CA ILE A 285 -13.22 1.95 34.22
C ILE A 285 -13.73 3.39 34.15
N ASN A 286 -13.55 4.15 35.22
CA ASN A 286 -14.22 5.45 35.27
C ASN A 286 -13.67 6.44 34.25
N LEU A 287 -14.36 6.52 33.11
CA LEU A 287 -13.94 7.36 32.01
C LEU A 287 -15.18 7.88 31.30
N PHE A 288 -15.18 9.17 30.97
CA PHE A 288 -16.22 9.74 30.13
C PHE A 288 -15.75 9.75 28.68
N CYS A 289 -16.71 9.87 27.77
CA CYS A 289 -16.41 9.97 26.34
C CYS A 289 -17.33 10.99 25.72
N VAL A 290 -16.76 12.04 25.13
CA VAL A 290 -17.52 13.06 24.45
C VAL A 290 -17.41 12.83 22.94
N VAL A 291 -18.55 12.70 22.28
CA VAL A 291 -18.63 12.44 20.86
C VAL A 291 -19.22 13.68 20.19
N ARG A 292 -18.53 14.18 19.16
CA ARG A 292 -19.00 15.33 18.38
C ARG A 292 -18.90 14.95 16.92
N LEU A 293 -20.04 14.92 16.24
CA LEU A 293 -20.12 14.58 14.83
C LEU A 293 -20.44 15.83 14.01
N LEU A 294 -19.55 16.16 13.08
CA LEU A 294 -19.69 17.37 12.29
C LEU A 294 -19.87 17.02 10.82
N VAL A 295 -20.88 17.60 10.20
CA VAL A 295 -21.13 17.44 8.77
C VAL A 295 -21.17 18.83 8.14
N GLU A 296 -20.28 19.08 7.20
CA GLU A 296 -20.14 20.38 6.57
C GLU A 296 -20.80 20.40 5.20
N PHE A 297 -21.50 21.50 4.91
CA PHE A 297 -22.18 21.66 3.63
C PHE A 297 -21.51 22.79 2.85
N PRO A 298 -20.60 22.48 1.93
CA PRO A 298 -19.93 23.55 1.18
C PRO A 298 -20.89 24.24 0.23
N ALA A 299 -20.50 25.46 -0.17
CA ALA A 299 -21.29 26.22 -1.13
C ALA A 299 -21.34 25.55 -2.50
N THR A 300 -20.42 24.65 -2.80
CA THR A 300 -20.39 23.92 -4.05
C THR A 300 -21.40 22.78 -4.11
N GLY A 301 -21.64 22.11 -3.00
CA GLY A 301 -22.57 20.99 -2.94
C GLY A 301 -21.95 19.82 -2.21
N GLY A 302 -22.80 18.89 -1.80
CA GLY A 302 -22.35 17.71 -1.10
C GLY A 302 -22.11 17.97 0.38
N VAL A 303 -21.55 16.96 1.05
CA VAL A 303 -21.26 17.02 2.48
C VAL A 303 -19.86 16.48 2.73
N ILE A 304 -19.30 16.87 3.86
CA ILE A 304 -17.99 16.40 4.31
C ILE A 304 -18.08 15.96 5.76
N PRO A 305 -18.09 14.66 6.05
CA PRO A 305 -18.21 14.19 7.43
C PRO A 305 -16.92 14.38 8.23
N SER A 306 -17.05 14.60 9.54
CA SER A 306 -15.92 14.76 10.46
C SER A 306 -16.39 14.34 11.84
N TRP A 307 -15.53 13.60 12.56
CA TRP A 307 -15.87 13.10 13.88
C TRP A 307 -14.76 13.40 14.87
N GLN A 308 -15.05 13.18 16.16
CA GLN A 308 -14.06 13.36 17.21
C GLN A 308 -14.51 12.57 18.44
N PHE A 309 -13.72 11.58 18.84
CA PHE A 309 -13.95 10.83 20.07
C PHE A 309 -12.83 11.13 21.06
N GLN A 310 -13.20 11.57 22.26
CA GLN A 310 -12.20 11.95 23.24
C GLN A 310 -12.57 11.47 24.64
N PRO A 311 -11.77 10.59 25.23
CA PRO A 311 -12.06 10.15 26.60
C PRO A 311 -11.72 11.22 27.63
N LEU A 312 -12.39 11.13 28.77
CA LEU A 312 -12.25 12.08 29.86
C LEU A 312 -12.08 11.35 31.18
N LYS A 313 -11.43 12.01 32.13
CA LYS A 313 -11.28 11.49 33.49
C LYS A 313 -11.58 12.62 34.45
N LEU A 314 -12.85 12.72 34.87
CA LEU A 314 -13.31 13.79 35.75
C LEU A 314 -13.18 13.42 37.22
N ILE A 315 -13.62 12.21 37.59
CA ILE A 315 -13.58 11.80 38.99
C ILE A 315 -12.19 11.25 39.31
N ARG A 316 -11.53 11.86 40.28
CA ARG A 316 -10.22 11.42 40.74
C ARG A 316 -10.27 11.14 42.24
N TYR A 317 -9.12 10.75 42.79
CA TYR A 317 -8.98 10.39 44.20
C TYR A 317 -9.92 9.24 44.56
N VAL A 318 -9.90 8.19 43.74
CA VAL A 318 -10.71 7.01 43.97
C VAL A 318 -9.91 5.84 44.54
N THR A 319 -8.62 5.72 44.18
CA THR A 319 -7.76 4.68 44.72
C THR A 319 -6.54 5.31 45.37
N THR A 320 -5.80 4.50 46.13
CA THR A 320 -4.59 4.98 46.80
C THR A 320 -3.56 5.48 45.78
N PHE A 321 -3.52 4.84 44.61
CA PHE A 321 -2.59 5.28 43.57
C PHE A 321 -2.85 6.72 43.15
N ASP A 322 -4.11 7.16 43.22
CA ASP A 322 -4.43 8.56 42.91
C ASP A 322 -3.77 9.50 43.91
N PHE A 323 -3.83 9.17 45.21
CA PHE A 323 -3.16 10.01 46.20
C PHE A 323 -1.65 9.96 46.05
N PHE A 324 -1.11 8.80 45.66
CA PHE A 324 0.31 8.72 45.38
C PHE A 324 0.70 9.63 44.22
N LEU A 325 -0.14 9.65 43.17
CA LEU A 325 0.10 10.56 42.05
C LEU A 325 -0.02 12.02 42.46
N ALA A 326 -0.94 12.33 43.38
CA ALA A 326 -1.03 13.69 43.89
C ALA A 326 0.24 14.09 44.64
N ALA A 327 0.79 13.17 45.44
CA ALA A 327 2.06 13.42 46.11
C ALA A 327 3.18 13.61 45.10
N CYS A 328 3.19 12.81 44.04
CA CYS A 328 4.18 13.00 42.98
C CYS A 328 4.04 14.36 42.31
N GLU A 329 2.80 14.81 42.07
CA GLU A 329 2.59 16.10 41.44
C GLU A 329 3.08 17.24 42.33
N ILE A 330 2.81 17.14 43.64
CA ILE A 330 3.23 18.23 44.52
C ILE A 330 4.75 18.25 44.66
N ILE A 331 5.38 17.08 44.81
CA ILE A 331 6.84 17.11 44.89
C ILE A 331 7.42 17.57 43.55
N PHE A 332 6.76 17.28 42.43
CA PHE A 332 7.19 17.79 41.14
C PHE A 332 7.14 19.31 41.09
N CYS A 333 6.09 19.92 41.65
CA CYS A 333 6.06 21.38 41.64
C CYS A 333 7.11 21.95 42.59
N PHE A 334 7.46 21.23 43.66
CA PHE A 334 8.61 21.66 44.46
C PHE A 334 9.90 21.64 43.63
N PHE A 335 10.12 20.57 42.86
CA PHE A 335 11.31 20.54 41.99
C PHE A 335 11.28 21.68 40.98
N ILE A 336 10.11 21.98 40.41
CA ILE A 336 10.02 23.06 39.44
C ILE A 336 10.36 24.40 40.09
N PHE A 337 9.84 24.64 41.29
CA PHE A 337 10.16 25.87 42.01
C PHE A 337 11.65 25.94 42.33
N TYR A 338 12.24 24.82 42.73
CA TYR A 338 13.66 24.80 43.07
C TYR A 338 14.51 25.11 41.85
N TYR A 339 14.18 24.51 40.70
CA TYR A 339 14.91 24.81 39.47
C TYR A 339 14.76 26.27 39.06
N VAL A 340 13.55 26.82 39.14
CA VAL A 340 13.36 28.19 38.67
C VAL A 340 14.08 29.17 39.61
N VAL A 341 14.06 28.89 40.92
CA VAL A 341 14.72 29.80 41.85
C VAL A 341 16.24 29.71 41.72
N GLU A 342 16.77 28.50 41.49
CA GLU A 342 18.22 28.37 41.35
C GLU A 342 18.69 28.84 39.98
N GLU A 343 17.78 28.95 39.02
CA GLU A 343 18.09 29.45 37.69
C GLU A 343 17.94 30.96 37.56
N ILE A 344 17.08 31.57 38.37
CA ILE A 344 16.86 33.01 38.22
C ILE A 344 17.91 33.83 38.97
N LEU A 345 18.55 33.26 39.99
CA LEU A 345 19.61 33.99 40.68
C LEU A 345 20.97 33.84 39.99
N GLU A 346 21.08 32.91 39.06
CA GLU A 346 22.34 32.66 38.35
C GLU A 346 22.44 33.47 37.07
N ILE A 347 21.35 34.13 36.66
CA ILE A 347 21.35 34.98 35.47
C ILE A 347 21.70 36.40 35.91
N ARG A 348 22.25 36.51 37.11
CA ARG A 348 22.63 37.80 37.70
C ARG A 348 23.93 38.28 37.06
N ILE A 349 24.58 39.28 37.69
CA ILE A 349 25.77 39.90 37.12
C ILE A 349 26.81 38.84 36.74
N HIS A 350 26.88 37.74 37.49
CA HIS A 350 27.76 36.64 37.12
C HIS A 350 27.08 35.79 36.05
N LYS A 351 27.82 35.44 35.01
CA LYS A 351 27.29 34.70 33.86
C LYS A 351 26.09 35.42 33.26
N LEU A 352 26.20 36.74 33.13
CA LEU A 352 25.10 37.52 32.58
C LEU A 352 24.85 37.19 31.11
N HIS A 353 25.86 36.67 30.42
CA HIS A 353 25.70 36.17 29.05
C HIS A 353 25.14 34.76 29.07
N TYR A 354 23.87 34.68 29.48
CA TYR A 354 23.19 33.42 29.76
C TYR A 354 22.59 32.75 28.53
N PHE A 355 22.53 33.43 27.39
CA PHE A 355 21.75 32.99 26.25
C PHE A 355 22.57 32.22 25.22
N ARG A 356 23.55 31.44 25.67
CA ARG A 356 24.37 30.65 24.74
C ARG A 356 24.50 29.21 25.21
N SER A 357 25.34 28.44 24.51
CA SER A 357 25.70 27.05 24.84
C SER A 357 24.54 26.08 24.63
N PHE A 358 23.35 26.60 24.30
CA PHE A 358 22.20 25.80 23.88
C PHE A 358 21.67 24.92 25.01
N TRP A 359 22.36 24.89 26.14
CA TRP A 359 21.91 24.17 27.33
C TRP A 359 21.30 25.10 28.36
N ASN A 360 21.91 26.26 28.57
CA ASN A 360 21.35 27.25 29.47
C ASN A 360 20.08 27.86 28.91
N CYS A 361 19.93 27.89 27.58
CA CYS A 361 18.75 28.47 26.96
C CYS A 361 17.56 27.51 26.95
N LEU A 362 17.79 26.22 27.18
CA LEU A 362 16.71 25.24 27.19
C LEU A 362 16.06 25.10 28.57
N ASP A 363 16.81 25.37 29.63
CA ASP A 363 16.28 25.30 30.99
C ASP A 363 15.21 26.33 31.25
N VAL A 364 15.10 27.38 30.46
CA VAL A 364 13.99 28.32 30.57
C VAL A 364 12.76 27.82 29.82
N VAL A 365 12.96 27.13 28.70
CA VAL A 365 11.84 26.48 28.01
C VAL A 365 11.23 25.41 28.91
N ILE A 366 12.08 24.65 29.60
CA ILE A 366 11.58 23.63 30.51
C ILE A 366 10.69 24.24 31.58
N VAL A 367 11.15 25.31 32.22
CA VAL A 367 10.38 25.90 33.32
C VAL A 367 9.13 26.59 32.79
N VAL A 368 9.18 27.21 31.61
CA VAL A 368 7.98 27.83 31.05
C VAL A 368 6.92 26.77 30.77
N LEU A 369 7.33 25.67 30.13
CA LEU A 369 6.39 24.59 29.85
C LEU A 369 5.83 23.98 31.13
N SER A 370 6.69 23.78 32.13
CA SER A 370 6.22 23.24 33.40
C SER A 370 5.24 24.18 34.09
N VAL A 371 5.51 25.49 34.06
CA VAL A 371 4.62 26.45 34.71
C VAL A 371 3.27 26.49 34.01
N VAL A 372 3.25 26.50 32.67
CA VAL A 372 1.97 26.53 31.97
C VAL A 372 1.23 25.21 32.18
N ALA A 373 1.93 24.09 32.24
CA ALA A 373 1.27 22.81 32.52
C ALA A 373 0.66 22.79 33.92
N ILE A 374 1.38 23.33 34.91
CA ILE A 374 0.85 23.38 36.27
C ILE A 374 -0.37 24.30 36.33
N GLY A 375 -0.29 25.44 35.63
CA GLY A 375 -1.44 26.33 35.59
C GLY A 375 -2.67 25.67 34.98
N ILE A 376 -2.49 24.96 33.87
CA ILE A 376 -3.60 24.25 33.25
C ILE A 376 -4.14 23.17 34.19
N ASN A 377 -3.24 22.45 34.87
CA ASN A 377 -3.68 21.37 35.75
C ASN A 377 -4.48 21.90 36.93
N ILE A 378 -4.05 23.03 37.52
CA ILE A 378 -4.79 23.59 38.65
C ILE A 378 -6.01 24.39 38.24
N TYR A 379 -6.09 24.81 36.98
CA TYR A 379 -7.31 25.42 36.47
C TYR A 379 -8.34 24.39 36.03
N ARG A 380 -7.90 23.19 35.66
CA ARG A 380 -8.78 22.14 35.18
C ARG A 380 -9.34 21.27 36.31
N THR A 381 -8.77 21.35 37.51
CA THR A 381 -9.25 20.57 38.64
C THR A 381 -10.27 21.32 39.49
N SER A 382 -10.49 22.60 39.23
CA SER A 382 -11.45 23.41 39.97
C SER A 382 -12.81 23.46 39.31
N ASN A 383 -12.98 22.82 38.16
CA ASN A 383 -14.25 22.80 37.44
C ASN A 383 -14.88 21.42 37.36
N VAL A 384 -14.28 20.40 37.95
CA VAL A 384 -14.80 19.03 37.88
C VAL A 384 -16.05 18.92 38.73
N GLU A 385 -16.27 19.89 39.62
CA GLU A 385 -17.45 19.93 40.47
C GLU A 385 -18.46 20.97 40.02
N VAL A 386 -18.00 22.12 39.54
CA VAL A 386 -18.92 23.17 39.08
C VAL A 386 -19.72 22.69 37.88
N LEU A 387 -19.08 22.03 36.94
CA LEU A 387 -19.73 21.61 35.70
C LEU A 387 -20.38 20.24 35.82
N LEU A 388 -20.17 19.51 36.91
CA LEU A 388 -20.89 18.27 37.17
C LEU A 388 -22.11 18.49 38.04
N GLN A 389 -22.73 19.67 37.96
CA GLN A 389 -24.04 19.88 38.56
C GLN A 389 -25.13 19.13 37.82
N PHE A 390 -24.81 18.55 36.65
CA PHE A 390 -25.74 17.72 35.90
C PHE A 390 -26.22 16.52 36.70
N LEU A 391 -25.46 16.09 37.71
CA LEU A 391 -25.87 14.98 38.55
C LEU A 391 -27.17 15.27 39.28
N GLU A 392 -27.47 16.54 39.56
CA GLU A 392 -28.71 16.87 40.24
C GLU A 392 -29.92 16.61 39.34
N ASP A 393 -29.83 16.99 38.06
CA ASP A 393 -30.92 16.82 37.10
C ASP A 393 -30.36 16.15 35.85
N GLN A 394 -30.63 14.85 35.71
CA GLN A 394 -30.17 14.09 34.55
C GLN A 394 -31.21 14.06 33.44
N ASN A 395 -31.62 15.24 32.98
CA ASN A 395 -32.62 15.37 31.94
C ASN A 395 -32.20 16.35 30.86
N THR A 396 -31.16 17.15 31.11
CA THR A 396 -30.73 18.18 30.17
C THR A 396 -29.40 17.77 29.56
N PHE A 397 -28.84 18.65 28.74
CA PHE A 397 -27.64 18.34 27.98
C PHE A 397 -26.40 18.64 28.80
N PRO A 398 -25.53 17.67 29.08
CA PRO A 398 -24.28 17.94 29.79
C PRO A 398 -23.21 18.46 28.84
N ASN A 399 -22.76 19.69 29.08
CA ASN A 399 -21.77 20.34 28.22
C ASN A 399 -20.38 20.04 28.76
N PHE A 400 -19.64 19.18 28.06
CA PHE A 400 -18.32 18.75 28.49
C PHE A 400 -17.24 19.06 27.46
N GLU A 401 -17.52 19.96 26.50
CA GLU A 401 -16.55 20.24 25.44
C GLU A 401 -15.28 20.90 25.98
N HIS A 402 -15.43 21.85 26.92
CA HIS A 402 -14.27 22.56 27.44
C HIS A 402 -13.34 21.62 28.20
N LEU A 403 -13.90 20.69 28.95
CA LEU A 403 -13.07 19.72 29.67
C LEU A 403 -12.25 18.88 28.70
N ALA A 404 -12.85 18.43 27.60
CA ALA A 404 -12.11 17.66 26.61
C ALA A 404 -11.03 18.51 25.95
N TYR A 405 -11.35 19.76 25.64
CA TYR A 405 -10.35 20.66 25.05
C TYR A 405 -9.14 20.81 25.98
N TRP A 406 -9.40 20.99 27.27
CA TRP A 406 -8.29 21.18 28.20
C TRP A 406 -7.55 19.88 28.46
N GLN A 407 -8.23 18.73 28.41
CA GLN A 407 -7.51 17.45 28.41
C GLN A 407 -6.52 17.38 27.25
N ILE A 408 -6.98 17.73 26.04
CA ILE A 408 -6.09 17.66 24.88
C ILE A 408 -4.91 18.60 25.05
N GLN A 409 -5.18 19.84 25.49
CA GLN A 409 -4.08 20.80 25.65
C GLN A 409 -3.08 20.34 26.70
N PHE A 410 -3.58 19.84 27.84
CA PHE A 410 -2.68 19.39 28.90
C PHE A 410 -1.86 18.19 28.46
N ASN A 411 -2.46 17.25 27.74
CA ASN A 411 -1.73 16.10 27.26
C ASN A 411 -0.63 16.51 26.30
N ASN A 412 -0.94 17.44 25.37
CA ASN A 412 0.07 17.91 24.43
C ASN A 412 1.23 18.59 25.16
N ILE A 413 0.90 19.46 26.13
CA ILE A 413 1.94 20.18 26.86
C ILE A 413 2.82 19.21 27.64
N ALA A 414 2.20 18.23 28.31
CA ALA A 414 2.97 17.26 29.07
C ALA A 414 3.88 16.43 28.17
N ALA A 415 3.38 16.00 27.01
CA ALA A 415 4.21 15.23 26.09
C ALA A 415 5.40 16.05 25.60
N VAL A 416 5.17 17.31 25.25
CA VAL A 416 6.27 18.16 24.81
C VAL A 416 7.29 18.35 25.93
N THR A 417 6.81 18.59 27.15
CA THR A 417 7.70 18.81 28.28
C THR A 417 8.57 17.58 28.55
N VAL A 418 7.96 16.39 28.55
CA VAL A 418 8.74 15.20 28.83
C VAL A 418 9.72 14.90 27.69
N PHE A 419 9.33 15.19 26.44
CA PHE A 419 10.27 15.02 25.34
C PHE A 419 11.50 15.91 25.51
N PHE A 420 11.27 17.19 25.87
CA PHE A 420 12.40 18.10 26.05
C PHE A 420 13.26 17.69 27.24
N VAL A 421 12.63 17.26 28.34
CA VAL A 421 13.40 16.81 29.49
C VAL A 421 14.24 15.59 29.14
N TRP A 422 13.69 14.67 28.35
CA TRP A 422 14.44 13.49 27.93
C TRP A 422 15.63 13.88 27.06
N ILE A 423 15.42 14.79 26.10
CA ILE A 423 16.53 15.12 25.20
C ILE A 423 17.55 16.03 25.86
N LYS A 424 17.21 16.64 27.00
CA LYS A 424 18.20 17.45 27.73
C LYS A 424 19.28 16.60 28.41
N LEU A 425 19.12 15.28 28.45
CA LEU A 425 20.05 14.38 29.14
C LEU A 425 21.47 14.41 28.56
N PHE A 426 21.65 14.95 27.35
CA PHE A 426 22.97 14.90 26.71
C PHE A 426 24.03 15.68 27.47
N LYS A 427 23.63 16.71 28.23
CA LYS A 427 24.62 17.55 28.88
C LYS A 427 25.38 16.84 29.99
N PHE A 428 24.85 15.75 30.54
CA PHE A 428 25.52 15.02 31.61
C PHE A 428 26.40 13.90 31.10
N ILE A 429 26.01 13.22 30.02
CA ILE A 429 26.84 12.19 29.42
C ILE A 429 28.03 12.76 28.68
N ASN A 430 28.05 14.07 28.43
CA ASN A 430 29.14 14.72 27.72
C ASN A 430 30.37 14.97 28.58
N PHE A 431 30.20 15.03 29.90
CA PHE A 431 31.32 15.36 30.78
C PHE A 431 32.29 14.21 30.97
N ASN A 432 31.93 13.00 30.56
CA ASN A 432 32.91 11.91 30.50
C ASN A 432 33.69 12.06 29.21
N ARG A 433 34.54 11.08 28.88
CA ARG A 433 35.43 11.20 27.71
C ARG A 433 34.69 11.29 26.38
N THR A 434 33.36 11.43 26.41
CA THR A 434 32.57 11.63 25.21
C THR A 434 32.74 13.02 24.61
N MET A 435 33.42 13.94 25.29
CA MET A 435 33.49 15.32 24.80
C MET A 435 34.13 15.42 23.42
N SER A 436 35.17 14.64 23.15
CA SER A 436 35.83 14.65 21.86
C SER A 436 34.95 14.09 20.74
N GLN A 437 33.98 13.25 21.09
CA GLN A 437 33.09 12.68 20.08
C GLN A 437 32.22 13.75 19.43
N LEU A 438 31.66 14.61 20.27
CA LEU A 438 30.73 15.65 19.83
C LEU A 438 31.40 16.99 19.66
N SER A 439 32.73 16.99 19.56
CA SER A 439 33.46 18.23 19.34
C SER A 439 33.21 18.59 17.89
N THR A 440 33.89 17.90 16.98
CA THR A 440 33.70 18.13 15.56
C THR A 440 32.23 17.90 15.24
N THR A 441 31.74 16.75 15.66
CA THR A 441 30.35 16.38 15.44
C THR A 441 29.32 17.45 15.83
N MET A 442 29.49 18.14 16.97
CA MET A 442 28.45 19.12 17.31
C MET A 442 28.87 20.58 17.23
N SER A 443 30.03 20.82 16.64
CA SER A 443 30.51 22.18 16.48
C SER A 443 31.09 22.35 15.10
N ARG A 444 31.74 21.31 14.58
CA ARG A 444 32.27 21.45 13.24
C ARG A 444 31.38 20.86 12.17
N CYS A 445 30.45 19.97 12.52
CA CYS A 445 29.61 19.29 11.54
C CYS A 445 28.14 19.70 11.62
N ALA A 446 27.58 19.86 12.81
CA ALA A 446 26.19 20.28 12.92
C ALA A 446 25.98 21.75 12.60
N LYS A 447 27.07 22.51 12.43
CA LYS A 447 26.98 23.93 12.12
C LYS A 447 27.11 24.24 10.64
N ASP A 448 27.90 23.49 9.89
CA ASP A 448 28.11 23.83 8.48
C ASP A 448 27.06 23.20 7.55
N LEU A 449 26.29 22.21 8.01
CA LEU A 449 25.09 21.87 7.26
C LEU A 449 24.09 23.01 7.27
N PHE A 450 23.83 23.60 8.44
CA PHE A 450 22.88 24.70 8.54
C PHE A 450 23.31 25.93 7.75
N GLY A 451 24.59 26.02 7.37
CA GLY A 451 25.04 27.10 6.51
C GLY A 451 24.60 26.90 5.08
N PHE A 452 25.14 25.88 4.41
CA PHE A 452 24.75 25.56 3.04
C PHE A 452 23.79 24.37 3.01
N ALA A 453 22.54 24.68 3.38
CA ALA A 453 21.41 23.76 3.21
C ALA A 453 20.19 24.47 2.67
N ILE A 454 20.27 25.78 2.42
CA ILE A 454 19.12 26.51 1.92
C ILE A 454 18.85 26.18 0.46
N MET A 455 19.78 25.51 -0.21
CA MET A 455 19.55 25.14 -1.61
C MET A 455 18.61 23.93 -1.66
N PRO A 456 18.81 22.91 -0.83
CA PRO A 456 17.74 21.92 -0.63
C PRO A 456 16.41 22.53 -0.21
N PHE A 457 16.42 23.69 0.44
CA PHE A 457 15.26 24.31 1.05
C PHE A 457 14.48 25.17 0.06
N ILE A 458 15.16 26.06 -0.66
CA ILE A 458 14.49 26.92 -1.63
C ILE A 458 13.88 26.09 -2.76
N ILE A 459 14.62 25.10 -3.27
CA ILE A 459 14.08 24.24 -4.33
C ILE A 459 12.98 23.32 -3.81
N PHE A 460 12.99 22.98 -2.52
CA PHE A 460 11.88 22.23 -1.94
C PHE A 460 10.60 23.03 -1.93
N LEU A 461 10.65 24.28 -1.46
CA LEU A 461 9.47 25.13 -1.51
C LEU A 461 9.07 25.54 -2.92
N ALA A 462 10.02 25.73 -3.84
CA ALA A 462 9.66 25.99 -5.23
C ALA A 462 8.91 24.82 -5.84
N TYR A 463 9.37 23.59 -5.58
CA TYR A 463 8.66 22.41 -6.06
C TYR A 463 7.28 22.29 -5.39
N ALA A 464 7.19 22.62 -4.11
CA ALA A 464 5.89 22.60 -3.44
C ALA A 464 4.92 23.57 -4.08
N GLN A 465 5.39 24.79 -4.38
CA GLN A 465 4.53 25.77 -5.03
C GLN A 465 4.13 25.32 -6.43
N LEU A 466 5.06 24.73 -7.18
CA LEU A 466 4.73 24.23 -8.51
C LEU A 466 3.68 23.14 -8.44
N ALA A 467 3.82 22.20 -7.49
CA ALA A 467 2.83 21.15 -7.34
C ALA A 467 1.47 21.70 -6.90
N TYR A 468 1.47 22.71 -6.04
CA TYR A 468 0.22 23.31 -5.61
C TYR A 468 -0.47 24.05 -6.74
N LEU A 469 0.30 24.69 -7.63
CA LEU A 469 -0.32 25.38 -8.75
C LEU A 469 -0.82 24.42 -9.83
N VAL A 470 -0.05 23.38 -10.13
CA VAL A 470 -0.45 22.44 -11.17
C VAL A 470 -1.54 21.51 -10.66
N PHE A 471 -1.26 20.75 -9.61
CA PHE A 471 -2.24 19.90 -8.97
C PHE A 471 -2.98 20.71 -7.92
N GLY A 472 -3.72 20.04 -7.04
CA GLY A 472 -4.42 20.70 -5.96
C GLY A 472 -5.86 21.02 -6.23
N THR A 473 -6.26 21.07 -7.50
CA THR A 473 -7.66 21.15 -7.88
C THR A 473 -8.21 19.82 -8.35
N GLN A 474 -7.37 18.80 -8.44
CA GLN A 474 -7.78 17.48 -8.93
C GLN A 474 -7.35 16.39 -7.95
N VAL A 475 -6.26 16.63 -7.22
CA VAL A 475 -5.70 15.65 -6.30
C VAL A 475 -5.80 16.20 -4.88
N ASP A 476 -6.33 15.38 -3.96
CA ASP A 476 -6.51 15.84 -2.59
C ASP A 476 -5.19 15.92 -1.83
N ASP A 477 -4.14 15.25 -2.29
CA ASP A 477 -2.85 15.36 -1.64
C ASP A 477 -2.17 16.71 -1.87
N PHE A 478 -2.65 17.49 -2.84
CA PHE A 478 -1.97 18.72 -3.22
C PHE A 478 -2.79 19.98 -3.00
N SER A 479 -4.02 19.87 -2.54
CA SER A 479 -4.74 21.04 -2.06
C SER A 479 -4.21 21.44 -0.68
N THR A 480 -4.56 22.66 -0.25
CA THR A 480 -4.19 23.12 1.09
C THR A 480 -2.68 23.06 1.28
N PHE A 481 -1.97 24.04 0.70
CA PHE A 481 -0.55 24.04 0.37
C PHE A 481 0.34 23.23 1.31
N GLN A 482 0.14 23.30 2.62
CA GLN A 482 0.95 22.51 3.54
C GLN A 482 0.92 21.02 3.20
N GLU A 483 -0.21 20.52 2.70
CA GLU A 483 -0.24 19.12 2.28
C GLU A 483 0.67 18.84 1.10
N CYS A 484 1.02 19.86 0.32
CA CYS A 484 2.07 19.66 -0.68
C CYS A 484 3.40 19.34 -0.01
N ILE A 485 3.71 20.05 1.07
CA ILE A 485 4.94 19.78 1.82
C ILE A 485 4.90 18.35 2.37
N PHE A 486 3.78 17.97 2.99
CA PHE A 486 3.70 16.62 3.55
C PHE A 486 3.77 15.54 2.47
N THR A 487 3.12 15.77 1.33
CA THR A 487 3.16 14.81 0.24
C THR A 487 4.57 14.69 -0.33
N GLN A 488 5.30 15.80 -0.42
CA GLN A 488 6.68 15.73 -0.88
C GLN A 488 7.54 14.94 0.10
N PHE A 489 7.33 15.14 1.41
CA PHE A 489 8.06 14.33 2.39
C PHE A 489 7.76 12.85 2.22
N ARG A 490 6.49 12.51 2.04
CA ARG A 490 6.13 11.11 1.84
C ARG A 490 6.71 10.54 0.54
N ILE A 491 6.74 11.34 -0.52
CA ILE A 491 7.32 10.89 -1.78
C ILE A 491 8.81 10.62 -1.63
N ILE A 492 9.51 11.50 -0.91
CA ILE A 492 10.93 11.27 -0.64
C ILE A 492 11.12 10.00 0.16
N LEU A 493 10.29 9.79 1.19
CA LEU A 493 10.40 8.57 1.98
C LEU A 493 10.07 7.33 1.15
N GLY A 494 9.05 7.40 0.30
CA GLY A 494 8.73 6.27 -0.55
C GLY A 494 7.25 5.95 -0.65
N ASP A 495 6.39 6.77 -0.05
CA ASP A 495 4.95 6.56 -0.10
C ASP A 495 4.42 7.31 -1.32
N ILE A 496 4.23 6.57 -2.41
CA ILE A 496 3.86 7.15 -3.69
C ILE A 496 2.44 6.71 -4.06
N ASN A 497 1.71 7.61 -4.69
CA ASN A 497 0.36 7.37 -5.20
C ASN A 497 0.28 7.80 -6.66
N PHE A 498 1.25 7.32 -7.45
CA PHE A 498 1.51 7.83 -8.78
C PHE A 498 0.33 7.73 -9.73
N ALA A 499 -0.63 6.84 -9.45
CA ALA A 499 -1.78 6.70 -10.35
C ALA A 499 -2.58 7.98 -10.43
N GLU A 500 -2.81 8.64 -9.29
CA GLU A 500 -3.61 9.87 -9.27
C GLU A 500 -2.89 10.99 -10.01
N ILE A 501 -1.58 11.13 -9.80
CA ILE A 501 -0.81 12.16 -10.48
C ILE A 501 -0.80 11.90 -11.99
N GLU A 502 -0.65 10.63 -12.39
CA GLU A 502 -0.68 10.30 -13.81
C GLU A 502 -2.04 10.63 -14.42
N GLU A 503 -3.13 10.33 -13.70
CA GLU A 503 -4.46 10.58 -14.23
C GLU A 503 -4.77 12.07 -14.30
N ALA A 504 -4.28 12.86 -13.34
CA ALA A 504 -4.60 14.28 -13.31
C ALA A 504 -3.98 15.01 -14.49
N ASN A 505 -2.65 15.02 -14.57
CA ASN A 505 -1.94 15.64 -15.69
C ASN A 505 -0.99 14.61 -16.27
N ARG A 506 -1.11 14.34 -17.57
CA ARG A 506 -0.28 13.33 -18.23
C ARG A 506 1.11 13.78 -18.69
N VAL A 507 1.35 15.08 -18.71
CA VAL A 507 2.66 15.56 -19.15
C VAL A 507 3.51 16.18 -18.04
N LEU A 508 2.92 17.06 -17.24
CA LEU A 508 3.70 17.67 -16.16
C LEU A 508 3.78 16.78 -14.92
N GLY A 509 2.89 15.81 -14.78
CA GLY A 509 2.92 14.91 -13.65
C GLY A 509 4.20 14.10 -13.59
N PRO A 510 4.41 13.24 -14.60
CA PRO A 510 5.67 12.48 -14.64
C PRO A 510 6.91 13.34 -14.68
N ILE A 511 6.88 14.46 -15.39
CA ILE A 511 8.05 15.34 -15.45
C ILE A 511 8.38 15.86 -14.05
N TYR A 512 7.37 16.36 -13.34
CA TYR A 512 7.58 16.84 -11.99
C TYR A 512 8.10 15.74 -11.07
N PHE A 513 7.51 14.56 -11.16
CA PHE A 513 7.91 13.46 -10.28
C PHE A 513 9.37 13.08 -10.51
N THR A 514 9.73 12.81 -11.76
CA THR A 514 11.10 12.37 -12.06
C THR A 514 12.11 13.48 -11.76
N THR A 515 11.80 14.72 -12.13
CA THR A 515 12.75 15.80 -11.88
C THR A 515 12.95 16.02 -10.40
N PHE A 516 11.88 15.98 -9.61
CA PHE A 516 12.01 16.15 -8.16
C PHE A 516 12.86 15.05 -7.56
N VAL A 517 12.54 13.78 -7.89
CA VAL A 517 13.29 12.66 -7.30
C VAL A 517 14.75 12.72 -7.71
N PHE A 518 15.04 13.07 -8.96
CA PHE A 518 16.42 13.16 -9.41
C PHE A 518 17.17 14.29 -8.70
N PHE A 519 16.58 15.49 -8.70
CA PHE A 519 17.32 16.67 -8.26
C PHE A 519 17.51 16.70 -6.74
N MET A 520 16.55 16.16 -5.97
CA MET A 520 16.75 16.15 -4.52
C MET A 520 18.00 15.36 -4.14
N PHE A 521 18.12 14.13 -4.63
CA PHE A 521 19.31 13.34 -4.31
C PHE A 521 20.55 13.89 -4.98
N PHE A 522 20.41 14.48 -6.18
CA PHE A 522 21.55 15.12 -6.83
C PHE A 522 22.15 16.20 -5.93
N ILE A 523 21.31 17.12 -5.45
CA ILE A 523 21.82 18.23 -4.67
C ILE A 523 22.25 17.77 -3.27
N LEU A 524 21.58 16.75 -2.73
CA LEU A 524 22.02 16.21 -1.44
C LEU A 524 23.42 15.62 -1.54
N LEU A 525 23.65 14.79 -2.54
CA LEU A 525 24.95 14.16 -2.72
C LEU A 525 26.01 15.24 -2.91
N ASN A 526 25.69 16.24 -3.71
CA ASN A 526 26.59 17.34 -3.97
C ASN A 526 27.02 18.02 -2.66
N MET A 527 26.05 18.32 -1.81
CA MET A 527 26.34 18.97 -0.54
C MET A 527 27.19 18.07 0.37
N PHE A 528 26.94 16.76 0.32
CA PHE A 528 27.70 15.81 1.12
C PHE A 528 29.15 15.89 0.69
N LEU A 529 29.37 15.87 -0.63
CA LEU A 529 30.71 15.96 -1.17
C LEU A 529 31.37 17.26 -0.75
N ALA A 530 30.62 18.36 -0.82
CA ALA A 530 31.14 19.66 -0.42
C ALA A 530 31.64 19.58 1.01
N ILE A 531 30.81 19.06 1.89
CA ILE A 531 31.18 18.93 3.30
C ILE A 531 32.45 18.12 3.46
N ILE A 532 32.52 16.97 2.80
CA ILE A 532 33.71 16.13 2.89
C ILE A 532 34.96 16.91 2.49
N ASN A 533 34.89 17.59 1.35
CA ASN A 533 36.03 18.37 0.87
C ASN A 533 36.43 19.48 1.82
N ASP A 534 35.43 20.15 2.40
CA ASP A 534 35.70 21.23 3.35
C ASP A 534 36.41 20.68 4.57
N THR A 535 35.95 19.52 5.04
CA THR A 535 36.56 18.86 6.19
C THR A 535 38.01 18.50 5.88
N TYR A 536 38.25 18.01 4.66
CA TYR A 536 39.60 17.64 4.23
C TYR A 536 40.52 18.84 4.04
N SER A 537 39.94 20.00 3.75
CA SER A 537 40.70 21.23 3.55
C SER A 537 40.83 22.00 4.86
N GLU A 538 40.14 21.51 5.90
CA GLU A 538 40.19 22.16 7.20
C GLU A 538 40.81 21.25 8.24
CA LYS B 67 29.05 51.62 -7.84
C LYS B 67 28.73 50.14 -7.79
N TYR B 68 29.64 49.35 -7.22
CA TYR B 68 29.43 47.91 -7.13
C TYR B 68 28.28 47.58 -6.19
N LEU B 69 28.27 48.20 -5.00
CA LEU B 69 27.23 47.90 -4.01
C LEU B 69 25.88 48.43 -4.46
N LYS B 70 25.85 49.67 -4.97
CA LYS B 70 24.57 50.27 -5.33
C LYS B 70 23.90 49.51 -6.47
N SER B 71 24.67 49.08 -7.46
CA SER B 71 24.10 48.36 -8.59
C SER B 71 23.47 47.04 -8.16
N VAL B 72 24.19 46.27 -7.33
CA VAL B 72 23.66 44.99 -6.90
C VAL B 72 22.47 45.17 -5.97
N LEU B 73 22.50 46.21 -5.12
CA LEU B 73 21.33 46.47 -4.28
C LEU B 73 20.11 46.87 -5.10
N ARG B 74 20.32 47.68 -6.15
CA ARG B 74 19.22 48.04 -7.04
C ARG B 74 18.65 46.82 -7.75
N GLU B 75 19.53 45.94 -8.24
CA GLU B 75 19.07 44.71 -8.87
C GLU B 75 18.28 43.86 -7.89
N LEU B 76 18.78 43.74 -6.66
CA LEU B 76 18.10 42.93 -5.66
C LEU B 76 16.72 43.49 -5.34
N VAL B 77 16.61 44.80 -5.17
CA VAL B 77 15.31 45.37 -4.78
C VAL B 77 14.32 45.29 -5.93
N THR B 78 14.76 45.52 -7.17
CA THR B 78 13.83 45.42 -8.28
C THR B 78 13.40 43.97 -8.51
N TYR B 79 14.32 43.01 -8.33
CA TYR B 79 13.94 41.61 -8.43
C TYR B 79 12.96 41.21 -7.32
N LEU B 80 13.17 41.74 -6.11
CA LEU B 80 12.25 41.46 -5.02
C LEU B 80 10.86 42.02 -5.31
N LEU B 81 10.79 43.23 -5.87
CA LEU B 81 9.49 43.79 -6.25
C LEU B 81 8.81 42.93 -7.31
N PHE B 82 9.58 42.49 -8.32
CA PHE B 82 9.03 41.60 -9.34
C PHE B 82 8.50 40.32 -8.72
N LEU B 83 9.27 39.72 -7.82
CA LEU B 83 8.88 38.46 -7.21
C LEU B 83 7.62 38.62 -6.37
N ILE B 84 7.52 39.70 -5.59
CA ILE B 84 6.33 39.87 -4.76
C ILE B 84 5.11 40.15 -5.62
N VAL B 85 5.26 40.93 -6.71
CA VAL B 85 4.14 41.17 -7.60
C VAL B 85 3.65 39.87 -8.22
N LEU B 86 4.60 39.03 -8.67
CA LEU B 86 4.22 37.74 -9.25
C LEU B 86 3.54 36.85 -8.21
N CYS B 87 4.03 36.87 -6.96
CA CYS B 87 3.41 36.07 -5.91
C CYS B 87 1.99 36.54 -5.62
N ILE B 88 1.76 37.85 -5.57
CA ILE B 88 0.39 38.35 -5.37
C ILE B 88 -0.50 37.92 -6.52
N LEU B 89 0.02 38.01 -7.75
CA LEU B 89 -0.75 37.56 -8.92
C LEU B 89 -1.17 36.10 -8.78
N THR B 90 -0.20 35.23 -8.45
CA THR B 90 -0.51 33.81 -8.35
C THR B 90 -1.47 33.52 -7.21
N TYR B 91 -1.29 34.18 -6.06
CA TYR B 91 -2.20 33.96 -4.94
C TYR B 91 -3.62 34.40 -5.28
N GLY B 92 -3.76 35.55 -5.94
CA GLY B 92 -5.07 36.05 -6.31
C GLY B 92 -5.78 35.19 -7.34
N MET B 93 -5.06 34.76 -8.38
CA MET B 93 -5.69 33.96 -9.43
C MET B 93 -6.06 32.56 -8.96
N MET B 94 -5.30 31.98 -8.03
CA MET B 94 -5.55 30.62 -7.57
C MET B 94 -6.57 30.67 -6.45
N SER B 95 -7.78 30.21 -6.73
CA SER B 95 -8.85 30.22 -5.73
C SER B 95 -8.65 29.10 -4.73
N SER B 96 -9.44 29.14 -3.66
CA SER B 96 -9.34 28.17 -2.57
C SER B 96 -10.59 27.30 -2.52
N ASN B 97 -10.40 26.07 -2.02
CA ASN B 97 -11.47 25.09 -1.87
C ASN B 97 -12.17 24.81 -3.20
N VAL B 98 -11.40 24.82 -4.29
CA VAL B 98 -11.93 24.44 -5.59
C VAL B 98 -11.94 22.93 -5.76
N TYR B 99 -11.06 22.22 -5.05
CA TYR B 99 -10.96 20.77 -5.21
C TYR B 99 -12.27 20.07 -4.88
N TYR B 100 -13.02 20.56 -3.89
CA TYR B 100 -14.23 19.88 -3.47
C TYR B 100 -15.33 19.95 -4.53
N TYR B 101 -15.33 21.00 -5.34
CA TYR B 101 -16.31 21.11 -6.42
C TYR B 101 -16.14 19.96 -7.43
N THR B 102 -14.91 19.80 -7.93
CA THR B 102 -14.63 18.70 -8.85
C THR B 102 -14.77 17.35 -8.16
N ARG B 103 -14.44 17.27 -6.87
CA ARG B 103 -14.60 16.02 -6.12
C ARG B 103 -16.06 15.60 -6.08
N MET B 104 -16.96 16.54 -5.79
CA MET B 104 -18.38 16.22 -5.75
C MET B 104 -18.90 15.84 -7.13
N MET B 105 -18.48 16.57 -8.17
CA MET B 105 -18.90 16.21 -9.53
C MET B 105 -18.45 14.80 -9.89
N SER B 106 -17.18 14.49 -9.62
CA SER B 106 -16.64 13.18 -9.98
C SER B 106 -17.29 12.07 -9.17
N GLN B 107 -17.54 12.30 -7.87
CA GLN B 107 -18.22 11.30 -7.08
C GLN B 107 -19.64 11.05 -7.58
N LEU B 108 -20.34 12.12 -7.98
CA LEU B 108 -21.70 11.95 -8.47
C LEU B 108 -21.73 11.19 -9.79
N PHE B 109 -20.78 11.46 -10.69
CA PHE B 109 -20.88 10.94 -12.05
C PHE B 109 -20.09 9.66 -12.29
N LEU B 110 -19.11 9.34 -11.44
CA LEU B 110 -18.23 8.20 -11.69
C LEU B 110 -18.33 7.09 -10.66
N ASP B 111 -18.92 7.35 -9.48
CA ASP B 111 -18.94 6.37 -8.42
C ASP B 111 -20.31 5.75 -8.18
N THR B 112 -21.39 6.41 -8.56
CA THR B 112 -22.71 5.82 -8.40
C THR B 112 -22.87 4.63 -9.33
N PRO B 113 -23.41 3.51 -8.84
CA PRO B 113 -23.62 2.35 -9.72
C PRO B 113 -24.58 2.68 -10.85
N VAL B 114 -24.35 2.04 -12.00
CA VAL B 114 -25.16 2.29 -13.19
C VAL B 114 -26.61 1.86 -12.97
N SER B 115 -26.86 0.97 -12.03
CA SER B 115 -28.21 0.53 -11.71
C SER B 115 -28.28 0.19 -10.23
N LYS B 116 -29.50 0.15 -9.70
CA LYS B 116 -29.69 -0.16 -8.28
C LYS B 116 -29.29 -1.60 -7.97
N THR B 117 -29.64 -2.54 -8.85
CA THR B 117 -29.28 -3.94 -8.63
C THR B 117 -27.81 -4.20 -8.94
N GLU B 118 -27.25 -3.51 -9.93
CA GLU B 118 -25.86 -3.73 -10.32
C GLU B 118 -24.91 -2.95 -9.42
N LYS B 119 -23.64 -3.35 -9.44
CA LYS B 119 -22.59 -2.66 -8.69
C LYS B 119 -21.52 -2.08 -9.62
N THR B 120 -21.79 -2.00 -10.92
CA THR B 120 -20.84 -1.47 -11.87
C THR B 120 -21.00 0.04 -11.99
N ASN B 121 -19.88 0.75 -12.06
CA ASN B 121 -19.87 2.20 -12.22
C ASN B 121 -19.09 2.57 -13.47
N PHE B 122 -18.99 3.88 -13.73
CA PHE B 122 -18.28 4.35 -14.91
C PHE B 122 -16.80 4.04 -14.86
N LYS B 123 -16.18 4.13 -13.68
CA LYS B 123 -14.74 3.94 -13.57
C LYS B 123 -14.32 2.55 -13.99
N THR B 124 -15.21 1.57 -13.88
CA THR B 124 -14.93 0.18 -14.27
C THR B 124 -16.04 -0.29 -15.21
N LEU B 125 -15.86 -0.02 -16.50
CA LEU B 125 -16.78 -0.47 -17.54
C LEU B 125 -16.13 -1.60 -18.33
N SER B 126 -16.98 -2.50 -18.86
CA SER B 126 -16.49 -3.72 -19.48
C SER B 126 -17.03 -3.99 -20.88
N SER B 127 -18.22 -3.53 -21.23
CA SER B 127 -18.80 -3.86 -22.53
C SER B 127 -19.81 -2.80 -22.92
N MET B 128 -20.35 -2.95 -24.13
CA MET B 128 -21.35 -2.01 -24.65
C MET B 128 -22.66 -2.08 -23.87
N GLU B 129 -23.00 -3.25 -23.33
CA GLU B 129 -24.20 -3.35 -22.50
C GLU B 129 -24.07 -2.49 -21.25
N ASP B 130 -22.89 -2.50 -20.62
CA ASP B 130 -22.65 -1.65 -19.46
C ASP B 130 -22.75 -0.17 -19.85
N PHE B 131 -22.21 0.19 -21.00
CA PHE B 131 -22.29 1.58 -21.45
C PHE B 131 -23.74 2.00 -21.69
N TRP B 132 -24.54 1.13 -22.31
CA TRP B 132 -25.94 1.46 -22.53
C TRP B 132 -26.69 1.57 -21.21
N LYS B 133 -26.38 0.70 -20.24
CA LYS B 133 -27.01 0.79 -18.94
C LYS B 133 -26.63 2.09 -18.23
N PHE B 134 -25.38 2.53 -18.38
CA PHE B 134 -24.95 3.77 -17.76
C PHE B 134 -25.59 4.98 -18.42
N THR B 135 -25.71 4.97 -19.75
CA THR B 135 -26.20 6.15 -20.46
C THR B 135 -27.65 6.48 -20.09
N GLU B 136 -28.50 5.47 -19.99
CA GLU B 136 -29.90 5.66 -19.61
C GLU B 136 -30.13 5.42 -18.11
N GLY B 137 -29.06 5.17 -17.36
CA GLY B 137 -29.19 4.90 -15.94
C GLY B 137 -28.59 5.98 -15.07
N SER B 138 -27.37 5.74 -14.58
CA SER B 138 -26.75 6.66 -13.63
C SER B 138 -26.49 8.04 -14.25
N LEU B 139 -26.31 8.11 -15.56
CA LEU B 139 -26.07 9.40 -16.19
C LEU B 139 -27.31 10.28 -16.14
N LEU B 140 -28.48 9.72 -16.46
CA LEU B 140 -29.71 10.50 -16.42
C LEU B 140 -30.12 10.84 -14.99
N ASP B 141 -29.87 9.94 -14.04
CA ASP B 141 -30.23 10.20 -12.66
C ASP B 141 -29.41 11.36 -12.08
N GLY B 142 -28.12 11.40 -12.38
CA GLY B 142 -27.23 12.41 -11.85
C GLY B 142 -27.14 13.69 -12.65
N LEU B 143 -27.94 13.84 -13.69
CA LEU B 143 -27.92 15.02 -14.55
C LEU B 143 -29.18 15.85 -14.49
N TYR B 144 -30.35 15.20 -14.38
CA TYR B 144 -31.63 15.89 -14.34
C TYR B 144 -32.20 15.75 -12.93
N TRP B 145 -32.16 16.83 -12.16
CA TRP B 145 -32.71 16.84 -10.82
C TRP B 145 -34.14 17.39 -10.86
N LYS B 146 -35.04 16.75 -10.12
CA LYS B 146 -36.48 16.89 -10.31
C LYS B 146 -36.95 18.33 -10.13
N MET B 147 -36.85 18.87 -8.91
CA MET B 147 -37.16 20.28 -8.63
C MET B 147 -36.86 20.52 -7.15
N GLN B 148 -36.59 21.80 -6.82
CA GLN B 148 -36.00 22.10 -5.52
C GLN B 148 -36.99 21.96 -4.36
N PRO B 149 -38.11 22.71 -4.30
CA PRO B 149 -38.94 22.45 -3.13
C PRO B 149 -39.83 21.22 -3.29
N ASP B 156 -40.67 25.13 -13.28
CA ASP B 156 -39.59 25.40 -14.22
C ASP B 156 -38.75 24.15 -14.47
N ASN B 157 -38.03 24.14 -15.59
CA ASN B 157 -37.15 23.03 -15.96
C ASN B 157 -35.72 23.51 -16.22
N ARG B 158 -34.92 23.57 -15.16
CA ARG B 158 -33.55 24.02 -15.29
C ARG B 158 -32.52 23.13 -14.60
N SER B 159 -32.93 22.13 -13.82
CA SER B 159 -32.07 21.03 -13.38
C SER B 159 -30.83 21.54 -12.63
N PHE B 160 -31.09 22.10 -11.46
CA PHE B 160 -30.01 22.49 -10.55
C PHE B 160 -29.41 21.24 -9.92
N ILE B 161 -28.25 20.82 -10.45
CA ILE B 161 -27.55 19.68 -9.86
C ILE B 161 -27.08 20.04 -8.47
N PHE B 162 -27.34 19.15 -7.51
CA PHE B 162 -27.05 19.38 -6.09
C PHE B 162 -27.77 20.61 -5.55
N TYR B 163 -28.73 21.13 -6.33
CA TYR B 163 -29.60 22.28 -6.04
C TYR B 163 -28.94 23.62 -6.31
N GLU B 164 -27.65 23.69 -6.71
CA GLU B 164 -27.10 24.97 -7.12
C GLU B 164 -26.08 24.89 -8.26
N ASN B 165 -26.20 23.94 -9.19
CA ASN B 165 -25.22 23.84 -10.25
C ASN B 165 -25.73 24.28 -11.63
N LEU B 166 -27.03 24.18 -11.90
CA LEU B 166 -27.64 24.81 -13.09
C LEU B 166 -26.96 24.34 -14.38
N LEU B 167 -27.19 23.05 -14.69
CA LEU B 167 -26.75 22.49 -15.96
C LEU B 167 -27.08 23.43 -17.11
N LEU B 168 -26.05 23.82 -17.86
CA LEU B 168 -26.18 24.84 -18.89
C LEU B 168 -26.50 24.20 -20.23
N GLY B 169 -27.59 24.65 -20.85
CA GLY B 169 -27.94 24.15 -22.17
C GLY B 169 -28.32 22.68 -22.14
N VAL B 170 -27.88 21.95 -23.16
CA VAL B 170 -28.17 20.53 -23.30
C VAL B 170 -26.85 19.78 -23.49
N PRO B 171 -26.77 18.52 -23.08
CA PRO B 171 -25.57 17.73 -23.34
C PRO B 171 -25.53 17.23 -24.79
N ARG B 172 -24.35 16.76 -25.19
CA ARG B 172 -24.13 16.27 -26.54
C ARG B 172 -23.35 14.97 -26.49
N ILE B 173 -23.71 14.03 -27.37
CA ILE B 173 -23.04 12.74 -27.47
C ILE B 173 -22.58 12.54 -28.91
N ARG B 174 -21.32 12.13 -29.08
CA ARG B 174 -20.69 12.02 -30.38
C ARG B 174 -19.87 10.73 -30.44
N GLN B 175 -19.78 10.13 -31.63
CA GLN B 175 -19.03 8.91 -31.84
C GLN B 175 -18.15 9.02 -33.07
N LEU B 176 -17.15 8.15 -33.13
CA LEU B 176 -16.23 8.06 -34.27
C LEU B 176 -16.22 6.62 -34.77
N ARG B 177 -16.25 6.45 -36.10
CA ARG B 177 -16.37 5.14 -36.71
C ARG B 177 -15.23 4.93 -37.70
N VAL B 178 -15.03 3.68 -38.10
CA VAL B 178 -14.04 3.31 -39.10
C VAL B 178 -14.74 2.55 -40.22
N ARG B 179 -14.01 2.34 -41.32
CA ARG B 179 -14.58 1.70 -42.50
C ARG B 179 -14.45 0.19 -42.44
N ASN B 180 -15.47 -0.50 -42.93
CA ASN B 180 -15.39 -1.94 -43.09
C ASN B 180 -14.49 -2.28 -44.27
N GLY B 181 -13.70 -3.34 -44.12
CA GLY B 181 -12.79 -3.74 -45.18
C GLY B 181 -11.55 -2.89 -45.28
N SER B 182 -11.18 -2.21 -44.20
CA SER B 182 -9.95 -1.42 -44.16
C SER B 182 -8.76 -2.25 -43.71
N CYS B 183 -8.84 -3.57 -43.81
CA CYS B 183 -7.79 -4.49 -43.38
C CYS B 183 -7.18 -5.20 -44.58
N SER B 184 -6.29 -6.15 -44.26
CA SER B 184 -5.76 -7.09 -45.25
C SER B 184 -5.88 -8.48 -44.62
N ILE B 185 -7.05 -9.10 -44.79
CA ILE B 185 -7.30 -10.40 -44.17
C ILE B 185 -6.46 -11.46 -44.85
N PRO B 186 -5.78 -12.33 -44.09
CA PRO B 186 -5.00 -13.41 -44.72
C PRO B 186 -5.88 -14.31 -45.57
N GLN B 187 -5.32 -14.79 -46.68
CA GLN B 187 -6.07 -15.65 -47.59
C GLN B 187 -6.43 -16.98 -46.96
N ASP B 188 -5.67 -17.42 -45.95
CA ASP B 188 -6.00 -18.66 -45.25
C ASP B 188 -7.33 -18.51 -44.50
N LEU B 189 -7.48 -17.43 -43.74
CA LEU B 189 -8.71 -17.17 -43.00
C LEU B 189 -9.67 -16.30 -43.82
N ARG B 190 -9.97 -16.74 -45.04
CA ARG B 190 -10.82 -15.96 -45.93
C ARG B 190 -12.24 -16.51 -46.03
N ASP B 191 -12.49 -17.72 -45.53
CA ASP B 191 -13.82 -18.32 -45.58
C ASP B 191 -14.60 -18.18 -44.28
N GLU B 192 -13.92 -18.04 -43.14
CA GLU B 192 -14.59 -17.93 -41.87
C GLU B 192 -14.85 -16.49 -41.45
N ILE B 193 -13.99 -15.56 -41.85
CA ILE B 193 -14.12 -14.15 -41.48
C ILE B 193 -14.29 -13.34 -42.75
N LYS B 194 -15.31 -12.47 -42.77
CA LYS B 194 -15.58 -11.64 -43.93
C LYS B 194 -15.70 -10.15 -43.62
N GLU B 195 -15.57 -9.74 -42.36
CA GLU B 195 -15.51 -8.33 -41.99
C GLU B 195 -14.24 -8.07 -41.19
N CYS B 196 -13.68 -6.88 -41.36
CA CYS B 196 -12.57 -6.43 -40.55
C CYS B 196 -12.63 -4.92 -40.36
N TYR B 197 -12.02 -4.45 -39.28
CA TYR B 197 -12.03 -3.03 -38.93
C TYR B 197 -10.67 -2.70 -38.34
N ASP B 198 -9.96 -1.78 -38.96
CA ASP B 198 -8.65 -1.39 -38.46
C ASP B 198 -8.78 -0.55 -37.20
N VAL B 199 -7.64 -0.28 -36.55
CA VAL B 199 -7.60 0.61 -35.40
C VAL B 199 -7.87 2.02 -35.89
N TYR B 200 -8.15 2.94 -34.97
CA TYR B 200 -8.54 4.28 -35.36
C TYR B 200 -7.37 5.03 -36.01
N SER B 201 -7.67 5.72 -37.10
CA SER B 201 -6.72 6.58 -37.80
C SER B 201 -7.51 7.49 -38.72
N VAL B 202 -6.86 8.58 -39.14
CA VAL B 202 -7.50 9.52 -40.05
C VAL B 202 -7.78 8.88 -41.40
N SER B 203 -6.91 7.99 -41.86
CA SER B 203 -7.12 7.33 -43.15
C SER B 203 -8.22 6.29 -43.11
N SER B 204 -8.47 5.67 -41.96
CA SER B 204 -9.47 4.62 -41.82
C SER B 204 -10.83 5.15 -41.37
N GLU B 205 -10.96 6.46 -41.18
CA GLU B 205 -12.19 7.01 -40.63
C GLU B 205 -13.34 6.88 -41.63
N ASP B 206 -14.54 6.61 -41.11
CA ASP B 206 -15.72 6.45 -41.92
C ASP B 206 -16.43 7.79 -42.10
N ARG B 207 -16.94 8.02 -43.31
CA ARG B 207 -17.63 9.27 -43.62
C ARG B 207 -18.94 9.06 -44.35
N ALA B 208 -19.54 7.87 -44.24
CA ALA B 208 -20.78 7.58 -44.96
C ALA B 208 -21.94 7.44 -43.98
N PRO B 209 -23.16 7.74 -44.41
CA PRO B 209 -24.32 7.53 -43.56
C PRO B 209 -24.61 6.05 -43.35
N PHE B 210 -25.29 5.76 -42.25
CA PHE B 210 -25.62 4.38 -41.92
C PHE B 210 -26.95 4.37 -41.16
N GLY B 211 -27.61 3.21 -41.21
CA GLY B 211 -28.89 3.04 -40.57
C GLY B 211 -29.95 3.95 -41.17
N PRO B 212 -31.04 4.17 -40.43
CA PRO B 212 -32.02 5.16 -40.87
C PRO B 212 -31.47 6.57 -40.74
N ARG B 213 -31.27 7.25 -41.86
CA ARG B 213 -30.56 8.53 -41.85
C ARG B 213 -31.29 9.55 -40.98
N ASN B 214 -32.47 9.98 -41.42
CA ASN B 214 -33.48 10.65 -40.61
C ASN B 214 -32.93 11.56 -39.52
N GLY B 215 -31.96 12.42 -39.84
CA GLY B 215 -31.46 13.36 -38.87
C GLY B 215 -29.95 13.44 -38.93
N THR B 216 -29.37 13.99 -37.86
CA THR B 216 -27.94 14.28 -37.80
C THR B 216 -27.14 13.28 -37.00
N ALA B 217 -27.79 12.33 -36.32
CA ALA B 217 -27.07 11.30 -35.59
C ALA B 217 -26.59 10.17 -36.50
N TRP B 218 -26.97 10.19 -37.78
CA TRP B 218 -26.62 9.14 -38.73
C TRP B 218 -25.91 9.70 -39.96
N ILE B 219 -25.45 10.95 -39.89
CA ILE B 219 -24.80 11.61 -41.03
C ILE B 219 -23.51 12.23 -40.54
N TYR B 220 -22.42 12.00 -41.28
CA TYR B 220 -21.13 12.54 -40.91
C TYR B 220 -21.14 14.07 -40.98
N THR B 221 -20.51 14.70 -39.99
CA THR B 221 -20.37 16.15 -39.93
C THR B 221 -18.88 16.48 -39.83
N SER B 222 -18.43 17.41 -40.66
CA SER B 222 -17.01 17.71 -40.74
C SER B 222 -16.51 18.39 -39.48
N GLU B 223 -15.19 18.45 -39.34
CA GLU B 223 -14.56 19.11 -38.21
C GLU B 223 -14.75 20.61 -38.23
N LYS B 224 -15.00 21.20 -39.41
CA LYS B 224 -15.24 22.64 -39.49
C LYS B 224 -16.69 23.01 -39.21
N ASP B 225 -17.64 22.22 -39.73
CA ASP B 225 -19.05 22.49 -39.43
C ASP B 225 -19.33 22.26 -37.95
N LEU B 226 -18.79 21.19 -37.38
CA LEU B 226 -18.90 20.91 -35.95
C LEU B 226 -17.77 21.61 -35.23
N ASN B 227 -18.10 22.62 -34.42
CA ASN B 227 -17.09 23.50 -33.86
C ASN B 227 -16.30 22.78 -32.78
N GLY B 228 -15.36 21.92 -33.20
CA GLY B 228 -14.62 21.12 -32.26
C GLY B 228 -13.12 21.12 -32.47
N SER B 229 -12.42 20.22 -31.79
CA SER B 229 -10.97 20.15 -31.87
C SER B 229 -10.49 18.73 -31.64
N SER B 230 -9.17 18.56 -31.49
CA SER B 230 -8.57 17.25 -31.38
C SER B 230 -8.34 16.92 -29.91
N HIS B 231 -8.83 15.76 -29.48
CA HIS B 231 -8.69 15.30 -28.11
C HIS B 231 -7.78 14.07 -28.06
N TRP B 232 -6.78 14.13 -27.21
CA TRP B 232 -5.76 13.09 -27.11
C TRP B 232 -6.13 12.11 -26.00
N GLY B 233 -6.55 10.90 -26.39
CA GLY B 233 -7.03 9.91 -25.47
C GLY B 233 -5.96 8.90 -25.09
N ILE B 234 -6.42 7.83 -24.42
CA ILE B 234 -5.51 6.83 -23.90
C ILE B 234 -4.87 6.02 -25.03
N ILE B 235 -5.69 5.57 -25.98
CA ILE B 235 -5.18 4.69 -27.03
C ILE B 235 -4.59 5.50 -28.18
N ALA B 236 -5.35 6.46 -28.71
CA ALA B 236 -4.93 7.22 -29.87
C ALA B 236 -5.40 8.66 -29.71
N THR B 237 -5.19 9.45 -30.75
CA THR B 237 -5.64 10.84 -30.81
C THR B 237 -6.82 10.93 -31.78
N TYR B 238 -7.91 11.52 -31.34
CA TYR B 238 -9.14 11.55 -32.10
C TYR B 238 -9.37 12.91 -32.74
N SER B 239 -10.01 12.90 -33.90
CA SER B 239 -10.10 14.09 -34.74
C SER B 239 -10.96 15.17 -34.09
N GLY B 240 -12.23 14.88 -33.89
CA GLY B 240 -13.19 15.87 -33.40
C GLY B 240 -14.43 16.00 -34.25
N ALA B 241 -14.53 15.27 -35.34
CA ALA B 241 -15.73 15.20 -36.17
C ALA B 241 -16.49 13.92 -35.84
N GLY B 242 -17.53 13.63 -36.62
CA GLY B 242 -18.23 12.38 -36.47
C GLY B 242 -19.73 12.59 -36.45
N TYR B 243 -20.42 11.63 -35.84
CA TYR B 243 -21.87 11.61 -35.78
C TYR B 243 -22.29 12.02 -34.37
N TYR B 244 -22.96 13.16 -34.25
CA TYR B 244 -23.32 13.73 -32.97
C TYR B 244 -24.84 13.82 -32.84
N LEU B 245 -25.28 13.95 -31.59
CA LEU B 245 -26.70 14.16 -31.29
C LEU B 245 -26.81 15.04 -30.06
N ASP B 246 -27.66 16.06 -30.14
CA ASP B 246 -27.89 16.98 -29.03
C ASP B 246 -29.08 16.46 -28.23
N LEU B 247 -28.86 16.16 -26.96
CA LEU B 247 -29.93 15.65 -26.11
C LEU B 247 -30.87 16.78 -25.72
N SER B 248 -31.84 16.47 -24.87
CA SER B 248 -32.91 17.39 -24.53
C SER B 248 -32.64 18.05 -23.17
N ARG B 249 -33.53 18.98 -22.82
CA ARG B 249 -33.42 19.73 -21.57
C ARG B 249 -34.15 19.08 -20.40
N THR B 250 -34.89 17.99 -20.65
CA THR B 250 -35.65 17.32 -19.61
C THR B 250 -35.29 15.84 -19.61
N ARG B 251 -35.74 15.13 -18.57
CA ARG B 251 -35.41 13.72 -18.41
C ARG B 251 -36.16 12.84 -19.41
N GLU B 252 -37.45 13.12 -19.62
CA GLU B 252 -38.28 12.22 -20.42
C GLU B 252 -37.84 12.22 -21.89
N GLU B 253 -37.66 13.41 -22.47
CA GLU B 253 -37.28 13.49 -23.87
C GLU B 253 -35.89 12.91 -24.10
N THR B 254 -34.95 13.19 -23.19
CA THR B 254 -33.61 12.63 -23.32
C THR B 254 -33.63 11.11 -23.22
N ALA B 255 -34.43 10.57 -22.28
CA ALA B 255 -34.54 9.13 -22.15
C ALA B 255 -35.14 8.51 -23.42
N ALA B 256 -36.15 9.17 -23.99
CA ALA B 256 -36.75 8.67 -25.23
C ALA B 256 -35.73 8.68 -26.37
N GLN B 257 -34.94 9.75 -26.47
CA GLN B 257 -33.93 9.83 -27.52
C GLN B 257 -32.86 8.75 -27.35
N VAL B 258 -32.43 8.50 -26.12
CA VAL B 258 -31.43 7.46 -25.89
C VAL B 258 -32.01 6.08 -26.18
N ALA B 259 -33.29 5.86 -25.85
CA ALA B 259 -33.93 4.59 -26.17
C ALA B 259 -34.03 4.40 -27.68
N SER B 260 -34.36 5.47 -28.41
CA SER B 260 -34.41 5.37 -29.87
C SER B 260 -33.03 5.10 -30.46
N LEU B 261 -31.99 5.70 -29.89
CA LEU B 261 -30.63 5.39 -30.34
C LEU B 261 -30.27 3.93 -30.06
N LYS B 262 -30.69 3.41 -28.91
CA LYS B 262 -30.39 2.03 -28.56
C LYS B 262 -31.12 1.06 -29.49
N LYS B 263 -32.39 1.34 -29.80
CA LYS B 263 -33.20 0.46 -30.63
C LYS B 263 -32.60 0.31 -32.03
N ASN B 264 -32.54 1.41 -32.78
CA ASN B 264 -31.86 1.44 -34.06
C ASN B 264 -30.37 1.46 -33.78
N VAL B 265 -29.71 0.30 -33.97
CA VAL B 265 -28.35 0.08 -33.48
C VAL B 265 -27.42 1.20 -33.91
N TRP B 266 -26.85 1.90 -32.93
CA TRP B 266 -25.96 3.03 -33.15
C TRP B 266 -24.49 2.67 -32.93
N LEU B 267 -24.21 1.87 -31.90
CA LEU B 267 -22.87 1.36 -31.64
C LEU B 267 -22.81 -0.08 -32.11
N ASP B 268 -22.15 -0.31 -33.25
CA ASP B 268 -22.14 -1.67 -33.80
C ASP B 268 -20.81 -1.90 -34.53
N ARG B 269 -19.82 -2.41 -33.79
CA ARG B 269 -18.66 -3.09 -34.36
C ARG B 269 -17.76 -2.15 -35.16
N GLY B 270 -18.18 -0.90 -35.34
CA GLY B 270 -17.39 0.05 -36.09
C GLY B 270 -17.02 1.25 -35.25
N THR B 271 -17.72 1.43 -34.14
CA THR B 271 -17.45 2.54 -33.24
C THR B 271 -16.08 2.39 -32.60
N ARG B 272 -15.32 3.48 -32.55
CA ARG B 272 -14.01 3.48 -31.94
C ARG B 272 -13.87 4.46 -30.79
N ALA B 273 -14.83 5.36 -30.59
CA ALA B 273 -14.80 6.32 -29.49
C ALA B 273 -16.18 6.90 -29.30
N THR B 274 -16.44 7.41 -28.10
CA THR B 274 -17.71 8.04 -27.77
C THR B 274 -17.47 9.12 -26.72
N PHE B 275 -18.01 10.32 -26.97
CA PHE B 275 -17.81 11.46 -26.10
C PHE B 275 -19.16 11.92 -25.54
N ILE B 276 -19.13 12.38 -24.28
CA ILE B 276 -20.28 13.01 -23.64
C ILE B 276 -19.82 14.33 -23.05
N ASP B 277 -20.52 15.41 -23.38
CA ASP B 277 -20.12 16.75 -22.99
C ASP B 277 -21.30 17.51 -22.40
N PHE B 278 -21.03 18.28 -21.34
CA PHE B 278 -21.99 19.20 -20.77
C PHE B 278 -21.24 20.16 -19.85
N SER B 279 -21.96 21.14 -19.31
CA SER B 279 -21.35 22.15 -18.46
C SER B 279 -22.34 22.60 -17.40
N VAL B 280 -21.80 23.08 -16.27
CA VAL B 280 -22.59 23.59 -15.17
C VAL B 280 -21.98 24.91 -14.69
N TYR B 281 -22.79 25.69 -13.99
CA TYR B 281 -22.37 26.99 -13.47
C TYR B 281 -22.84 27.13 -12.03
N ASN B 282 -21.89 27.31 -11.12
CA ASN B 282 -22.19 27.48 -9.70
C ASN B 282 -22.27 28.97 -9.38
N ALA B 283 -23.38 29.40 -8.79
CA ALA B 283 -23.60 30.81 -8.53
C ALA B 283 -22.97 31.28 -7.22
N ASN B 284 -22.86 30.40 -6.23
CA ASN B 284 -22.28 30.80 -4.95
C ASN B 284 -20.82 31.23 -5.10
N ILE B 285 -20.05 30.51 -5.91
CA ILE B 285 -18.71 30.92 -6.29
C ILE B 285 -18.64 30.90 -7.81
N ASN B 286 -18.25 32.01 -8.43
CA ASN B 286 -18.34 32.09 -9.87
C ASN B 286 -17.35 31.16 -10.54
N LEU B 287 -17.83 30.01 -11.00
CA LEU B 287 -16.99 29.01 -11.63
C LEU B 287 -17.84 28.17 -12.58
N PHE B 288 -17.31 27.91 -13.77
CA PHE B 288 -17.89 26.94 -14.66
C PHE B 288 -17.17 25.60 -14.53
N CYS B 289 -17.82 24.55 -14.99
CA CYS B 289 -17.21 23.22 -14.99
C CYS B 289 -17.59 22.52 -16.29
N VAL B 290 -16.58 22.04 -17.02
CA VAL B 290 -16.78 21.31 -18.27
C VAL B 290 -16.43 19.85 -18.04
N VAL B 291 -17.37 18.96 -18.36
CA VAL B 291 -17.20 17.52 -18.18
C VAL B 291 -17.14 16.89 -19.57
N ARG B 292 -16.15 16.02 -19.77
CA ARG B 292 -15.93 15.37 -21.07
C ARG B 292 -15.60 13.90 -20.83
N LEU B 293 -16.64 13.06 -20.76
CA LEU B 293 -16.46 11.64 -20.55
C LEU B 293 -16.20 10.94 -21.87
N LEU B 294 -15.11 10.19 -21.93
CA LEU B 294 -14.69 9.50 -23.14
C LEU B 294 -14.63 8.00 -22.89
N VAL B 295 -15.24 7.24 -23.80
CA VAL B 295 -15.22 5.78 -23.75
C VAL B 295 -14.63 5.27 -25.06
N GLU B 296 -13.52 4.55 -24.99
CA GLU B 296 -12.81 4.07 -26.16
C GLU B 296 -13.12 2.60 -26.42
N PHE B 297 -13.32 2.26 -27.68
CA PHE B 297 -13.60 0.88 -28.07
C PHE B 297 -12.42 0.36 -28.89
N PRO B 298 -11.51 -0.40 -28.30
CA PRO B 298 -10.36 -0.90 -29.05
C PRO B 298 -10.78 -1.94 -30.08
N ALA B 299 -9.89 -2.16 -31.05
CA ALA B 299 -10.15 -3.13 -32.11
C ALA B 299 -10.24 -4.56 -31.59
N THR B 300 -9.79 -4.81 -30.37
CA THR B 300 -9.84 -6.14 -29.77
C THR B 300 -11.16 -6.42 -29.05
N GLY B 301 -11.69 -5.44 -28.35
CA GLY B 301 -12.92 -5.60 -27.60
C GLY B 301 -12.85 -4.88 -26.28
N GLY B 302 -14.02 -4.70 -25.65
CA GLY B 302 -14.09 -4.01 -24.38
C GLY B 302 -14.11 -2.50 -24.55
N VAL B 303 -14.08 -1.81 -23.42
CA VAL B 303 -14.11 -0.36 -23.37
C VAL B 303 -13.08 0.16 -22.39
N ILE B 304 -12.68 1.42 -22.59
CA ILE B 304 -11.75 2.12 -21.69
C ILE B 304 -12.31 3.51 -21.40
N PRO B 305 -12.71 3.80 -20.15
CA PRO B 305 -13.32 5.10 -19.85
C PRO B 305 -12.34 6.18 -19.42
N SER B 306 -12.76 7.44 -19.55
CA SER B 306 -11.98 8.59 -19.09
C SER B 306 -12.92 9.76 -18.86
N TRP B 307 -12.62 10.57 -17.84
CA TRP B 307 -13.56 11.61 -17.41
C TRP B 307 -13.04 13.04 -17.59
N GLN B 308 -11.88 13.36 -16.99
CA GLN B 308 -11.23 14.65 -17.20
C GLN B 308 -12.12 15.84 -16.85
N PHE B 309 -12.47 16.01 -15.58
CA PHE B 309 -13.21 17.19 -15.14
C PHE B 309 -12.29 18.41 -15.10
N GLN B 310 -12.86 19.59 -15.37
CA GLN B 310 -12.06 20.82 -15.41
C GLN B 310 -12.90 22.06 -15.10
N PRO B 311 -12.52 22.84 -14.09
CA PRO B 311 -13.26 24.07 -13.79
C PRO B 311 -12.81 25.24 -14.64
N LEU B 312 -13.66 26.26 -14.69
CA LEU B 312 -13.43 27.45 -15.50
C LEU B 312 -13.79 28.70 -14.71
N LYS B 313 -13.21 29.83 -15.10
CA LYS B 313 -13.55 31.14 -14.55
C LYS B 313 -13.63 32.14 -15.70
N LEU B 314 -14.84 32.39 -16.20
CA LEU B 314 -15.06 33.25 -17.36
C LEU B 314 -15.35 34.69 -16.96
N ILE B 315 -16.24 34.89 -16.00
CA ILE B 315 -16.64 36.24 -15.61
C ILE B 315 -15.64 36.79 -14.60
N ARG B 316 -15.05 37.94 -14.94
CA ARG B 316 -14.11 38.63 -14.06
C ARG B 316 -14.60 40.05 -13.81
N TYR B 317 -13.81 40.80 -13.05
CA TYR B 317 -14.12 42.18 -12.67
C TYR B 317 -15.45 42.25 -11.92
N VAL B 318 -15.60 41.38 -10.92
CA VAL B 318 -16.81 41.35 -10.11
C VAL B 318 -16.61 41.97 -8.73
N THR B 319 -15.41 41.87 -8.15
CA THR B 319 -15.09 42.49 -6.87
C THR B 319 -13.87 43.38 -7.02
N THR B 320 -13.67 44.26 -6.03
CA THR B 320 -12.56 45.19 -6.08
C THR B 320 -11.22 44.47 -6.18
N PHE B 321 -11.13 43.28 -5.57
CA PHE B 321 -9.91 42.49 -5.67
C PHE B 321 -9.57 42.16 -7.11
N ASP B 322 -10.58 42.02 -7.97
CA ASP B 322 -10.32 41.76 -9.39
C ASP B 322 -9.63 42.94 -10.06
N PHE B 323 -10.07 44.17 -9.75
CA PHE B 323 -9.38 45.34 -10.31
C PHE B 323 -7.99 45.50 -9.71
N PHE B 324 -7.82 45.12 -8.43
CA PHE B 324 -6.47 45.12 -7.86
C PHE B 324 -5.58 44.14 -8.60
N LEU B 325 -6.11 42.96 -8.94
CA LEU B 325 -5.36 41.99 -9.73
C LEU B 325 -5.04 42.51 -11.12
N ALA B 326 -5.97 43.25 -11.74
CA ALA B 326 -5.68 43.86 -13.02
C ALA B 326 -4.55 44.87 -12.92
N ALA B 327 -4.55 45.67 -11.86
CA ALA B 327 -3.49 46.64 -11.65
C ALA B 327 -2.13 45.95 -11.44
N CYS B 328 -2.12 44.89 -10.64
CA CYS B 328 -0.85 44.20 -10.43
C CYS B 328 -0.40 43.48 -11.70
N GLU B 329 -1.34 43.01 -12.52
CA GLU B 329 -0.97 42.43 -13.82
C GLU B 329 -0.33 43.45 -14.74
N ILE B 330 -0.88 44.67 -14.79
CA ILE B 330 -0.31 45.66 -15.70
C ILE B 330 1.04 46.13 -15.20
N ILE B 331 1.22 46.30 -13.89
CA ILE B 331 2.57 46.65 -13.44
C ILE B 331 3.51 45.46 -13.64
N PHE B 332 3.01 44.23 -13.57
CA PHE B 332 3.84 43.06 -13.85
C PHE B 332 4.36 43.07 -15.28
N CYS B 333 3.49 43.36 -16.25
CA CYS B 333 3.97 43.43 -17.62
C CYS B 333 4.89 44.64 -17.81
N PHE B 334 4.70 45.69 -17.00
CA PHE B 334 5.67 46.79 -17.00
C PHE B 334 7.06 46.31 -16.55
N PHE B 335 7.12 45.52 -15.48
CA PHE B 335 8.39 44.95 -15.05
C PHE B 335 8.98 44.04 -16.12
N ILE B 336 8.13 43.26 -16.79
CA ILE B 336 8.63 42.37 -17.84
C ILE B 336 9.26 43.19 -18.96
N PHE B 337 8.59 44.26 -19.39
CA PHE B 337 9.17 45.12 -20.43
C PHE B 337 10.47 45.77 -19.95
N TYR B 338 10.50 46.20 -18.68
CA TYR B 338 11.71 46.83 -18.16
C TYR B 338 12.88 45.86 -18.14
N TYR B 339 12.64 44.61 -17.71
CA TYR B 339 13.70 43.62 -17.73
C TYR B 339 14.17 43.31 -19.15
N VAL B 340 13.23 43.15 -20.09
CA VAL B 340 13.66 42.79 -21.44
C VAL B 340 14.44 43.93 -22.08
N VAL B 341 14.03 45.18 -21.83
CA VAL B 341 14.74 46.31 -22.42
C VAL B 341 16.10 46.50 -21.77
N GLU B 342 16.20 46.26 -20.46
CA GLU B 342 17.50 46.44 -19.80
C GLU B 342 18.43 45.26 -20.04
N GLU B 343 17.88 44.14 -20.50
CA GLU B 343 18.68 42.95 -20.79
C GLU B 343 19.06 42.82 -22.25
N ILE B 344 18.31 43.44 -23.16
CA ILE B 344 18.61 43.30 -24.58
C ILE B 344 19.71 44.26 -25.03
N LEU B 345 19.89 45.39 -24.34
CA LEU B 345 20.90 46.35 -24.73
C LEU B 345 22.30 45.95 -24.27
N GLU B 346 22.39 45.02 -23.33
CA GLU B 346 23.66 44.56 -22.78
C GLU B 346 24.13 43.24 -23.40
N ILE B 347 23.44 42.75 -24.43
CA ILE B 347 23.92 41.62 -25.22
C ILE B 347 24.71 42.21 -26.38
N ARG B 348 25.03 43.50 -26.28
CA ARG B 348 25.72 44.24 -27.33
C ARG B 348 27.21 43.92 -27.28
N ILE B 349 28.02 44.73 -27.97
CA ILE B 349 29.46 44.47 -28.07
C ILE B 349 30.08 44.20 -26.71
N HIS B 350 29.62 44.90 -25.69
CA HIS B 350 30.07 44.62 -24.33
C HIS B 350 29.27 43.46 -23.77
N LYS B 351 29.95 42.53 -23.09
CA LYS B 351 29.35 41.30 -22.59
C LYS B 351 28.71 40.51 -23.73
N LEU B 352 29.37 40.48 -24.90
CA LEU B 352 28.82 39.79 -26.05
C LEU B 352 28.85 38.27 -25.85
N HIS B 353 29.81 37.77 -25.07
CA HIS B 353 29.85 36.35 -24.71
C HIS B 353 28.89 36.09 -23.55
N TYR B 354 27.60 36.22 -23.87
CA TYR B 354 26.54 36.28 -22.87
C TYR B 354 25.90 34.93 -22.58
N PHE B 355 26.33 33.86 -23.25
CA PHE B 355 25.67 32.57 -23.15
C PHE B 355 26.33 31.65 -22.14
N ARG B 356 26.88 32.21 -21.06
CA ARG B 356 27.51 31.41 -20.01
C ARG B 356 27.03 31.81 -18.63
N SER B 357 27.65 31.23 -17.59
CA SER B 357 27.44 31.56 -16.18
C SER B 357 26.09 31.05 -15.67
N PHE B 358 25.24 30.53 -16.56
CA PHE B 358 24.01 29.83 -16.22
C PHE B 358 22.98 30.74 -15.57
N TRP B 359 23.35 31.99 -15.27
CA TRP B 359 22.42 32.98 -14.74
C TRP B 359 21.90 33.91 -15.82
N ASN B 360 22.78 34.36 -16.71
CA ASN B 360 22.36 35.16 -17.85
C ASN B 360 21.57 34.36 -18.86
N CYS B 361 21.77 33.04 -18.92
CA CYS B 361 21.02 32.18 -19.81
C CYS B 361 19.61 31.88 -19.29
N LEU B 362 19.36 32.12 -18.00
CA LEU B 362 18.05 31.89 -17.42
C LEU B 362 17.12 33.08 -17.58
N ASP B 363 17.68 34.29 -17.57
CA ASP B 363 16.89 35.50 -17.74
C ASP B 363 16.24 35.62 -19.09
N VAL B 364 16.68 34.90 -20.12
CA VAL B 364 15.99 34.84 -21.40
C VAL B 364 14.83 33.85 -21.35
N VAL B 365 15.01 32.74 -20.63
CA VAL B 365 13.90 31.81 -20.43
C VAL B 365 12.78 32.49 -19.65
N ILE B 366 13.15 33.28 -18.64
CA ILE B 366 12.14 34.00 -17.85
C ILE B 366 11.32 34.92 -18.74
N VAL B 367 11.98 35.71 -19.58
CA VAL B 367 11.25 36.68 -20.40
C VAL B 367 10.45 35.98 -21.50
N VAL B 368 10.97 34.88 -22.06
CA VAL B 368 10.19 34.13 -23.06
C VAL B 368 8.92 33.57 -22.44
N LEU B 369 9.05 32.95 -21.26
CA LEU B 369 7.88 32.40 -20.60
C LEU B 369 6.89 33.50 -20.22
N SER B 370 7.39 34.63 -19.72
CA SER B 370 6.50 35.73 -19.38
C SER B 370 5.78 36.28 -20.61
N VAL B 371 6.49 36.41 -21.73
CA VAL B 371 5.87 36.94 -22.95
C VAL B 371 4.79 35.99 -23.46
N VAL B 372 5.07 34.69 -23.48
CA VAL B 372 4.06 33.75 -23.96
C VAL B 372 2.87 33.70 -22.99
N ALA B 373 3.13 33.81 -21.68
CA ALA B 373 2.03 33.86 -20.73
C ALA B 373 1.16 35.10 -20.92
N ILE B 374 1.79 36.25 -21.15
CA ILE B 374 1.03 37.48 -21.38
C ILE B 374 0.22 37.36 -22.67
N GLY B 375 0.82 36.78 -23.72
CA GLY B 375 0.09 36.59 -24.95
C GLY B 375 -1.12 35.70 -24.78
N ILE B 376 -0.96 34.59 -24.05
CA ILE B 376 -2.09 33.71 -23.78
C ILE B 376 -3.15 34.44 -22.96
N ASN B 377 -2.74 35.21 -21.96
CA ASN B 377 -3.69 35.90 -21.11
C ASN B 377 -4.49 36.94 -21.88
N ILE B 378 -3.84 37.69 -22.79
CA ILE B 378 -4.56 38.70 -23.57
C ILE B 378 -5.32 38.10 -24.74
N TYR B 379 -4.98 36.89 -25.17
CA TYR B 379 -5.77 36.21 -26.18
C TYR B 379 -6.97 35.49 -25.59
N ARG B 380 -6.91 35.13 -24.31
CA ARG B 380 -7.97 34.39 -23.64
C ARG B 380 -9.01 35.30 -23.01
N THR B 381 -8.74 36.59 -22.89
CA THR B 381 -9.69 37.54 -22.33
C THR B 381 -10.54 38.23 -23.39
N SER B 382 -10.22 38.05 -24.67
CA SER B 382 -10.97 38.65 -25.76
C SER B 382 -12.07 37.74 -26.29
N ASN B 383 -12.20 36.52 -25.75
CA ASN B 383 -13.22 35.58 -26.20
C ASN B 383 -14.26 35.26 -25.13
N VAL B 384 -14.18 35.88 -23.95
CA VAL B 384 -15.11 35.62 -22.87
C VAL B 384 -16.48 36.19 -23.21
N GLU B 385 -16.52 37.11 -24.17
CA GLU B 385 -17.77 37.70 -24.63
C GLU B 385 -18.26 37.12 -25.95
N VAL B 386 -17.34 36.81 -26.87
CA VAL B 386 -17.73 36.27 -28.16
C VAL B 386 -18.38 34.90 -27.99
N LEU B 387 -17.81 34.05 -27.14
CA LEU B 387 -18.28 32.69 -26.98
C LEU B 387 -19.38 32.55 -25.92
N LEU B 388 -19.66 33.60 -25.15
CA LEU B 388 -20.81 33.63 -24.27
C LEU B 388 -22.02 34.30 -24.90
N GLN B 389 -22.15 34.20 -26.23
CA GLN B 389 -23.40 34.55 -26.88
C GLN B 389 -24.50 33.55 -26.56
N PHE B 390 -24.16 32.45 -25.90
CA PHE B 390 -25.14 31.47 -25.43
C PHE B 390 -26.17 32.09 -24.48
N LEU B 391 -25.84 33.20 -23.83
CA LEU B 391 -26.80 33.84 -22.93
C LEU B 391 -28.05 34.31 -23.66
N GLU B 392 -27.96 34.55 -24.97
CA GLU B 392 -29.15 34.93 -25.73
C GLU B 392 -30.12 33.77 -25.88
N ASP B 393 -29.62 32.59 -26.24
CA ASP B 393 -30.45 31.41 -26.46
C ASP B 393 -29.89 30.24 -25.65
N GLN B 394 -30.54 29.93 -24.54
CA GLN B 394 -30.13 28.84 -23.67
C GLN B 394 -30.86 27.54 -24.01
N ASN B 395 -30.74 27.11 -25.27
CA ASN B 395 -31.40 25.90 -25.74
C ASN B 395 -30.45 25.00 -26.53
N THR B 396 -29.27 25.51 -26.89
CA THR B 396 -28.31 24.78 -27.71
C THR B 396 -27.14 24.35 -26.85
N PHE B 397 -26.12 23.79 -27.49
CA PHE B 397 -24.97 23.26 -26.78
C PHE B 397 -23.90 24.34 -26.62
N PRO B 398 -23.52 24.70 -25.40
CA PRO B 398 -22.43 25.67 -25.20
C PRO B 398 -21.07 25.01 -25.32
N ASN B 399 -20.29 25.46 -26.30
CA ASN B 399 -18.97 24.86 -26.58
C ASN B 399 -17.92 25.63 -25.79
N PHE B 400 -17.37 25.02 -24.74
CA PHE B 400 -16.40 25.65 -23.86
C PHE B 400 -15.08 24.89 -23.82
N GLU B 401 -14.81 24.03 -24.80
CA GLU B 401 -13.60 23.20 -24.76
C GLU B 401 -12.34 24.05 -24.87
N HIS B 402 -12.33 25.02 -25.79
CA HIS B 402 -11.13 25.82 -26.02
C HIS B 402 -10.78 26.66 -24.80
N LEU B 403 -11.79 27.19 -24.12
CA LEU B 403 -11.54 27.97 -22.91
C LEU B 403 -10.87 27.12 -21.84
N ALA B 404 -11.34 25.88 -21.65
CA ALA B 404 -10.71 25.00 -20.67
C ALA B 404 -9.29 24.64 -21.08
N TYR B 405 -9.07 24.38 -22.37
CA TYR B 405 -7.73 24.07 -22.86
C TYR B 405 -6.77 25.22 -22.58
N TRP B 406 -7.21 26.45 -22.81
CA TRP B 406 -6.34 27.59 -22.58
C TRP B 406 -6.16 27.89 -21.10
N GLN B 407 -7.17 27.62 -20.28
CA GLN B 407 -6.96 27.64 -18.83
C GLN B 407 -5.84 26.71 -18.42
N ILE B 408 -5.87 25.47 -18.92
CA ILE B 408 -4.83 24.50 -18.55
C ILE B 408 -3.47 24.98 -19.01
N GLN B 409 -3.38 25.45 -20.25
CA GLN B 409 -2.08 25.91 -20.77
C GLN B 409 -1.56 27.10 -19.98
N PHE B 410 -2.42 28.07 -19.68
CA PHE B 410 -1.98 29.25 -18.94
C PHE B 410 -1.55 28.88 -17.53
N ASN B 411 -2.27 27.98 -16.87
CA ASN B 411 -1.88 27.56 -15.52
C ASN B 411 -0.54 26.87 -15.54
N ASN B 412 -0.31 25.99 -16.52
CA ASN B 412 0.98 25.30 -16.61
C ASN B 412 2.12 26.30 -16.83
N ILE B 413 1.90 27.24 -17.75
CA ILE B 413 2.95 28.23 -18.05
C ILE B 413 3.24 29.08 -16.84
N ALA B 414 2.20 29.53 -16.13
CA ALA B 414 2.41 30.36 -14.94
C ALA B 414 3.15 29.58 -13.86
N ALA B 415 2.80 28.32 -13.65
CA ALA B 415 3.48 27.52 -12.63
C ALA B 415 4.96 27.36 -12.97
N VAL B 416 5.26 27.08 -14.24
CA VAL B 416 6.67 26.93 -14.64
C VAL B 416 7.41 28.24 -14.45
N THR B 417 6.79 29.36 -14.83
CA THR B 417 7.43 30.66 -14.71
C THR B 417 7.74 31.00 -13.25
N VAL B 418 6.78 30.77 -12.36
CA VAL B 418 7.01 31.09 -10.95
C VAL B 418 8.06 30.15 -10.36
N PHE B 419 8.08 28.88 -10.77
CA PHE B 419 9.12 27.98 -10.28
C PHE B 419 10.51 28.47 -10.69
N PHE B 420 10.66 28.90 -11.95
CA PHE B 420 11.96 29.38 -12.40
C PHE B 420 12.35 30.68 -11.71
N VAL B 421 11.39 31.59 -11.52
CA VAL B 421 11.67 32.83 -10.82
C VAL B 421 12.10 32.55 -9.38
N TRP B 422 11.45 31.59 -8.73
CA TRP B 422 11.83 31.24 -7.36
C TRP B 422 13.23 30.66 -7.30
N ILE B 423 13.57 29.75 -8.23
CA ILE B 423 14.89 29.14 -8.17
C ILE B 423 15.97 30.09 -8.66
N LYS B 424 15.61 31.21 -9.28
CA LYS B 424 16.59 32.22 -9.64
C LYS B 424 17.14 32.97 -8.42
N LEU B 425 16.56 32.78 -7.23
CA LEU B 425 16.97 33.48 -6.02
C LEU B 425 18.42 33.20 -5.61
N PHE B 426 19.02 32.11 -6.11
CA PHE B 426 20.37 31.75 -5.66
C PHE B 426 21.41 32.78 -6.09
N LYS B 427 21.16 33.51 -7.17
CA LYS B 427 22.19 34.40 -7.69
C LYS B 427 22.45 35.61 -6.80
N PHE B 428 21.49 35.99 -5.96
CA PHE B 428 21.66 37.13 -5.06
C PHE B 428 22.25 36.74 -3.72
N ILE B 429 21.89 35.58 -3.18
CA ILE B 429 22.44 35.12 -1.90
C ILE B 429 23.89 34.68 -2.02
N ASN B 430 24.40 34.51 -3.24
CA ASN B 430 25.77 34.06 -3.45
C ASN B 430 26.80 35.16 -3.25
N PHE B 431 26.38 36.43 -3.33
CA PHE B 431 27.32 37.54 -3.23
C PHE B 431 27.78 37.83 -1.81
N ASN B 432 27.12 37.26 -0.80
CA ASN B 432 27.63 37.31 0.56
C ASN B 432 28.68 36.22 0.70
N ARG B 433 29.18 35.99 1.92
CA ARG B 433 30.29 35.05 2.13
C ARG B 433 29.94 33.59 1.78
N THR B 434 28.77 33.37 1.18
CA THR B 434 28.36 32.05 0.72
C THR B 434 29.13 31.60 -0.52
N MET B 435 29.93 32.48 -1.16
CA MET B 435 30.56 32.12 -2.41
C MET B 435 31.47 30.90 -2.28
N SER B 436 32.21 30.79 -1.17
CA SER B 436 33.09 29.65 -0.97
C SER B 436 32.35 28.35 -0.76
N GLN B 437 31.07 28.42 -0.38
CA GLN B 437 30.28 27.22 -0.21
C GLN B 437 29.59 26.90 -1.54
N LEU B 438 28.74 27.83 -1.97
CA LEU B 438 28.00 27.70 -3.21
C LEU B 438 28.92 27.38 -4.38
N SER B 439 29.91 28.25 -4.59
CA SER B 439 30.88 28.10 -5.68
C SER B 439 31.46 26.70 -5.79
N THR B 440 32.22 26.29 -4.77
CA THR B 440 32.84 24.98 -4.76
C THR B 440 31.80 23.88 -4.98
N THR B 441 30.68 23.94 -4.26
CA THR B 441 29.70 22.87 -4.36
C THR B 441 29.15 22.71 -5.77
N MET B 442 28.89 23.84 -6.44
CA MET B 442 28.32 23.81 -7.79
C MET B 442 29.33 23.82 -8.92
N SER B 443 30.62 23.79 -8.59
CA SER B 443 31.64 23.79 -9.65
C SER B 443 32.40 22.49 -9.71
N ARG B 444 33.22 22.25 -8.70
CA ARG B 444 34.05 21.05 -8.65
C ARG B 444 33.25 19.77 -8.40
N CYS B 445 32.03 19.87 -7.88
CA CYS B 445 31.23 18.69 -7.54
C CYS B 445 29.99 18.51 -8.39
N ALA B 446 29.30 19.58 -8.77
CA ALA B 446 28.13 19.45 -9.62
C ALA B 446 28.50 19.28 -11.09
N LYS B 447 29.78 19.38 -11.43
CA LYS B 447 30.24 19.21 -12.80
C LYS B 447 30.79 17.81 -13.08
N ASP B 448 31.49 17.21 -12.12
CA ASP B 448 32.10 15.90 -12.38
C ASP B 448 31.14 14.73 -12.21
N LEU B 449 29.98 14.94 -11.56
CA LEU B 449 28.94 13.91 -11.67
C LEU B 449 28.44 13.79 -13.11
N PHE B 450 28.16 14.91 -13.76
CA PHE B 450 27.65 14.90 -15.11
C PHE B 450 28.64 14.32 -16.11
N GLY B 451 29.91 14.18 -15.74
CA GLY B 451 30.87 13.51 -16.59
C GLY B 451 30.69 12.00 -16.58
N PHE B 452 31.01 11.36 -15.47
CA PHE B 452 30.80 9.91 -15.33
C PHE B 452 29.55 9.62 -14.50
N ALA B 453 28.40 9.80 -15.15
CA ALA B 453 27.12 9.34 -14.64
C ALA B 453 26.31 8.61 -15.70
N ILE B 454 26.86 8.50 -16.92
CA ILE B 454 26.13 7.82 -17.99
C ILE B 454 26.08 6.32 -17.76
N MET B 455 26.97 5.77 -16.93
CA MET B 455 26.95 4.35 -16.63
C MET B 455 25.67 4.00 -15.86
N PRO B 456 25.29 4.77 -14.83
CA PRO B 456 23.94 4.67 -14.30
C PRO B 456 22.85 4.83 -15.35
N PHE B 457 23.09 5.62 -16.38
CA PHE B 457 22.10 6.02 -17.37
C PHE B 457 21.89 4.97 -18.45
N ILE B 458 22.98 4.47 -19.03
CA ILE B 458 22.89 3.46 -20.08
C ILE B 458 22.29 2.17 -19.52
N ILE B 459 22.72 1.75 -18.33
CA ILE B 459 22.16 0.54 -17.72
C ILE B 459 20.72 0.75 -17.26
N PHE B 460 20.33 1.97 -16.93
CA PHE B 460 18.95 2.26 -16.61
C PHE B 460 18.04 2.09 -17.83
N LEU B 461 18.42 2.65 -18.97
CA LEU B 461 17.65 2.44 -20.19
C LEU B 461 17.73 1.01 -20.72
N ALA B 462 18.85 0.32 -20.55
CA ALA B 462 18.91 -1.08 -20.93
C ALA B 462 17.94 -1.92 -20.11
N TYR B 463 17.90 -1.67 -18.80
CA TYR B 463 16.94 -2.37 -17.94
C TYR B 463 15.50 -2.02 -18.31
N ALA B 464 15.25 -0.76 -18.65
CA ALA B 464 13.91 -0.35 -19.07
C ALA B 464 13.49 -1.10 -20.33
N GLN B 465 14.40 -1.20 -21.31
CA GLN B 465 14.09 -1.92 -22.54
C GLN B 465 13.87 -3.41 -22.27
N LEU B 466 14.68 -4.00 -21.38
CA LEU B 466 14.50 -5.41 -21.04
C LEU B 466 13.15 -5.64 -20.39
N ALA B 467 12.76 -4.77 -19.46
CA ALA B 467 11.45 -4.89 -18.82
C ALA B 467 10.31 -4.69 -19.80
N TYR B 468 10.47 -3.77 -20.76
CA TYR B 468 9.43 -3.55 -21.75
C TYR B 468 9.30 -4.74 -22.70
N LEU B 469 10.40 -5.40 -23.02
CA LEU B 469 10.32 -6.56 -23.90
C LEU B 469 9.78 -7.79 -23.19
N VAL B 470 10.19 -8.01 -21.94
CA VAL B 470 9.72 -9.19 -21.21
C VAL B 470 8.28 -8.99 -20.74
N PHE B 471 8.06 -7.98 -19.92
CA PHE B 471 6.72 -7.62 -19.46
C PHE B 471 6.10 -6.68 -20.49
N GLY B 472 4.99 -6.04 -20.13
CA GLY B 472 4.35 -5.05 -20.97
C GLY B 472 3.20 -5.59 -21.80
N THR B 473 3.13 -6.90 -21.99
CA THR B 473 1.96 -7.54 -22.57
C THR B 473 1.11 -8.23 -21.52
N GLN B 474 1.55 -8.23 -20.26
CA GLN B 474 0.83 -8.89 -19.19
C GLN B 474 0.63 -7.95 -18.01
N VAL B 475 1.54 -6.99 -17.86
CA VAL B 475 1.55 -6.05 -16.73
C VAL B 475 1.26 -4.65 -17.26
N ASP B 476 0.34 -3.95 -16.60
CA ASP B 476 -0.04 -2.61 -17.04
C ASP B 476 1.06 -1.59 -16.82
N ASP B 477 1.92 -1.81 -15.83
CA ASP B 477 2.98 -0.86 -15.50
C ASP B 477 4.16 -0.91 -16.47
N PHE B 478 4.22 -1.92 -17.34
CA PHE B 478 5.36 -2.08 -18.23
C PHE B 478 5.01 -1.94 -19.70
N SER B 479 3.74 -1.73 -20.04
CA SER B 479 3.41 -1.29 -21.38
C SER B 479 3.72 0.19 -21.52
N THR B 480 3.70 0.69 -22.77
CA THR B 480 3.91 2.12 -23.03
C THR B 480 5.25 2.58 -22.45
N PHE B 481 6.33 2.24 -23.14
CA PHE B 481 7.72 2.20 -22.66
C PHE B 481 8.06 3.23 -21.60
N GLN B 482 7.61 4.49 -21.74
CA GLN B 482 7.87 5.48 -20.70
C GLN B 482 7.39 5.03 -19.32
N GLU B 483 6.30 4.25 -19.27
CA GLU B 483 5.86 3.74 -17.98
C GLU B 483 6.86 2.74 -17.40
N CYS B 484 7.70 2.13 -18.23
CA CYS B 484 8.79 1.33 -17.67
C CYS B 484 9.76 2.23 -16.91
N ILE B 485 10.06 3.41 -17.45
CA ILE B 485 10.93 4.36 -16.74
C ILE B 485 10.29 4.77 -15.42
N PHE B 486 9.00 5.11 -15.46
CA PHE B 486 8.33 5.55 -14.23
C PHE B 486 8.26 4.43 -13.20
N THR B 487 7.98 3.20 -13.65
CA THR B 487 7.93 2.06 -12.74
C THR B 487 9.30 1.77 -12.13
N GLN B 488 10.37 1.93 -12.92
CA GLN B 488 11.70 1.74 -12.37
C GLN B 488 12.01 2.81 -11.32
N PHE B 489 11.61 4.05 -11.57
CA PHE B 489 11.79 5.09 -10.56
C PHE B 489 11.04 4.75 -9.28
N ARG B 490 9.79 4.28 -9.40
CA ARG B 490 9.03 3.91 -8.22
C ARG B 490 9.64 2.72 -7.49
N ILE B 491 10.17 1.74 -8.23
CA ILE B 491 10.81 0.59 -7.62
C ILE B 491 12.05 1.02 -6.83
N ILE B 492 12.85 1.93 -7.41
CA ILE B 492 14.01 2.45 -6.69
C ILE B 492 13.55 3.17 -5.43
N LEU B 493 12.51 3.99 -5.52
CA LEU B 493 12.02 4.70 -4.34
C LEU B 493 11.47 3.73 -3.30
N GLY B 494 10.73 2.72 -3.72
CA GLY B 494 10.22 1.74 -2.78
C GLY B 494 8.78 1.32 -3.01
N ASP B 495 8.16 1.78 -4.08
CA ASP B 495 6.78 1.42 -4.41
C ASP B 495 6.81 0.16 -5.25
N ILE B 496 6.62 -0.98 -4.60
CA ILE B 496 6.78 -2.29 -5.22
C ILE B 496 5.42 -2.96 -5.35
N ASN B 497 5.21 -3.61 -6.49
CA ASN B 497 4.02 -4.40 -6.78
C ASN B 497 4.42 -5.81 -7.20
N PHE B 498 5.30 -6.43 -6.42
CA PHE B 498 6.00 -7.65 -6.81
C PHE B 498 5.07 -8.81 -7.14
N ALA B 499 3.82 -8.78 -6.66
CA ALA B 499 2.92 -9.90 -6.92
C ALA B 499 2.64 -10.06 -8.41
N GLU B 500 2.38 -8.97 -9.12
CA GLU B 500 2.05 -9.06 -10.53
C GLU B 500 3.27 -9.47 -11.36
N ILE B 501 4.46 -8.99 -11.00
CA ILE B 501 5.67 -9.41 -11.69
C ILE B 501 5.92 -10.90 -11.46
N GLU B 502 5.72 -11.37 -10.23
CA GLU B 502 5.88 -12.79 -9.95
C GLU B 502 4.88 -13.63 -10.74
N GLU B 503 3.63 -13.16 -10.84
CA GLU B 503 2.61 -13.91 -11.55
C GLU B 503 2.86 -13.93 -13.06
N ALA B 504 3.38 -12.83 -13.61
CA ALA B 504 3.57 -12.75 -15.06
C ALA B 504 4.65 -13.72 -15.53
N ASN B 505 5.88 -13.54 -15.06
CA ASN B 505 6.98 -14.44 -15.39
C ASN B 505 7.61 -14.91 -14.10
N ARG B 506 7.64 -16.22 -13.88
CA ARG B 506 8.16 -16.83 -12.65
C ARG B 506 9.67 -17.04 -12.58
N VAL B 507 10.36 -16.74 -13.66
CA VAL B 507 11.81 -16.91 -13.69
C VAL B 507 12.53 -15.58 -13.91
N LEU B 508 12.23 -14.88 -15.01
CA LEU B 508 12.92 -13.63 -15.30
C LEU B 508 12.44 -12.47 -14.43
N GLY B 509 11.26 -12.59 -13.84
CA GLY B 509 10.74 -11.55 -12.98
C GLY B 509 11.61 -11.30 -11.76
N PRO B 510 11.74 -12.31 -10.90
CA PRO B 510 12.63 -12.17 -9.74
C PRO B 510 14.07 -11.88 -10.11
N ILE B 511 14.58 -12.49 -11.18
CA ILE B 511 15.95 -12.25 -11.59
C ILE B 511 16.14 -10.78 -11.95
N TYR B 512 15.23 -10.24 -12.77
CA TYR B 512 15.30 -8.83 -13.14
C TYR B 512 15.21 -7.94 -11.91
N PHE B 513 14.27 -8.23 -11.01
CA PHE B 513 14.08 -7.37 -9.84
C PHE B 513 15.33 -7.35 -8.98
N THR B 514 15.84 -8.51 -8.60
CA THR B 514 17.00 -8.57 -7.73
C THR B 514 18.24 -7.99 -8.39
N THR B 515 18.48 -8.31 -9.68
CA THR B 515 19.65 -7.79 -10.35
C THR B 515 19.60 -6.27 -10.47
N PHE B 516 18.43 -5.72 -10.80
CA PHE B 516 18.30 -4.28 -10.91
C PHE B 516 18.56 -3.60 -9.57
N VAL B 517 17.91 -4.08 -8.51
CA VAL B 517 18.08 -3.46 -7.20
C VAL B 517 19.52 -3.57 -6.73
N PHE B 518 20.18 -4.70 -6.97
CA PHE B 518 21.56 -4.85 -6.56
C PHE B 518 22.49 -3.91 -7.35
N PHE B 519 22.37 -3.94 -8.68
CA PHE B 519 23.36 -3.26 -9.52
C PHE B 519 23.20 -1.74 -9.47
N MET B 520 21.99 -1.21 -9.31
CA MET B 520 21.84 0.24 -9.22
C MET B 520 22.62 0.80 -8.04
N PHE B 521 22.40 0.24 -6.84
CA PHE B 521 23.11 0.72 -5.66
C PHE B 521 24.58 0.37 -5.73
N PHE B 522 24.94 -0.77 -6.32
CA PHE B 522 26.35 -1.13 -6.48
C PHE B 522 27.08 -0.06 -7.29
N ILE B 523 26.53 0.33 -8.43
CA ILE B 523 27.21 1.29 -9.30
C ILE B 523 27.14 2.68 -8.70
N LEU B 524 26.06 3.02 -7.98
CA LEU B 524 26.01 4.30 -7.31
C LEU B 524 27.10 4.42 -6.26
N LEU B 525 27.25 3.39 -5.43
CA LEU B 525 28.27 3.40 -4.39
C LEU B 525 29.64 3.52 -5.04
N ASN B 526 29.84 2.80 -6.12
CA ASN B 526 31.11 2.82 -6.84
C ASN B 526 31.46 4.24 -7.29
N MET B 527 30.51 4.92 -7.92
CA MET B 527 30.75 6.28 -8.40
C MET B 527 31.00 7.24 -7.24
N PHE B 528 30.32 7.04 -6.12
CA PHE B 528 30.51 7.87 -4.95
C PHE B 528 31.96 7.74 -4.51
N LEU B 529 32.41 6.49 -4.41
CA LEU B 529 33.79 6.22 -4.01
C LEU B 529 34.77 6.88 -4.99
N ALA B 530 34.49 6.75 -6.28
CA ALA B 530 35.32 7.34 -7.29
C ALA B 530 35.46 8.85 -7.05
N ILE B 531 34.34 9.54 -6.87
CA ILE B 531 34.40 10.98 -6.66
C ILE B 531 35.12 11.36 -5.36
N ILE B 532 34.96 10.55 -4.32
CA ILE B 532 35.63 10.82 -3.06
C ILE B 532 37.13 10.77 -3.31
N ASN B 533 37.56 9.72 -3.99
CA ASN B 533 38.97 9.55 -4.29
C ASN B 533 39.52 10.66 -5.19
N ASP B 534 38.69 11.13 -6.13
CA ASP B 534 39.10 12.20 -7.02
C ASP B 534 39.32 13.47 -6.22
N THR B 535 38.42 13.71 -5.26
CA THR B 535 38.52 14.88 -4.39
C THR B 535 39.78 14.78 -3.54
N TYR B 536 40.08 13.57 -3.07
CA TYR B 536 41.27 13.32 -2.26
C TYR B 536 42.57 13.43 -3.05
N SER B 537 42.50 13.22 -4.36
CA SER B 537 43.66 13.33 -5.24
C SER B 537 43.73 14.71 -5.86
N GLU B 538 42.73 15.54 -5.59
CA GLU B 538 42.69 16.90 -6.12
C GLU B 538 43.34 17.88 -5.17
CA LYS C 67 45.98 2.34 -38.07
C LYS C 67 45.16 2.20 -36.80
N TYR C 68 45.60 2.88 -35.74
CA TYR C 68 44.88 2.81 -34.46
C TYR C 68 43.52 3.47 -34.56
N LEU C 69 43.47 4.67 -35.13
CA LEU C 69 42.21 5.41 -35.22
C LEU C 69 41.25 4.75 -36.20
N LYS C 70 41.75 4.34 -37.36
CA LYS C 70 40.86 3.79 -38.38
C LYS C 70 40.24 2.48 -37.92
N SER C 71 41.01 1.62 -37.24
CA SER C 71 40.49 0.35 -36.78
C SER C 71 39.37 0.54 -35.76
N VAL C 72 39.59 1.43 -34.78
CA VAL C 72 38.57 1.64 -33.76
C VAL C 72 37.34 2.32 -34.35
N LEU C 73 37.53 3.24 -35.30
CA LEU C 73 36.37 3.85 -35.96
C LEU C 73 35.58 2.83 -36.77
N ARG C 74 36.28 1.92 -37.46
CA ARG C 74 35.58 0.87 -38.20
C ARG C 74 34.79 -0.04 -37.25
N GLU C 75 35.40 -0.42 -36.12
CA GLU C 75 34.70 -1.24 -35.14
C GLU C 75 33.48 -0.51 -34.61
N LEU C 76 33.62 0.78 -34.32
CA LEU C 76 32.52 1.55 -33.78
C LEU C 76 31.37 1.64 -34.78
N VAL C 77 31.69 1.89 -36.06
CA VAL C 77 30.62 2.06 -37.03
C VAL C 77 29.92 0.74 -37.32
N THR C 78 30.67 -0.36 -37.40
CA THR C 78 30.02 -1.65 -37.63
C THR C 78 29.18 -2.07 -36.44
N TYR C 79 29.65 -1.79 -35.22
CA TYR C 79 28.86 -2.08 -34.04
C TYR C 79 27.60 -1.23 -34.00
N LEU C 80 27.69 0.03 -34.42
CA LEU C 80 26.51 0.89 -34.47
C LEU C 80 25.50 0.37 -35.48
N LEU C 81 25.98 -0.10 -36.64
CA LEU C 81 25.06 -0.68 -37.62
C LEU C 81 24.39 -1.93 -37.06
N PHE C 82 25.16 -2.79 -36.39
CA PHE C 82 24.57 -3.97 -35.76
C PHE C 82 23.52 -3.58 -34.72
N LEU C 83 23.82 -2.58 -33.90
CA LEU C 83 22.90 -2.15 -32.85
C LEU C 83 21.62 -1.59 -33.45
N ILE C 84 21.72 -0.76 -34.48
CA ILE C 84 20.50 -0.19 -35.07
C ILE C 84 19.68 -1.27 -35.76
N VAL C 85 20.33 -2.25 -36.39
CA VAL C 85 19.59 -3.35 -37.01
C VAL C 85 18.83 -4.14 -35.93
N LEU C 86 19.51 -4.45 -34.82
CA LEU C 86 18.85 -5.18 -33.75
C LEU C 86 17.70 -4.38 -33.16
N CYS C 87 17.89 -3.08 -32.97
CA CYS C 87 16.85 -2.24 -32.39
C CYS C 87 15.63 -2.16 -33.31
N ILE C 88 15.86 -2.01 -34.62
CA ILE C 88 14.72 -1.93 -35.54
C ILE C 88 14.01 -3.27 -35.62
N LEU C 89 14.75 -4.38 -35.54
CA LEU C 89 14.12 -5.69 -35.51
C LEU C 89 13.23 -5.84 -34.28
N THR C 90 13.74 -5.46 -33.11
CA THR C 90 12.95 -5.58 -31.89
C THR C 90 11.72 -4.67 -31.93
N TYR C 91 11.87 -3.45 -32.45
CA TYR C 91 10.74 -2.55 -32.55
C TYR C 91 9.67 -3.09 -33.49
N GLY C 92 10.09 -3.65 -34.63
CA GLY C 92 9.15 -4.22 -35.57
C GLY C 92 8.41 -5.43 -35.04
N MET C 93 9.14 -6.35 -34.40
CA MET C 93 8.50 -7.56 -33.90
C MET C 93 7.57 -7.30 -32.71
N MET C 94 7.88 -6.31 -31.88
CA MET C 94 7.08 -6.03 -30.68
C MET C 94 5.91 -5.13 -31.08
N SER C 95 4.71 -5.70 -31.08
CA SER C 95 3.52 -4.94 -31.45
C SER C 95 3.11 -4.00 -30.32
N SER C 96 2.17 -3.11 -30.63
CA SER C 96 1.70 -2.12 -29.68
C SER C 96 0.25 -2.39 -29.29
N ASN C 97 -0.10 -1.96 -28.07
CA ASN C 97 -1.45 -2.11 -27.53
C ASN C 97 -1.90 -3.56 -27.51
N VAL C 98 -0.95 -4.47 -27.27
CA VAL C 98 -1.29 -5.87 -27.10
C VAL C 98 -1.78 -6.16 -25.69
N TYR C 99 -1.38 -5.35 -24.71
CA TYR C 99 -1.76 -5.59 -23.32
C TYR C 99 -3.26 -5.58 -23.12
N TYR C 100 -3.99 -4.74 -23.86
CA TYR C 100 -5.42 -4.62 -23.64
C TYR C 100 -6.17 -5.87 -24.11
N TYR C 101 -5.64 -6.58 -25.09
CA TYR C 101 -6.26 -7.82 -25.55
C TYR C 101 -6.29 -8.87 -24.42
N THR C 102 -5.12 -9.11 -23.83
CA THR C 102 -5.04 -10.05 -22.71
C THR C 102 -5.77 -9.51 -21.49
N ARG C 103 -5.77 -8.19 -21.30
CA ARG C 103 -6.51 -7.60 -20.18
C ARG C 103 -8.00 -7.88 -20.30
N MET C 104 -8.57 -7.71 -21.50
CA MET C 104 -9.99 -7.98 -21.70
C MET C 104 -10.29 -9.46 -21.53
N MET C 105 -9.44 -10.33 -22.08
CA MET C 105 -9.65 -11.77 -21.90
C MET C 105 -9.64 -12.14 -20.42
N SER C 106 -8.65 -11.66 -19.68
CA SER C 106 -8.53 -12.00 -18.27
C SER C 106 -9.67 -11.42 -17.45
N GLN C 107 -10.10 -10.19 -17.75
CA GLN C 107 -11.24 -9.62 -17.04
C GLN C 107 -12.51 -10.42 -17.32
N LEU C 108 -12.70 -10.86 -18.56
CA LEU C 108 -13.90 -11.62 -18.89
C LEU C 108 -13.90 -12.98 -18.20
N PHE C 109 -12.75 -13.65 -18.12
CA PHE C 109 -12.73 -15.04 -17.67
C PHE C 109 -12.41 -15.22 -16.19
N LEU C 110 -11.76 -14.25 -15.54
CA LEU C 110 -11.30 -14.42 -14.17
C LEU C 110 -11.98 -13.50 -13.17
N ASP C 111 -12.71 -12.47 -13.63
CA ASP C 111 -13.29 -11.49 -12.71
C ASP C 111 -14.81 -11.59 -12.60
N THR C 112 -15.49 -12.13 -13.60
CA THR C 112 -16.94 -12.27 -13.52
C THR C 112 -17.29 -13.31 -12.47
N PRO C 113 -18.28 -13.03 -11.61
CA PRO C 113 -18.69 -14.01 -10.61
C PRO C 113 -19.20 -15.28 -11.26
N VAL C 114 -18.97 -16.41 -10.58
CA VAL C 114 -19.37 -17.71 -11.10
C VAL C 114 -20.89 -17.82 -11.21
N SER C 115 -21.63 -17.02 -10.46
CA SER C 115 -23.08 -17.02 -10.52
C SER C 115 -23.58 -15.62 -10.22
N LYS C 116 -24.83 -15.35 -10.61
CA LYS C 116 -25.41 -14.02 -10.38
C LYS C 116 -25.61 -13.77 -8.88
N THR C 117 -26.05 -14.78 -8.13
CA THR C 117 -26.26 -14.60 -6.70
C THR C 117 -24.94 -14.63 -5.94
N GLU C 118 -23.96 -15.42 -6.40
CA GLU C 118 -22.70 -15.55 -5.71
C GLU C 118 -21.75 -14.42 -6.11
N LYS C 119 -20.74 -14.21 -5.27
CA LYS C 119 -19.69 -13.22 -5.53
C LYS C 119 -18.32 -13.86 -5.70
N THR C 120 -18.26 -15.18 -5.88
CA THR C 120 -17.00 -15.87 -6.05
C THR C 120 -16.60 -15.90 -7.53
N ASN C 121 -15.32 -15.69 -7.78
CA ASN C 121 -14.78 -15.72 -9.15
C ASN C 121 -13.66 -16.76 -9.21
N PHE C 122 -13.07 -16.89 -10.40
CA PHE C 122 -12.01 -17.87 -10.60
C PHE C 122 -10.77 -17.54 -9.79
N LYS C 123 -10.43 -16.26 -9.66
CA LYS C 123 -9.20 -15.88 -8.96
C LYS C 123 -9.20 -16.32 -7.51
N THR C 124 -10.38 -16.47 -6.91
CA THR C 124 -10.52 -16.90 -5.52
C THR C 124 -11.48 -18.09 -5.48
N LEU C 125 -10.95 -19.28 -5.68
CA LEU C 125 -11.72 -20.52 -5.58
C LEU C 125 -11.36 -21.25 -4.29
N SER C 126 -12.32 -22.01 -3.77
CA SER C 126 -12.17 -22.61 -2.45
C SER C 126 -12.45 -24.11 -2.39
N SER C 127 -13.30 -24.66 -3.26
CA SER C 127 -13.67 -26.06 -3.15
C SER C 127 -14.14 -26.56 -4.51
N MET C 128 -14.43 -27.87 -4.56
CA MET C 128 -14.91 -28.49 -5.80
C MET C 128 -16.30 -28.00 -6.19
N GLU C 129 -17.13 -27.64 -5.21
CA GLU C 129 -18.43 -27.07 -5.54
C GLU C 129 -18.29 -25.76 -6.29
N ASP C 130 -17.35 -24.90 -5.86
CA ASP C 130 -17.09 -23.66 -6.57
C ASP C 130 -16.59 -23.93 -7.98
N PHE C 131 -15.72 -24.93 -8.14
CA PHE C 131 -15.22 -25.26 -9.48
C PHE C 131 -16.35 -25.76 -10.38
N TRP C 132 -17.24 -26.59 -9.85
CA TRP C 132 -18.36 -27.06 -10.65
C TRP C 132 -19.30 -25.91 -11.01
N LYS C 133 -19.52 -24.97 -10.08
CA LYS C 133 -20.34 -23.82 -10.38
C LYS C 133 -19.70 -22.95 -11.46
N PHE C 134 -18.38 -22.80 -11.43
CA PHE C 134 -17.69 -22.02 -12.44
C PHE C 134 -17.72 -22.69 -13.80
N THR C 135 -17.54 -24.01 -13.84
CA THR C 135 -17.44 -24.71 -15.13
C THR C 135 -18.72 -24.61 -15.93
N GLU C 136 -19.88 -24.77 -15.29
CA GLU C 136 -21.17 -24.65 -15.96
C GLU C 136 -21.78 -23.26 -15.81
N GLY C 137 -21.06 -22.33 -15.19
CA GLY C 137 -21.57 -20.99 -14.98
C GLY C 137 -20.84 -19.93 -15.78
N SER C 138 -19.91 -19.23 -15.12
CA SER C 138 -19.23 -18.10 -15.75
C SER C 138 -18.39 -18.55 -16.95
N LEU C 139 -17.91 -19.79 -16.96
CA LEU C 139 -17.11 -20.25 -18.09
C LEU C 139 -17.95 -20.38 -19.36
N LEU C 140 -19.15 -20.97 -19.24
CA LEU C 140 -20.01 -21.11 -20.41
C LEU C 140 -20.58 -19.78 -20.87
N ASP C 141 -20.86 -18.87 -19.93
CA ASP C 141 -21.40 -17.57 -20.29
C ASP C 141 -20.38 -16.74 -21.08
N GLY C 142 -19.12 -16.78 -20.67
CA GLY C 142 -18.07 -16.00 -21.30
C GLY C 142 -17.38 -16.66 -22.45
N LEU C 143 -17.84 -17.83 -22.90
CA LEU C 143 -17.21 -18.56 -23.99
C LEU C 143 -18.11 -18.69 -25.21
N TYR C 144 -19.41 -18.87 -25.01
CA TYR C 144 -20.36 -19.03 -26.12
C TYR C 144 -21.23 -17.78 -26.17
N TRP C 145 -20.99 -16.93 -27.17
CA TRP C 145 -21.79 -15.73 -27.37
C TRP C 145 -22.89 -16.01 -28.39
N LYS C 146 -24.09 -15.53 -28.10
CA LYS C 146 -25.31 -15.99 -28.74
C LYS C 146 -25.29 -15.78 -30.26
N MET C 147 -25.26 -14.53 -30.72
CA MET C 147 -25.11 -14.18 -32.13
C MET C 147 -25.04 -12.67 -32.25
N GLN C 148 -24.41 -12.20 -33.33
CA GLN C 148 -24.01 -10.79 -33.38
C GLN C 148 -25.18 -9.85 -33.61
N PRO C 149 -25.94 -9.93 -34.71
CA PRO C 149 -27.03 -8.94 -34.77
C PRO C 149 -28.25 -9.35 -33.94
N ASP C 156 -25.70 -19.22 -38.08
CA ASP C 156 -24.40 -19.87 -37.91
C ASP C 156 -24.05 -20.01 -36.44
N ASN C 157 -23.09 -20.89 -36.15
CA ASN C 157 -22.56 -21.05 -34.79
C ASN C 157 -21.04 -20.98 -34.85
N ARG C 158 -20.50 -19.83 -34.46
CA ARG C 158 -19.05 -19.63 -34.43
C ARG C 158 -18.56 -18.86 -33.21
N SER C 159 -19.45 -18.27 -32.41
CA SER C 159 -19.14 -17.78 -31.06
C SER C 159 -18.01 -16.75 -31.08
N PHE C 160 -18.33 -15.60 -31.68
CA PHE C 160 -17.41 -14.46 -31.65
C PHE C 160 -17.42 -13.84 -30.27
N ILE C 161 -16.39 -14.16 -29.47
CA ILE C 161 -16.26 -13.55 -28.15
C ILE C 161 -15.98 -12.07 -28.30
N PHE C 162 -16.74 -11.25 -27.57
CA PHE C 162 -16.67 -9.79 -27.67
C PHE C 162 -16.96 -9.30 -29.08
N TYR C 163 -17.56 -10.16 -29.91
CA TYR C 163 -17.93 -9.92 -31.30
C TYR C 163 -16.72 -9.89 -32.25
N GLU C 164 -15.50 -10.09 -31.75
CA GLU C 164 -14.34 -10.04 -32.64
C GLU C 164 -13.27 -11.09 -32.31
N ASN C 165 -13.61 -12.23 -31.73
CA ASN C 165 -12.58 -13.17 -31.29
C ASN C 165 -12.65 -14.54 -31.93
N LEU C 166 -13.83 -15.06 -32.26
CA LEU C 166 -13.95 -16.28 -33.07
C LEU C 166 -13.22 -17.46 -32.41
N LEU C 167 -13.77 -17.89 -31.28
CA LEU C 167 -13.30 -19.09 -30.60
C LEU C 167 -13.03 -20.21 -31.59
N LEU C 168 -11.79 -20.71 -31.60
CA LEU C 168 -11.33 -21.66 -32.60
C LEU C 168 -11.56 -23.09 -32.11
N GLY C 169 -12.27 -23.87 -32.92
CA GLY C 169 -12.48 -25.27 -32.58
C GLY C 169 -13.32 -25.44 -31.34
N VAL C 170 -12.95 -26.42 -30.52
CA VAL C 170 -13.68 -26.71 -29.28
C VAL C 170 -12.70 -26.71 -28.12
N PRO C 171 -13.14 -26.39 -26.91
CA PRO C 171 -12.25 -26.48 -25.75
C PRO C 171 -12.08 -27.91 -25.27
N ARG C 172 -11.08 -28.11 -24.42
CA ARG C 172 -10.75 -29.43 -23.90
C ARG C 172 -10.50 -29.32 -22.39
N ILE C 173 -10.97 -30.32 -21.66
CA ILE C 173 -10.78 -30.40 -20.21
C ILE C 173 -10.11 -31.72 -19.87
N ARG C 174 -9.08 -31.67 -19.02
CA ARG C 174 -8.26 -32.84 -18.70
C ARG C 174 -7.94 -32.83 -17.21
N GLN C 175 -7.82 -34.03 -16.64
CA GLN C 175 -7.51 -34.19 -15.23
C GLN C 175 -6.40 -35.20 -15.03
N LEU C 176 -5.77 -35.15 -13.86
CA LEU C 176 -4.72 -36.08 -13.45
C LEU C 176 -5.08 -36.68 -12.10
N ARG C 177 -4.84 -37.99 -11.95
CA ARG C 177 -5.24 -38.70 -10.74
C ARG C 177 -4.04 -39.40 -10.14
N VAL C 178 -4.24 -39.91 -8.92
CA VAL C 178 -3.24 -40.70 -8.22
C VAL C 178 -3.88 -42.00 -7.75
N ARG C 179 -3.07 -42.97 -7.36
CA ARG C 179 -3.57 -44.29 -6.99
C ARG C 179 -3.98 -44.32 -5.53
N ASN C 180 -5.06 -45.04 -5.25
CA ASN C 180 -5.45 -45.29 -3.87
C ASN C 180 -4.50 -46.30 -3.24
N GLY C 181 -4.18 -46.09 -1.96
CA GLY C 181 -3.26 -46.97 -1.27
C GLY C 181 -1.81 -46.75 -1.61
N SER C 182 -1.46 -45.57 -2.13
CA SER C 182 -0.08 -45.22 -2.41
C SER C 182 0.62 -44.60 -1.21
N CYS C 183 0.11 -44.82 0.00
CA CYS C 183 0.65 -44.27 1.22
C CYS C 183 1.23 -45.37 2.10
N SER C 184 1.64 -44.97 3.31
CA SER C 184 2.02 -45.90 4.37
C SER C 184 1.30 -45.43 5.63
N ILE C 185 0.06 -45.88 5.80
CA ILE C 185 -0.75 -45.43 6.94
C ILE C 185 -0.20 -46.02 8.22
N PRO C 186 -0.04 -45.24 9.28
CA PRO C 186 0.45 -45.80 10.55
C PRO C 186 -0.49 -46.88 11.08
N GLN C 187 0.09 -47.90 11.71
CA GLN C 187 -0.71 -48.99 12.25
C GLN C 187 -1.62 -48.55 13.38
N ASP C 188 -1.30 -47.45 14.05
CA ASP C 188 -2.17 -46.92 15.09
C ASP C 188 -3.50 -46.44 14.49
N LEU C 189 -3.42 -45.64 13.43
CA LEU C 189 -4.61 -45.14 12.75
C LEU C 189 -5.01 -46.05 11.61
N ARG C 190 -5.17 -47.34 11.89
CA ARG C 190 -5.50 -48.32 10.86
C ARG C 190 -6.97 -48.73 10.87
N ASP C 191 -7.72 -48.41 11.93
CA ASP C 191 -9.12 -48.77 12.01
C ASP C 191 -10.06 -47.65 11.61
N GLU C 192 -9.65 -46.39 11.74
CA GLU C 192 -10.49 -45.26 11.39
C GLU C 192 -10.33 -44.78 9.96
N ILE C 193 -9.15 -44.92 9.39
CA ILE C 193 -8.86 -44.49 8.02
C ILE C 193 -8.45 -45.69 7.20
N LYS C 194 -9.08 -45.85 6.03
CA LYS C 194 -8.78 -46.96 5.13
C LYS C 194 -8.44 -46.55 3.72
N GLU C 195 -8.49 -45.27 3.37
CA GLU C 195 -8.03 -44.77 2.08
C GLU C 195 -6.96 -43.72 2.29
N CYS C 196 -5.99 -43.68 1.38
CA CYS C 196 -4.99 -42.62 1.36
C CYS C 196 -4.56 -42.34 -0.07
N TYR C 197 -4.09 -41.12 -0.29
CA TYR C 197 -3.68 -40.67 -1.62
C TYR C 197 -2.45 -39.79 -1.45
N ASP C 198 -1.34 -40.18 -2.07
CA ASP C 198 -0.11 -39.40 -1.96
C ASP C 198 -0.22 -38.12 -2.79
N VAL C 199 0.77 -37.25 -2.63
CA VAL C 199 0.87 -36.04 -3.44
C VAL C 199 1.22 -36.46 -4.86
N TYR C 200 1.08 -35.54 -5.81
CA TYR C 200 1.27 -35.90 -7.21
C TYR C 200 2.73 -36.23 -7.50
N SER C 201 2.93 -37.31 -8.26
CA SER C 201 4.24 -37.72 -8.72
C SER C 201 4.04 -38.71 -9.86
N VAL C 202 5.10 -38.90 -10.66
CA VAL C 202 5.03 -39.85 -11.76
C VAL C 202 4.84 -41.27 -11.27
N SER C 203 5.45 -41.63 -10.14
CA SER C 203 5.32 -42.97 -9.60
C SER C 203 3.94 -43.24 -9.01
N SER C 204 3.25 -42.21 -8.53
CA SER C 204 1.93 -42.38 -7.91
C SER C 204 0.78 -42.17 -8.89
N GLU C 205 1.08 -41.91 -10.16
CA GLU C 205 0.03 -41.58 -11.12
C GLU C 205 -0.86 -42.78 -11.39
N ASP C 206 -2.15 -42.52 -11.56
CA ASP C 206 -3.13 -43.56 -11.81
C ASP C 206 -3.30 -43.78 -13.32
N ARG C 207 -3.43 -45.04 -13.72
CA ARG C 207 -3.56 -45.37 -15.13
C ARG C 207 -4.67 -46.36 -15.41
N ALA C 208 -5.66 -46.47 -14.51
CA ALA C 208 -6.73 -47.44 -14.69
C ALA C 208 -8.06 -46.74 -14.95
N PRO C 209 -8.97 -47.37 -15.68
CA PRO C 209 -10.30 -46.79 -15.89
C PRO C 209 -11.10 -46.76 -14.60
N PHE C 210 -12.08 -45.86 -14.57
CA PHE C 210 -12.93 -45.71 -13.39
C PHE C 210 -14.31 -45.25 -13.83
N GLY C 211 -15.30 -45.52 -13.00
CA GLY C 211 -16.67 -45.16 -13.27
C GLY C 211 -17.20 -45.87 -14.51
N PRO C 212 -18.25 -45.34 -15.10
CA PRO C 212 -18.72 -45.87 -16.39
C PRO C 212 -17.75 -45.52 -17.49
N ARG C 213 -17.09 -46.53 -18.06
CA ARG C 213 -16.00 -46.28 -19.01
C ARG C 213 -16.50 -45.48 -20.20
N ASN C 214 -17.33 -46.12 -21.04
CA ASN C 214 -18.20 -45.47 -22.01
C ASN C 214 -17.62 -44.22 -22.67
N GLY C 215 -16.37 -44.27 -23.13
CA GLY C 215 -15.80 -43.14 -23.82
C GLY C 215 -14.38 -42.90 -23.37
N THR C 216 -13.89 -41.70 -23.67
CA THR C 216 -12.50 -41.33 -23.44
C THR C 216 -12.28 -40.46 -22.20
N ALA C 217 -13.35 -40.01 -21.55
CA ALA C 217 -13.21 -39.25 -20.32
C ALA C 217 -12.96 -40.13 -19.10
N TRP C 218 -13.03 -41.46 -19.26
CA TRP C 218 -12.85 -42.39 -18.17
C TRP C 218 -11.76 -43.41 -18.45
N ILE C 219 -10.91 -43.15 -19.45
CA ILE C 219 -9.85 -44.07 -19.85
C ILE C 219 -8.56 -43.29 -19.96
N TYR C 220 -7.48 -43.81 -19.38
CA TYR C 220 -6.19 -43.15 -19.43
C TYR C 220 -5.66 -43.09 -20.85
N THR C 221 -5.07 -41.95 -21.20
CA THR C 221 -4.43 -41.75 -22.49
C THR C 221 -3.01 -41.29 -22.26
N SER C 222 -2.06 -41.92 -22.96
CA SER C 222 -0.65 -41.65 -22.72
C SER C 222 -0.27 -40.25 -23.20
N GLU C 223 0.90 -39.79 -22.75
CA GLU C 223 1.39 -38.48 -23.14
C GLU C 223 1.82 -38.43 -24.60
N LYS C 224 2.05 -39.59 -25.23
CA LYS C 224 2.38 -39.63 -26.64
C LYS C 224 1.14 -39.64 -27.53
N ASP C 225 0.12 -40.43 -27.16
CA ASP C 225 -1.13 -40.41 -27.91
C ASP C 225 -1.82 -39.06 -27.78
N LEU C 226 -1.80 -38.48 -26.58
CA LEU C 226 -2.34 -37.15 -26.35
C LEU C 226 -1.22 -36.13 -26.57
N ASN C 227 -1.30 -35.41 -27.69
CA ASN C 227 -0.22 -34.52 -28.12
C ASN C 227 -0.08 -33.40 -27.09
N GLY C 228 0.99 -33.44 -26.32
CA GLY C 228 1.19 -32.43 -25.29
C GLY C 228 2.49 -32.66 -24.56
N SER C 229 2.81 -31.71 -23.69
CA SER C 229 4.04 -31.76 -22.89
C SER C 229 3.71 -31.36 -21.46
N SER C 230 4.74 -31.36 -20.62
CA SER C 230 4.56 -31.08 -19.20
C SER C 230 4.33 -29.59 -18.97
N HIS C 231 3.61 -29.28 -17.89
CA HIS C 231 3.38 -27.91 -17.47
C HIS C 231 3.79 -27.78 -16.02
N TRP C 232 4.60 -26.75 -15.73
CA TRP C 232 5.17 -26.54 -14.41
C TRP C 232 4.24 -25.62 -13.62
N GLY C 233 3.41 -26.23 -12.78
CA GLY C 233 2.43 -25.50 -11.99
C GLY C 233 3.00 -24.98 -10.69
N ILE C 234 2.09 -24.59 -9.80
CA ILE C 234 2.47 -23.99 -8.52
C ILE C 234 3.00 -25.02 -7.55
N ILE C 235 2.31 -26.15 -7.39
CA ILE C 235 2.71 -27.14 -6.40
C ILE C 235 3.76 -28.08 -6.97
N ALA C 236 3.51 -28.63 -8.16
CA ALA C 236 4.40 -29.62 -8.74
C ALA C 236 4.39 -29.44 -10.26
N THR C 237 5.05 -30.37 -10.95
CA THR C 237 5.10 -30.41 -12.40
C THR C 237 4.27 -31.59 -12.89
N TYR C 238 3.37 -31.35 -13.84
CA TYR C 238 2.41 -32.34 -14.28
C TYR C 238 2.80 -32.91 -15.64
N SER C 239 2.54 -34.22 -15.79
CA SER C 239 3.09 -34.97 -16.91
C SER C 239 2.56 -34.48 -18.26
N GLY C 240 1.25 -34.26 -18.35
CA GLY C 240 0.62 -33.89 -19.61
C GLY C 240 -0.30 -34.95 -20.19
N ALA C 241 -0.41 -36.12 -19.56
CA ALA C 241 -1.34 -37.15 -19.95
C ALA C 241 -2.56 -37.11 -19.03
N GLY C 242 -3.44 -38.10 -19.14
CA GLY C 242 -4.53 -38.21 -18.22
C GLY C 242 -5.84 -38.49 -18.95
N TYR C 243 -6.93 -38.11 -18.29
CA TYR C 243 -8.29 -38.34 -18.79
C TYR C 243 -8.82 -37.02 -19.31
N TYR C 244 -9.08 -36.96 -20.62
CA TYR C 244 -9.49 -35.73 -21.27
C TYR C 244 -10.88 -35.89 -21.87
N LEU C 245 -11.50 -34.76 -22.17
CA LEU C 245 -12.79 -34.74 -22.85
C LEU C 245 -12.86 -33.48 -23.71
N ASP C 246 -13.27 -33.65 -24.96
CA ASP C 246 -13.42 -32.54 -25.89
C ASP C 246 -14.86 -32.04 -25.82
N LEU C 247 -15.03 -30.78 -25.46
CA LEU C 247 -16.36 -30.20 -25.36
C LEU C 247 -16.91 -29.91 -26.75
N SER C 248 -18.10 -29.31 -26.79
CA SER C 248 -18.82 -29.11 -28.03
C SER C 248 -18.64 -27.68 -28.55
N ARG C 249 -19.22 -27.43 -29.72
CA ARG C 249 -19.13 -26.13 -30.38
C ARG C 249 -20.27 -25.19 -30.02
N THR C 250 -21.26 -25.67 -29.27
CA THR C 250 -22.41 -24.86 -28.90
C THR C 250 -22.59 -24.90 -27.39
N ARG C 251 -23.47 -24.04 -26.88
CA ARG C 251 -23.68 -23.93 -25.45
C ARG C 251 -24.46 -25.13 -24.89
N GLU C 252 -25.50 -25.57 -25.61
CA GLU C 252 -26.40 -26.59 -25.07
C GLU C 252 -25.68 -27.93 -24.92
N GLU C 253 -24.98 -28.37 -25.97
CA GLU C 253 -24.30 -29.65 -25.92
C GLU C 253 -23.18 -29.65 -24.88
N THR C 254 -22.42 -28.55 -24.81
CA THR C 254 -21.37 -28.46 -23.81
C THR C 254 -21.93 -28.48 -22.40
N ALA C 255 -23.04 -27.77 -22.18
CA ALA C 255 -23.67 -27.79 -20.86
C ALA C 255 -24.16 -29.19 -20.50
N ALA C 256 -24.73 -29.90 -21.49
CA ALA C 256 -25.18 -31.27 -21.23
C ALA C 256 -24.01 -32.18 -20.89
N GLN C 257 -22.89 -32.03 -21.61
CA GLN C 257 -21.71 -32.85 -21.33
C GLN C 257 -21.15 -32.56 -19.94
N VAL C 258 -21.10 -31.29 -19.55
CA VAL C 258 -20.60 -30.95 -18.22
C VAL C 258 -21.54 -31.46 -17.14
N ALA C 259 -22.86 -31.41 -17.38
CA ALA C 259 -23.81 -31.95 -16.42
C ALA C 259 -23.64 -33.46 -16.29
N SER C 260 -23.42 -34.16 -17.41
CA SER C 260 -23.19 -35.60 -17.35
C SER C 260 -21.90 -35.93 -16.60
N LEU C 261 -20.85 -35.11 -16.79
CA LEU C 261 -19.63 -35.30 -16.03
C LEU C 261 -19.86 -35.08 -14.54
N LYS C 262 -20.67 -34.07 -14.18
CA LYS C 262 -20.94 -33.79 -12.78
C LYS C 262 -21.76 -34.91 -12.14
N LYS C 263 -22.74 -35.45 -12.86
CA LYS C 263 -23.61 -36.48 -12.31
C LYS C 263 -22.82 -37.73 -11.95
N ASN C 264 -22.23 -38.38 -12.96
CA ASN C 264 -21.33 -39.51 -12.74
C ASN C 264 -20.02 -38.94 -12.22
N VAL C 265 -19.79 -39.07 -10.91
CA VAL C 265 -18.72 -38.33 -10.23
C VAL C 265 -17.38 -38.53 -10.94
N TRP C 266 -16.81 -37.43 -11.42
CA TRP C 266 -15.59 -37.44 -12.21
C TRP C 266 -14.41 -36.87 -11.46
N LEU C 267 -14.65 -35.88 -10.61
CA LEU C 267 -13.66 -35.37 -9.66
C LEU C 267 -14.01 -35.92 -8.29
N ASP C 268 -13.24 -36.91 -7.82
CA ASP C 268 -13.56 -37.54 -6.54
C ASP C 268 -12.28 -38.00 -5.85
N ARG C 269 -11.71 -37.11 -5.03
CA ARG C 269 -10.77 -37.48 -3.97
C ARG C 269 -9.45 -38.03 -4.51
N GLY C 270 -9.36 -38.21 -5.83
CA GLY C 270 -8.14 -38.72 -6.42
C GLY C 270 -7.56 -37.72 -7.40
N THR C 271 -8.38 -36.75 -7.80
CA THR C 271 -7.93 -35.73 -8.74
C THR C 271 -6.87 -34.85 -8.10
N ARG C 272 -5.81 -34.57 -8.86
CA ARG C 272 -4.74 -33.70 -8.39
C ARG C 272 -4.53 -32.47 -9.25
N ALA C 273 -5.13 -32.40 -10.43
CA ALA C 273 -5.01 -31.24 -11.30
C ALA C 273 -6.12 -31.28 -12.33
N THR C 274 -6.45 -30.12 -12.90
CA THR C 274 -7.46 -30.00 -13.92
C THR C 274 -7.10 -28.85 -14.85
N PHE C 275 -7.13 -29.10 -16.16
CA PHE C 275 -6.76 -28.11 -17.16
C PHE C 275 -7.96 -27.80 -18.06
N ILE C 276 -8.04 -26.55 -18.49
CA ILE C 276 -9.01 -26.11 -19.48
C ILE C 276 -8.27 -25.31 -20.54
N ASP C 277 -8.44 -25.69 -21.81
CA ASP C 277 -7.69 -25.11 -22.91
C ASP C 277 -8.63 -24.69 -24.03
N PHE C 278 -8.35 -23.55 -24.64
CA PHE C 278 -9.04 -23.09 -25.83
C PHE C 278 -8.21 -21.98 -26.47
N SER C 279 -8.65 -21.51 -27.63
CA SER C 279 -7.92 -20.49 -28.36
C SER C 279 -8.90 -19.61 -29.14
N VAL C 280 -8.47 -18.37 -29.39
CA VAL C 280 -9.26 -17.40 -30.15
C VAL C 280 -8.35 -16.71 -31.15
N TYR C 281 -8.98 -16.11 -32.17
CA TYR C 281 -8.24 -15.42 -33.23
C TYR C 281 -8.93 -14.09 -33.53
N ASN C 282 -8.22 -12.99 -33.33
CA ASN C 282 -8.76 -11.66 -33.59
C ASN C 282 -8.38 -11.23 -35.00
N ALA C 283 -9.39 -10.89 -35.81
CA ALA C 283 -9.17 -10.55 -37.21
C ALA C 283 -8.72 -9.11 -37.41
N ASN C 284 -9.13 -8.19 -36.55
CA ASN C 284 -8.74 -6.79 -36.71
C ASN C 284 -7.23 -6.61 -36.61
N ILE C 285 -6.60 -7.29 -35.67
CA ILE C 285 -5.15 -7.41 -35.61
C ILE C 285 -4.81 -8.89 -35.54
N ASN C 286 -4.11 -9.40 -36.55
CA ASN C 286 -3.94 -10.85 -36.63
C ASN C 286 -3.08 -11.40 -35.49
N LEU C 287 -3.75 -11.94 -34.48
CA LEU C 287 -3.10 -12.46 -33.29
C LEU C 287 -3.94 -13.62 -32.74
N PHE C 288 -3.28 -14.68 -32.33
CA PHE C 288 -3.94 -15.76 -31.62
C PHE C 288 -3.74 -15.58 -30.13
N CYS C 289 -4.60 -16.25 -29.35
CA CYS C 289 -4.49 -16.23 -27.90
C CYS C 289 -4.81 -17.63 -27.38
N VAL C 290 -3.85 -18.24 -26.69
CA VAL C 290 -4.03 -19.55 -26.08
C VAL C 290 -4.24 -19.38 -24.59
N VAL C 291 -5.35 -19.92 -24.09
CA VAL C 291 -5.71 -19.82 -22.69
C VAL C 291 -5.67 -21.21 -22.08
N ARG C 292 -4.95 -21.34 -20.97
CA ARG C 292 -4.97 -22.58 -20.18
C ARG C 292 -5.16 -22.19 -18.71
N LEU C 293 -6.24 -22.70 -18.13
CA LEU C 293 -6.55 -22.46 -16.72
C LEU C 293 -6.32 -23.73 -15.93
N LEU C 294 -5.46 -23.65 -14.92
CA LEU C 294 -5.07 -24.81 -14.13
C LEU C 294 -5.60 -24.67 -12.71
N VAL C 295 -6.27 -25.71 -12.23
CA VAL C 295 -6.79 -25.76 -10.86
C VAL C 295 -6.17 -26.98 -10.20
N GLU C 296 -5.42 -26.74 -9.12
CA GLU C 296 -4.68 -27.79 -8.44
C GLU C 296 -5.42 -28.22 -7.17
N PHE C 297 -5.45 -29.52 -6.93
CA PHE C 297 -6.10 -30.08 -5.75
C PHE C 297 -5.04 -30.70 -4.85
N PRO C 298 -4.57 -29.99 -3.83
CA PRO C 298 -3.54 -30.55 -2.95
C PRO C 298 -4.08 -31.69 -2.10
N ALA C 299 -3.16 -32.50 -1.60
CA ALA C 299 -3.52 -33.61 -0.73
C ALA C 299 -4.13 -33.14 0.58
N THR C 300 -3.93 -31.88 0.96
CA THR C 300 -4.49 -31.31 2.18
C THR C 300 -5.94 -30.88 2.03
N GLY C 301 -6.33 -30.40 0.87
CA GLY C 301 -7.69 -29.96 0.62
C GLY C 301 -7.69 -28.61 -0.08
N GLY C 302 -8.86 -28.25 -0.62
CA GLY C 302 -8.99 -26.98 -1.31
C GLY C 302 -8.47 -27.03 -2.73
N VAL C 303 -8.46 -25.86 -3.36
CA VAL C 303 -8.01 -25.71 -4.74
C VAL C 303 -7.11 -24.50 -4.85
N ILE C 304 -6.26 -24.51 -5.88
CA ILE C 304 -5.38 -23.39 -6.21
C ILE C 304 -5.49 -23.09 -7.70
N PRO C 305 -6.02 -21.92 -8.09
CA PRO C 305 -6.19 -21.63 -9.52
C PRO C 305 -5.00 -20.94 -10.16
N SER C 306 -4.89 -21.05 -11.49
CA SER C 306 -3.83 -20.41 -12.25
C SER C 306 -4.31 -20.15 -13.67
N TRP C 307 -3.60 -19.27 -14.38
CA TRP C 307 -3.96 -18.88 -15.73
C TRP C 307 -2.71 -18.50 -16.51
N GLN C 308 -2.73 -18.74 -17.81
CA GLN C 308 -1.57 -18.51 -18.69
C GLN C 308 -2.01 -17.85 -20.01
N PHE C 309 -2.77 -16.76 -19.93
CA PHE C 309 -3.13 -16.01 -21.12
C PHE C 309 -1.89 -15.55 -21.89
N GLN C 310 -1.71 -16.05 -23.12
CA GLN C 310 -0.52 -15.75 -23.91
C GLN C 310 -0.89 -15.51 -25.36
N PRO C 311 -0.53 -14.36 -25.94
CA PRO C 311 -0.83 -14.11 -27.35
C PRO C 311 0.17 -14.77 -28.29
N LEU C 312 -0.27 -14.94 -29.55
CA LEU C 312 0.52 -15.60 -30.58
C LEU C 312 0.45 -14.81 -31.87
N LYS C 313 1.47 -14.97 -32.72
CA LYS C 313 1.50 -14.40 -34.06
C LYS C 313 2.01 -15.47 -35.01
N LEU C 314 1.10 -16.18 -35.69
CA LEU C 314 1.46 -17.28 -36.58
C LEU C 314 1.56 -16.82 -38.03
N ILE C 315 0.60 -16.04 -38.50
CA ILE C 315 0.59 -15.63 -39.90
C ILE C 315 1.48 -14.41 -40.08
N ARG C 316 2.48 -14.53 -40.93
CA ARG C 316 3.39 -13.43 -41.25
C ARG C 316 3.38 -13.18 -42.75
N TYR C 317 4.22 -12.23 -43.17
CA TYR C 317 4.33 -11.81 -44.57
C TYR C 317 2.97 -11.34 -45.10
N VAL C 318 2.32 -10.47 -44.34
CA VAL C 318 1.05 -9.89 -44.73
C VAL C 318 1.17 -8.44 -45.17
N THR C 319 2.16 -7.71 -44.66
CA THR C 319 2.38 -6.31 -45.02
C THR C 319 3.82 -6.15 -45.47
N THR C 320 4.08 -5.12 -46.29
CA THR C 320 5.43 -4.85 -46.77
C THR C 320 6.41 -4.70 -45.62
N PHE C 321 5.93 -4.18 -44.48
CA PHE C 321 6.78 -4.06 -43.30
C PHE C 321 7.30 -5.43 -42.85
N ASP C 322 6.51 -6.48 -43.05
CA ASP C 322 6.98 -7.82 -42.71
C ASP C 322 8.16 -8.25 -43.57
N PHE C 323 8.11 -7.96 -44.87
CA PHE C 323 9.24 -8.27 -45.74
C PHE C 323 10.44 -7.40 -45.41
N PHE C 324 10.22 -6.15 -45.01
CA PHE C 324 11.32 -5.31 -44.54
C PHE C 324 11.97 -5.92 -43.30
N LEU C 325 11.15 -6.44 -42.38
CA LEU C 325 11.69 -7.11 -41.19
C LEU C 325 12.43 -8.39 -41.56
N ALA C 326 11.97 -9.10 -42.58
CA ALA C 326 12.70 -10.28 -43.05
C ALA C 326 14.07 -9.89 -43.59
N ALA C 327 14.14 -8.80 -44.35
CA ALA C 327 15.42 -8.30 -44.82
C ALA C 327 16.31 -7.89 -43.66
N CYS C 328 15.72 -7.26 -42.64
CA CYS C 328 16.49 -6.93 -41.44
C CYS C 328 17.02 -8.18 -40.75
N GLU C 329 16.22 -9.24 -40.69
CA GLU C 329 16.65 -10.48 -40.06
C GLU C 329 17.81 -11.11 -40.82
N ILE C 330 17.73 -11.12 -42.15
CA ILE C 330 18.81 -11.75 -42.92
C ILE C 330 20.08 -10.93 -42.84
N ILE C 331 19.99 -9.61 -42.90
CA ILE C 331 21.22 -8.83 -42.71
C ILE C 331 21.73 -8.96 -41.28
N PHE C 332 20.84 -9.14 -40.31
CA PHE C 332 21.29 -9.36 -38.93
C PHE C 332 22.08 -10.66 -38.80
N CYS C 333 21.60 -11.74 -39.41
CA CYS C 333 22.39 -12.97 -39.35
C CYS C 333 23.68 -12.84 -40.15
N PHE C 334 23.69 -11.98 -41.18
CA PHE C 334 24.95 -11.66 -41.86
C PHE C 334 25.94 -11.01 -40.91
N PHE C 335 25.48 -10.01 -40.15
CA PHE C 335 26.37 -9.39 -39.15
C PHE C 335 26.83 -10.40 -38.10
N ILE C 336 25.93 -11.31 -37.68
CA ILE C 336 26.30 -12.30 -36.69
C ILE C 336 27.41 -13.20 -37.23
N PHE C 337 27.26 -13.67 -38.48
CA PHE C 337 28.31 -14.47 -39.10
C PHE C 337 29.61 -13.69 -39.21
N TYR C 338 29.53 -12.42 -39.59
CA TYR C 338 30.74 -11.61 -39.75
C TYR C 338 31.46 -11.45 -38.41
N TYR C 339 30.72 -11.19 -37.34
CA TYR C 339 31.33 -11.07 -36.02
C TYR C 339 31.95 -12.39 -35.57
N VAL C 340 31.25 -13.51 -35.76
CA VAL C 340 31.80 -14.76 -35.27
C VAL C 340 33.03 -15.16 -36.06
N VAL C 341 33.05 -14.90 -37.37
CA VAL C 341 34.21 -15.27 -38.17
C VAL C 341 35.39 -14.35 -37.86
N GLU C 342 35.13 -13.05 -37.61
CA GLU C 342 36.24 -12.15 -37.32
C GLU C 342 36.74 -12.32 -35.89
N GLU C 343 35.92 -12.91 -35.01
CA GLU C 343 36.33 -13.16 -33.64
C GLU C 343 37.01 -14.52 -33.46
N ILE C 344 36.67 -15.51 -34.29
CA ILE C 344 37.26 -16.83 -34.12
C ILE C 344 38.66 -16.93 -34.74
N LEU C 345 38.99 -16.06 -35.69
CA LEU C 345 40.32 -16.09 -36.28
C LEU C 345 41.37 -15.43 -35.37
N GLU C 346 40.94 -14.55 -34.47
CA GLU C 346 41.84 -13.81 -33.60
C GLU C 346 41.94 -14.41 -32.19
N ILE C 347 41.34 -15.57 -31.97
CA ILE C 347 41.54 -16.32 -30.73
C ILE C 347 42.70 -17.29 -30.98
N ARG C 348 43.41 -17.06 -32.08
CA ARG C 348 44.51 -17.91 -32.52
C ARG C 348 45.76 -17.60 -31.69
N ILE C 349 46.93 -18.05 -32.16
CA ILE C 349 48.18 -17.89 -31.42
C ILE C 349 48.36 -16.45 -30.95
N HIS C 350 47.94 -15.49 -31.75
CA HIS C 350 47.96 -14.10 -31.31
C HIS C 350 46.72 -13.80 -30.49
N LYS C 351 46.92 -13.09 -29.38
CA LYS C 351 45.85 -12.84 -28.40
C LYS C 351 45.24 -14.15 -27.89
N LEU C 352 46.10 -15.14 -27.66
CA LEU C 352 45.62 -16.44 -27.21
C LEU C 352 45.07 -16.36 -25.78
N HIS C 353 45.61 -15.46 -24.95
CA HIS C 353 45.07 -15.22 -23.61
C HIS C 353 43.84 -14.30 -23.71
N TYR C 354 42.79 -14.85 -24.31
CA TYR C 354 41.63 -14.08 -24.74
C TYR C 354 40.53 -14.03 -23.70
N PHE C 355 40.69 -14.70 -22.55
CA PHE C 355 39.62 -14.83 -21.57
C PHE C 355 39.72 -13.78 -20.47
N ARG C 356 40.18 -12.58 -20.79
CA ARG C 356 40.27 -11.51 -19.80
C ARG C 356 39.66 -10.22 -20.33
N SER C 357 39.80 -9.13 -19.55
CA SER C 357 39.40 -7.77 -19.91
C SER C 357 37.90 -7.58 -19.91
N PHE C 358 37.14 -8.67 -19.74
CA PHE C 358 35.70 -8.64 -19.51
C PHE C 358 34.93 -8.16 -20.74
N TRP C 359 35.63 -7.70 -21.76
CA TRP C 359 35.01 -7.29 -23.02
C TRP C 359 35.09 -8.38 -24.08
N ASN C 360 36.24 -9.03 -24.19
CA ASN C 360 36.38 -10.16 -25.10
C ASN C 360 35.58 -11.37 -24.63
N CYS C 361 35.34 -11.48 -23.32
CA CYS C 361 34.54 -12.58 -22.78
C CYS C 361 33.05 -12.37 -23.01
N LEU C 362 32.62 -11.14 -23.31
CA LEU C 362 31.21 -10.85 -23.55
C LEU C 362 30.82 -11.09 -25.01
N ASP C 363 31.75 -10.88 -25.94
CA ASP C 363 31.49 -11.09 -27.36
C ASP C 363 31.21 -12.54 -27.70
N VAL C 364 31.58 -13.50 -26.86
CA VAL C 364 31.19 -14.89 -27.08
C VAL C 364 29.79 -15.17 -26.55
N VAL C 365 29.41 -14.52 -25.45
CA VAL C 365 28.04 -14.61 -24.97
C VAL C 365 27.08 -14.03 -26.00
N ILE C 366 27.47 -12.89 -26.61
CA ILE C 366 26.63 -12.27 -27.62
C ILE C 366 26.39 -13.23 -28.78
N VAL C 367 27.45 -13.86 -29.29
CA VAL C 367 27.28 -14.73 -30.46
C VAL C 367 26.55 -16.01 -30.08
N VAL C 368 26.76 -16.55 -28.88
CA VAL C 368 26.03 -17.74 -28.46
C VAL C 368 24.53 -17.44 -28.37
N LEU C 369 24.18 -16.31 -27.74
CA LEU C 369 22.77 -15.93 -27.64
C LEU C 369 22.16 -15.68 -29.01
N SER C 370 22.91 -15.00 -29.89
CA SER C 370 22.39 -14.76 -31.24
C SER C 370 22.20 -16.05 -32.01
N VAL C 371 23.13 -17.00 -31.89
CA VAL C 371 23.00 -18.26 -32.60
C VAL C 371 21.80 -19.05 -32.11
N VAL C 372 21.62 -19.13 -30.78
CA VAL C 372 20.47 -19.87 -30.27
C VAL C 372 19.16 -19.17 -30.64
N ALA C 373 19.15 -17.83 -30.65
CA ALA C 373 17.95 -17.11 -31.06
C ALA C 373 17.63 -17.37 -32.54
N ILE C 374 18.65 -17.38 -33.40
CA ILE C 374 18.43 -17.66 -34.81
C ILE C 374 17.93 -19.09 -35.00
N GLY C 375 18.50 -20.04 -34.24
CA GLY C 375 18.03 -21.41 -34.33
C GLY C 375 16.58 -21.54 -33.93
N ILE C 376 16.19 -20.90 -32.83
CA ILE C 376 14.80 -20.93 -32.41
C ILE C 376 13.90 -20.28 -33.45
N ASN C 377 14.33 -19.16 -34.02
CA ASN C 377 13.52 -18.45 -35.01
C ASN C 377 13.30 -19.29 -36.26
N ILE C 378 14.35 -19.98 -36.74
CA ILE C 378 14.20 -20.79 -37.94
C ILE C 378 13.57 -22.15 -37.67
N TYR C 379 13.55 -22.60 -36.41
CA TYR C 379 12.81 -23.79 -36.06
C TYR C 379 11.33 -23.51 -35.81
N ARG C 380 10.99 -22.28 -35.44
CA ARG C 380 9.63 -21.89 -35.12
C ARG C 380 8.85 -21.42 -36.34
N THR C 381 9.53 -21.13 -37.45
CA THR C 381 8.86 -20.71 -38.67
C THR C 381 8.55 -21.85 -39.62
N SER C 382 9.05 -23.05 -39.34
CA SER C 382 8.79 -24.22 -40.18
C SER C 382 7.59 -25.03 -39.71
N ASN C 383 6.94 -24.63 -38.62
CA ASN C 383 5.79 -25.34 -38.10
C ASN C 383 4.50 -24.52 -38.17
N VAL C 384 4.54 -23.31 -38.71
CA VAL C 384 3.36 -22.46 -38.79
C VAL C 384 2.38 -23.02 -39.80
N GLU C 385 2.85 -23.90 -40.69
CA GLU C 385 2.01 -24.54 -41.68
C GLU C 385 1.66 -25.97 -41.32
N VAL C 386 2.60 -26.71 -40.71
CA VAL C 386 2.33 -28.10 -40.34
C VAL C 386 1.22 -28.17 -39.29
N LEU C 387 1.27 -27.29 -38.30
CA LEU C 387 0.32 -27.35 -37.19
C LEU C 387 -0.95 -26.56 -37.45
N LEU C 388 -1.00 -25.76 -38.51
CA LEU C 388 -2.24 -25.12 -38.95
C LEU C 388 -2.97 -25.94 -40.01
N GLN C 389 -2.84 -27.27 -39.97
CA GLN C 389 -3.73 -28.13 -40.74
C GLN C 389 -5.14 -28.11 -40.20
N PHE C 390 -5.35 -27.49 -39.04
CA PHE C 390 -6.69 -27.30 -38.46
C PHE C 390 -7.62 -26.54 -39.39
N LEU C 391 -7.08 -25.74 -40.31
CA LEU C 391 -7.93 -25.00 -41.23
C LEU C 391 -8.74 -25.93 -42.12
N GLU C 392 -8.30 -27.16 -42.32
CA GLU C 392 -9.07 -28.10 -43.13
C GLU C 392 -10.33 -28.56 -42.40
N ASP C 393 -10.20 -28.90 -41.11
CA ASP C 393 -11.32 -29.38 -40.30
C ASP C 393 -11.39 -28.57 -39.02
N GLN C 394 -12.33 -27.65 -38.95
CA GLN C 394 -12.53 -26.80 -37.77
C GLN C 394 -13.57 -27.38 -36.81
N ASN C 395 -13.33 -28.63 -36.37
CA ASN C 395 -14.25 -29.29 -35.48
C ASN C 395 -13.53 -29.95 -34.31
N THR C 396 -12.19 -30.03 -34.35
CA THR C 396 -11.41 -30.70 -33.33
C THR C 396 -10.67 -29.65 -32.50
N PHE C 397 -9.80 -30.13 -31.63
CA PHE C 397 -9.07 -29.25 -30.72
C PHE C 397 -7.77 -28.79 -31.36
N PRO C 398 -7.55 -27.49 -31.54
CA PRO C 398 -6.28 -27.00 -32.08
C PRO C 398 -5.23 -26.90 -30.98
N ASN C 399 -4.15 -27.67 -31.13
CA ASN C 399 -3.10 -27.74 -30.10
C ASN C 399 -2.02 -26.72 -30.45
N PHE C 400 -1.96 -25.63 -29.68
CA PHE C 400 -1.02 -24.54 -29.93
C PHE C 400 -0.09 -24.29 -28.75
N GLU C 401 0.06 -25.25 -27.84
CA GLU C 401 0.87 -25.02 -26.65
C GLU C 401 2.34 -24.82 -27.00
N HIS C 402 2.88 -25.64 -27.91
CA HIS C 402 4.31 -25.55 -28.22
C HIS C 402 4.65 -24.22 -28.89
N LEU C 403 3.76 -23.70 -29.74
CA LEU C 403 4.00 -22.42 -30.36
C LEU C 403 4.09 -21.31 -29.33
N ALA C 404 3.19 -21.31 -28.34
CA ALA C 404 3.25 -20.31 -27.28
C ALA C 404 4.52 -20.46 -26.44
N TYR C 405 4.91 -21.70 -26.15
CA TYR C 405 6.13 -21.94 -25.38
C TYR C 405 7.34 -21.37 -26.11
N TRP C 406 7.41 -21.59 -27.43
CA TRP C 406 8.55 -21.10 -28.17
C TRP C 406 8.50 -19.59 -28.39
N GLN C 407 7.30 -19.00 -28.47
CA GLN C 407 7.19 -17.55 -28.42
C GLN C 407 7.81 -17.00 -27.15
N ILE C 408 7.46 -17.60 -26.00
CA ILE C 408 8.00 -17.11 -24.72
C ILE C 408 9.51 -17.25 -24.69
N GLN C 409 10.02 -18.40 -25.11
CA GLN C 409 11.47 -18.61 -25.09
C GLN C 409 12.19 -17.64 -26.01
N PHE C 410 11.67 -17.44 -27.22
CA PHE C 410 12.32 -16.53 -28.16
C PHE C 410 12.29 -15.10 -27.67
N ASN C 411 11.17 -14.67 -27.08
CA ASN C 411 11.09 -13.32 -26.54
C ASN C 411 12.09 -13.12 -25.42
N ASN C 412 12.21 -14.09 -24.51
CA ASN C 412 13.17 -13.98 -23.42
C ASN C 412 14.60 -13.89 -23.96
N ILE C 413 14.94 -14.75 -24.92
CA ILE C 413 16.29 -14.76 -25.47
C ILE C 413 16.59 -13.45 -26.17
N ALA C 414 15.64 -12.94 -26.95
CA ALA C 414 15.86 -11.67 -27.64
C ALA C 414 16.04 -10.52 -26.66
N ALA C 415 15.23 -10.48 -25.59
CA ALA C 415 15.37 -9.42 -24.60
C ALA C 415 16.73 -9.47 -23.93
N VAL C 416 17.18 -10.67 -23.55
CA VAL C 416 18.50 -10.79 -22.93
C VAL C 416 19.60 -10.36 -23.90
N THR C 417 19.49 -10.77 -25.16
CA THR C 417 20.50 -10.43 -26.15
C THR C 417 20.59 -8.91 -26.35
N VAL C 418 19.44 -8.25 -26.48
CA VAL C 418 19.48 -6.80 -26.69
C VAL C 418 19.97 -6.08 -25.45
N PHE C 419 19.64 -6.58 -24.25
CA PHE C 419 20.17 -5.97 -23.05
C PHE C 419 21.70 -6.04 -23.01
N PHE C 420 22.25 -7.22 -23.34
CA PHE C 420 23.71 -7.36 -23.33
C PHE C 420 24.36 -6.51 -24.42
N VAL C 421 23.75 -6.44 -25.61
CA VAL C 421 24.30 -5.60 -26.66
C VAL C 421 24.29 -4.13 -26.25
N TRP C 422 23.22 -3.70 -25.57
CA TRP C 422 23.16 -2.32 -25.10
C TRP C 422 24.23 -2.04 -24.06
N ILE C 423 24.43 -2.94 -23.11
CA ILE C 423 25.42 -2.67 -22.06
C ILE C 423 26.84 -2.86 -22.58
N LYS C 424 27.00 -3.45 -23.77
CA LYS C 424 28.34 -3.53 -24.37
C LYS C 424 28.85 -2.18 -24.87
N LEU C 425 28.01 -1.14 -24.87
CA LEU C 425 28.38 0.18 -25.38
C LEU C 425 29.53 0.82 -24.63
N PHE C 426 29.85 0.37 -23.42
CA PHE C 426 30.83 1.07 -22.59
C PHE C 426 32.23 1.00 -23.17
N LYS C 427 32.55 -0.03 -23.95
CA LYS C 427 33.92 -0.18 -24.43
C LYS C 427 34.32 0.87 -25.45
N PHE C 428 33.37 1.52 -26.11
CA PHE C 428 33.67 2.54 -27.11
C PHE C 428 33.73 3.95 -26.54
N ILE C 429 32.88 4.25 -25.55
CA ILE C 429 32.93 5.55 -24.88
C ILE C 429 34.13 5.69 -23.97
N ASN C 430 34.80 4.59 -23.65
CA ASN C 430 35.96 4.61 -22.77
C ASN C 430 37.24 5.07 -23.45
N PHE C 431 37.31 4.98 -24.78
CA PHE C 431 38.54 5.34 -25.48
C PHE C 431 38.76 6.83 -25.58
N ASN C 432 37.75 7.65 -25.28
CA ASN C 432 37.96 9.09 -25.14
C ASN C 432 38.51 9.35 -23.74
N ARG C 433 38.66 10.61 -23.34
CA ARG C 433 39.29 10.96 -22.06
C ARG C 433 38.55 10.41 -20.85
N THR C 434 37.50 9.62 -21.05
CA THR C 434 36.77 8.98 -19.97
C THR C 434 37.56 7.86 -19.29
N MET C 435 38.71 7.46 -19.84
CA MET C 435 39.42 6.31 -19.30
C MET C 435 39.82 6.50 -17.83
N SER C 436 40.23 7.71 -17.45
CA SER C 436 40.62 7.98 -16.07
C SER C 436 39.45 7.93 -15.11
N GLN C 437 38.22 8.03 -15.62
CA GLN C 437 37.06 7.94 -14.75
C GLN C 437 36.70 6.45 -14.58
N LEU C 438 36.44 5.81 -15.70
CA LEU C 438 36.08 4.39 -15.73
C LEU C 438 37.18 3.50 -15.14
N SER C 439 38.43 3.84 -15.43
CA SER C 439 39.57 3.07 -14.95
C SER C 439 39.52 2.80 -13.45
N THR C 440 39.79 3.85 -12.66
CA THR C 440 39.79 3.75 -11.20
C THR C 440 38.55 3.07 -10.64
N THR C 441 37.38 3.51 -11.11
CA THR C 441 36.11 2.95 -10.66
C THR C 441 36.06 1.43 -10.76
N MET C 442 36.34 0.90 -11.96
CA MET C 442 36.30 -0.54 -12.19
C MET C 442 37.61 -1.28 -11.95
N SER C 443 38.63 -0.59 -11.46
CA SER C 443 39.92 -1.22 -11.21
C SER C 443 40.36 -1.11 -9.77
N ARG C 444 39.93 -0.08 -9.05
CA ARG C 444 40.25 0.08 -7.64
C ARG C 444 39.03 0.10 -6.73
N CYS C 445 37.85 0.38 -7.28
CA CYS C 445 36.63 0.50 -6.48
C CYS C 445 35.60 -0.58 -6.75
N ALA C 446 35.45 -1.03 -7.99
CA ALA C 446 34.49 -2.09 -8.29
C ALA C 446 35.05 -3.47 -8.00
N LYS C 447 36.33 -3.58 -7.63
CA LYS C 447 36.95 -4.86 -7.31
C LYS C 447 37.02 -5.14 -5.82
N ASP C 448 37.27 -4.11 -4.99
CA ASP C 448 37.45 -4.35 -3.56
C ASP C 448 36.13 -4.50 -2.81
N LEU C 449 35.00 -4.07 -3.38
CA LEU C 449 33.73 -4.51 -2.81
C LEU C 449 33.56 -6.01 -2.92
N PHE C 450 33.81 -6.58 -4.10
CA PHE C 450 33.62 -8.00 -4.32
C PHE C 450 34.53 -8.86 -3.46
N GLY C 451 35.58 -8.29 -2.89
CA GLY C 451 36.39 -9.01 -1.93
C GLY C 451 35.72 -9.13 -0.58
N PHE C 452 35.54 -8.00 0.11
CA PHE C 452 34.87 -7.99 1.41
C PHE C 452 33.43 -7.49 1.26
N ALA C 453 32.59 -8.40 0.74
CA ALA C 453 31.15 -8.20 0.71
C ALA C 453 30.39 -9.45 1.11
N ILE C 454 31.10 -10.53 1.43
CA ILE C 454 30.42 -11.77 1.80
C ILE C 454 29.81 -11.66 3.19
N MET C 455 30.26 -10.72 4.01
CA MET C 455 29.67 -10.54 5.33
C MET C 455 28.23 -10.06 5.19
N PRO C 456 27.93 -9.07 4.34
CA PRO C 456 26.54 -8.81 3.95
C PRO C 456 25.82 -10.03 3.41
N PHE C 457 26.54 -10.96 2.78
CA PHE C 457 25.98 -12.09 2.06
C PHE C 457 25.67 -13.27 2.97
N ILE C 458 26.62 -13.65 3.82
CA ILE C 458 26.43 -14.76 4.74
C ILE C 458 25.30 -14.44 5.73
N ILE C 459 25.30 -13.23 6.29
CA ILE C 459 24.23 -12.86 7.22
C ILE C 459 22.89 -12.66 6.53
N PHE C 460 22.89 -12.33 5.24
CA PHE C 460 21.66 -12.27 4.48
C PHE C 460 21.03 -13.65 4.33
N LEU C 461 21.82 -14.64 3.92
CA LEU C 461 21.29 -16.01 3.84
C LEU C 461 20.99 -16.63 5.20
N ALA C 462 21.76 -16.29 6.25
CA ALA C 462 21.41 -16.76 7.58
C ALA C 462 20.06 -16.22 8.03
N TYR C 463 19.81 -14.93 7.78
CA TYR C 463 18.52 -14.35 8.10
C TYR C 463 17.40 -14.96 7.26
N ALA C 464 17.68 -15.25 5.99
CA ALA C 464 16.69 -15.89 5.14
C ALA C 464 16.33 -17.27 5.69
N GLN C 465 17.32 -18.05 6.10
CA GLN C 465 17.05 -19.37 6.66
C GLN C 465 16.29 -19.27 7.97
N LEU C 466 16.65 -18.30 8.81
CA LEU C 466 15.92 -18.10 10.07
C LEU C 466 14.45 -17.76 9.82
N ALA C 467 14.20 -16.87 8.86
CA ALA C 467 12.83 -16.50 8.52
C ALA C 467 12.06 -17.68 7.92
N TYR C 468 12.73 -18.50 7.12
CA TYR C 468 12.07 -19.66 6.53
C TYR C 468 11.74 -20.71 7.60
N LEU C 469 12.60 -20.86 8.60
CA LEU C 469 12.32 -21.83 9.67
C LEU C 469 11.24 -21.33 10.62
N VAL C 470 11.27 -20.06 10.99
CA VAL C 470 10.28 -19.52 11.92
C VAL C 470 8.93 -19.33 11.23
N PHE C 471 8.90 -18.49 10.20
CA PHE C 471 7.71 -18.29 9.40
C PHE C 471 7.69 -19.34 8.29
N GLY C 472 6.82 -19.15 7.30
CA GLY C 472 6.75 -20.02 6.16
C GLY C 472 5.69 -21.10 6.24
N THR C 473 5.22 -21.41 7.45
CA THR C 473 4.04 -22.26 7.62
C THR C 473 2.81 -21.46 7.97
N GLN C 474 2.94 -20.15 8.14
CA GLN C 474 1.82 -19.29 8.50
C GLN C 474 1.72 -18.10 7.56
N VAL C 475 2.85 -17.70 6.98
CA VAL C 475 2.94 -16.53 6.12
C VAL C 475 3.27 -16.99 4.70
N ASP C 476 2.54 -16.47 3.72
CA ASP C 476 2.75 -16.88 2.33
C ASP C 476 4.06 -16.35 1.76
N ASP C 477 4.54 -15.22 2.28
CA ASP C 477 5.76 -14.61 1.78
C ASP C 477 7.03 -15.33 2.23
N PHE C 478 6.93 -16.25 3.19
CA PHE C 478 8.11 -16.91 3.73
C PHE C 478 8.15 -18.40 3.48
N SER C 479 7.14 -18.97 2.83
CA SER C 479 7.27 -20.31 2.29
C SER C 479 8.09 -20.27 1.02
N THR C 480 8.51 -21.45 0.54
CA THR C 480 9.25 -21.54 -0.72
C THR C 480 10.51 -20.68 -0.68
N PHE C 481 11.53 -21.16 0.02
CA PHE C 481 12.68 -20.43 0.55
C PHE C 481 13.13 -19.23 -0.29
N GLN C 482 13.16 -19.35 -1.62
CA GLN C 482 13.53 -18.21 -2.45
C GLN C 482 12.64 -17.00 -2.20
N GLU C 483 11.36 -17.22 -1.86
CA GLU C 483 10.51 -16.09 -1.52
C GLU C 483 10.95 -15.40 -0.25
N CYS C 484 11.68 -16.09 0.64
CA CYS C 484 12.29 -15.40 1.76
C CYS C 484 13.32 -14.38 1.27
N ILE C 485 14.12 -14.76 0.27
CA ILE C 485 15.08 -13.83 -0.31
C ILE C 485 14.36 -12.63 -0.91
N PHE C 486 13.30 -12.90 -1.69
CA PHE C 486 12.58 -11.79 -2.32
C PHE C 486 11.90 -10.89 -1.29
N THR C 487 11.33 -11.48 -0.24
CA THR C 487 10.69 -10.70 0.81
C THR C 487 11.72 -9.85 1.56
N GLN C 488 12.91 -10.39 1.80
CA GLN C 488 13.96 -9.61 2.43
C GLN C 488 14.38 -8.44 1.55
N PHE C 489 14.49 -8.66 0.25
CA PHE C 489 14.80 -7.55 -0.65
C PHE C 489 13.72 -6.47 -0.59
N ARG C 490 12.45 -6.89 -0.60
CA ARG C 490 11.36 -5.92 -0.51
C ARG C 490 11.37 -5.18 0.81
N ILE C 491 11.67 -5.88 1.92
CA ILE C 491 11.73 -5.24 3.22
C ILE C 491 12.84 -4.19 3.26
N ILE C 492 14.01 -4.54 2.70
CA ILE C 492 15.10 -3.55 2.63
C ILE C 492 14.67 -2.35 1.81
N LEU C 493 14.03 -2.58 0.65
CA LEU C 493 13.58 -1.46 -0.17
C LEU C 493 12.51 -0.64 0.53
N GLY C 494 11.58 -1.28 1.23
CA GLY C 494 10.58 -0.55 1.98
C GLY C 494 9.16 -1.08 1.88
N ASP C 495 8.98 -2.21 1.20
CA ASP C 495 7.66 -2.83 1.07
C ASP C 495 7.46 -3.77 2.24
N ILE C 496 6.75 -3.30 3.27
CA ILE C 496 6.58 -4.05 4.50
C ILE C 496 5.12 -4.45 4.64
N ASN C 497 4.92 -5.64 5.21
CA ASN C 497 3.59 -6.19 5.51
C ASN C 497 3.55 -6.63 6.97
N PHE C 498 3.99 -5.74 7.86
CA PHE C 498 4.30 -6.09 9.25
C PHE C 498 3.13 -6.69 10.01
N ALA C 499 1.89 -6.44 9.57
CA ALA C 499 0.73 -6.96 10.29
C ALA C 499 0.74 -8.49 10.34
N GLU C 500 1.03 -9.14 9.21
CA GLU C 500 1.00 -10.59 9.17
C GLU C 500 2.15 -11.20 9.98
N ILE C 501 3.33 -10.57 9.93
CA ILE C 501 4.45 -11.04 10.74
C ILE C 501 4.12 -10.89 12.23
N GLU C 502 3.51 -9.78 12.61
CA GLU C 502 3.11 -9.59 14.00
C GLU C 502 2.08 -10.63 14.43
N GLU C 503 1.12 -10.93 13.55
CA GLU C 503 0.08 -11.89 13.90
C GLU C 503 0.63 -13.31 13.99
N ALA C 504 1.60 -13.67 13.14
CA ALA C 504 2.12 -15.03 13.12
C ALA C 504 2.86 -15.36 14.40
N ASN C 505 3.91 -14.59 14.69
CA ASN C 505 4.70 -14.76 15.90
C ASN C 505 4.79 -13.43 16.64
N ARG C 506 4.34 -13.38 17.89
CA ARG C 506 4.34 -12.14 18.65
C ARG C 506 5.64 -11.80 19.38
N VAL C 507 6.65 -12.63 19.25
CA VAL C 507 7.92 -12.40 19.91
C VAL C 507 9.09 -12.36 18.92
N LEU C 508 9.28 -13.43 18.16
CA LEU C 508 10.41 -13.48 17.23
C LEU C 508 10.18 -12.64 15.98
N GLY C 509 8.93 -12.29 15.68
CA GLY C 509 8.63 -11.48 14.52
C GLY C 509 9.25 -10.11 14.61
N PRO C 510 8.84 -9.31 15.60
CA PRO C 510 9.46 -7.99 15.80
C PRO C 510 10.95 -8.05 16.03
N ILE C 511 11.44 -9.04 16.78
CA ILE C 511 12.86 -9.15 17.04
C ILE C 511 13.62 -9.34 15.72
N TYR C 512 13.15 -10.27 14.90
CA TYR C 512 13.77 -10.52 13.60
C TYR C 512 13.74 -9.26 12.74
N PHE C 513 12.58 -8.60 12.68
CA PHE C 513 12.44 -7.42 11.83
C PHE C 513 13.42 -6.31 12.24
N THR C 514 13.39 -5.95 13.52
CA THR C 514 14.25 -4.86 13.99
C THR C 514 15.72 -5.22 13.88
N THR C 515 16.10 -6.45 14.25
CA THR C 515 17.51 -6.83 14.18
C THR C 515 18.00 -6.83 12.75
N PHE C 516 17.20 -7.34 11.80
CA PHE C 516 17.60 -7.35 10.41
C PHE C 516 17.79 -5.94 9.89
N VAL C 517 16.79 -5.08 10.11
CA VAL C 517 16.87 -3.70 9.61
C VAL C 517 18.05 -2.97 10.22
N PHE C 518 18.32 -3.18 11.51
CA PHE C 518 19.45 -2.51 12.14
C PHE C 518 20.77 -3.01 11.58
N PHE C 519 20.96 -4.33 11.54
CA PHE C 519 22.27 -4.90 11.24
C PHE C 519 22.64 -4.74 9.77
N MET C 520 21.67 -4.76 8.86
CA MET C 520 22.01 -4.58 7.45
C MET C 520 22.69 -3.23 7.21
N PHE C 521 22.06 -2.14 7.66
CA PHE C 521 22.66 -0.83 7.49
C PHE C 521 23.88 -0.65 8.37
N PHE C 522 23.91 -1.29 9.55
CA PHE C 522 25.11 -1.26 10.38
C PHE C 522 26.31 -1.78 9.60
N ILE C 523 26.19 -2.97 9.02
CA ILE C 523 27.32 -3.58 8.33
C ILE C 523 27.61 -2.86 7.02
N LEU C 524 26.59 -2.33 6.36
CA LEU C 524 26.83 -1.55 5.14
C LEU C 524 27.65 -0.31 5.44
N LEU C 525 27.25 0.44 6.45
CA LEU C 525 27.97 1.65 6.83
C LEU C 525 29.40 1.30 7.18
N ASN C 526 29.56 0.19 7.91
CA ASN C 526 30.86 -0.27 8.32
C ASN C 526 31.76 -0.52 7.11
N MET C 527 31.25 -1.23 6.12
CA MET C 527 32.03 -1.52 4.91
C MET C 527 32.38 -0.24 4.15
N PHE C 528 31.46 0.72 4.13
CA PHE C 528 31.70 1.98 3.45
C PHE C 528 32.89 2.65 4.13
N LEU C 529 32.85 2.70 5.45
CA LEU C 529 33.94 3.30 6.21
C LEU C 529 35.25 2.58 5.92
N ALA C 530 35.21 1.25 5.91
CA ALA C 530 36.39 0.46 5.62
C ALA C 530 36.99 0.87 4.27
N ILE C 531 36.17 0.92 3.24
CA ILE C 531 36.68 1.28 1.92
C ILE C 531 37.22 2.71 1.86
N ILE C 532 36.58 3.64 2.57
CA ILE C 532 37.07 5.02 2.57
C ILE C 532 38.46 5.04 3.20
N ASN C 533 38.61 4.34 4.32
CA ASN C 533 39.88 4.26 5.02
C ASN C 533 40.96 3.62 4.14
N ASP C 534 40.58 2.58 3.40
CA ASP C 534 41.51 1.89 2.54
C ASP C 534 41.99 2.83 1.44
N THR C 535 41.07 3.62 0.89
CA THR C 535 41.40 4.59 -0.14
C THR C 535 42.36 5.64 0.42
N TYR C 536 42.11 6.07 1.66
CA TYR C 536 42.96 7.06 2.32
C TYR C 536 44.35 6.51 2.67
N SER C 537 44.44 5.20 2.86
CA SER C 537 45.71 4.56 3.19
C SER C 537 46.42 4.08 1.93
N GLU C 538 45.75 4.22 0.79
CA GLU C 538 46.34 3.79 -0.48
C GLU C 538 46.56 4.98 -1.41
CA LYS D 67 51.04 -27.82 13.86
C LYS D 67 49.95 -26.76 13.70
N TYR D 68 50.37 -25.56 13.27
CA TYR D 68 49.42 -24.47 13.09
C TYR D 68 48.42 -24.77 11.98
N LEU D 69 48.91 -25.25 10.83
CA LEU D 69 48.04 -25.54 9.69
C LEU D 69 47.14 -26.74 9.97
N LYS D 70 47.71 -27.81 10.53
CA LYS D 70 46.94 -29.03 10.74
C LYS D 70 45.81 -28.80 11.75
N SER D 71 46.08 -28.05 12.82
CA SER D 71 45.05 -27.81 13.82
C SER D 71 43.88 -27.03 13.25
N VAL D 72 44.17 -25.96 12.50
CA VAL D 72 43.09 -25.16 11.95
C VAL D 72 42.34 -25.92 10.87
N LEU D 73 43.04 -26.74 10.08
CA LEU D 73 42.33 -27.56 9.09
C LEU D 73 41.43 -28.59 9.77
N ARG D 74 41.89 -29.20 10.86
CA ARG D 74 41.05 -30.14 11.60
C ARG D 74 39.82 -29.44 12.17
N GLU D 75 40.00 -28.25 12.75
CA GLU D 75 38.87 -27.49 13.27
C GLU D 75 37.89 -27.17 12.15
N LEU D 76 38.41 -26.75 11.00
CA LEU D 76 37.54 -26.41 9.88
C LEU D 76 36.75 -27.61 9.41
N VAL D 77 37.41 -28.76 9.25
CA VAL D 77 36.71 -29.92 8.71
C VAL D 77 35.66 -30.43 9.68
N THR D 78 35.98 -30.44 10.99
CA THR D 78 34.97 -30.90 11.95
C THR D 78 33.80 -29.91 12.03
N TYR D 79 34.08 -28.60 11.91
CA TYR D 79 33.01 -27.63 11.95
C TYR D 79 32.10 -27.76 10.72
N LEU D 80 32.69 -27.99 9.54
CA LEU D 80 31.87 -28.22 8.36
C LEU D 80 31.06 -29.51 8.48
N LEU D 81 31.62 -30.55 9.08
CA LEU D 81 30.83 -31.77 9.30
C LEU D 81 29.64 -31.47 10.22
N PHE D 82 29.87 -30.73 11.30
CA PHE D 82 28.78 -30.34 12.18
C PHE D 82 27.73 -29.52 11.43
N LEU D 83 28.18 -28.57 10.61
CA LEU D 83 27.26 -27.71 9.88
C LEU D 83 26.41 -28.51 8.90
N ILE D 84 27.02 -29.45 8.18
CA ILE D 84 26.24 -30.22 7.21
C ILE D 84 25.27 -31.15 7.93
N VAL D 85 25.68 -31.73 9.07
CA VAL D 85 24.76 -32.58 9.82
C VAL D 85 23.55 -31.77 10.28
N LEU D 86 23.80 -30.57 10.81
CA LEU D 86 22.70 -29.70 11.23
C LEU D 86 21.81 -29.33 10.05
N CYS D 87 22.40 -29.07 8.89
CA CYS D 87 21.62 -28.69 7.71
C CYS D 87 20.71 -29.84 7.27
N ILE D 88 21.23 -31.07 7.23
CA ILE D 88 20.38 -32.20 6.87
C ILE D 88 19.27 -32.39 7.90
N LEU D 89 19.60 -32.23 9.19
CA LEU D 89 18.58 -32.37 10.22
C LEU D 89 17.45 -31.36 10.01
N THR D 90 17.81 -30.10 9.81
CA THR D 90 16.79 -29.07 9.62
C THR D 90 15.98 -29.28 8.35
N TYR D 91 16.65 -29.66 7.26
CA TYR D 91 15.93 -29.92 6.01
C TYR D 91 14.95 -31.07 6.17
N GLY D 92 15.36 -32.13 6.84
CA GLY D 92 14.49 -33.27 7.05
C GLY D 92 13.30 -32.97 7.93
N MET D 93 13.53 -32.27 9.05
CA MET D 93 12.43 -31.97 9.96
C MET D 93 11.43 -30.99 9.37
N MET D 94 11.87 -30.07 8.52
CA MET D 94 10.99 -29.04 7.96
C MET D 94 10.32 -29.60 6.72
N SER D 95 9.02 -29.91 6.82
CA SER D 95 8.27 -30.43 5.69
C SER D 95 7.96 -29.31 4.70
N SER D 96 7.51 -29.71 3.51
CA SER D 96 7.21 -28.78 2.44
C SER D 96 5.71 -28.74 2.17
N ASN D 97 5.26 -27.59 1.64
CA ASN D 97 3.86 -27.35 1.30
C ASN D 97 2.95 -27.54 2.51
N VAL D 98 3.45 -27.18 3.69
CA VAL D 98 2.62 -27.20 4.89
C VAL D 98 1.77 -25.95 4.99
N TYR D 99 2.21 -24.84 4.38
CA TYR D 99 1.48 -23.58 4.49
C TYR D 99 0.06 -23.70 3.94
N TYR D 100 -0.15 -24.48 2.90
CA TYR D 100 -1.46 -24.55 2.28
C TYR D 100 -2.48 -25.25 3.17
N TYR D 101 -2.02 -26.17 4.03
CA TYR D 101 -2.93 -26.84 4.97
C TYR D 101 -3.54 -25.83 5.93
N THR D 102 -2.69 -25.03 6.59
CA THR D 102 -3.18 -24.00 7.49
C THR D 102 -3.93 -22.91 6.74
N ARG D 103 -3.52 -22.62 5.51
CA ARG D 103 -4.23 -21.63 4.70
C ARG D 103 -5.67 -22.06 4.44
N MET D 104 -5.86 -23.33 4.07
CA MET D 104 -7.21 -23.83 3.81
C MET D 104 -8.03 -23.85 5.10
N MET D 105 -7.43 -24.28 6.21
CA MET D 105 -8.16 -24.27 7.47
C MET D 105 -8.60 -22.86 7.84
N SER D 106 -7.69 -21.89 7.74
CA SER D 106 -8.00 -20.51 8.12
C SER D 106 -9.03 -19.90 7.18
N GLN D 107 -8.93 -20.18 5.88
CA GLN D 107 -9.93 -19.67 4.95
C GLN D 107 -11.31 -20.25 5.24
N LEU D 108 -11.36 -21.55 5.58
CA LEU D 108 -12.65 -22.17 5.87
C LEU D 108 -13.27 -21.60 7.15
N PHE D 109 -12.46 -21.35 8.18
CA PHE D 109 -13.01 -21.02 9.48
C PHE D 109 -13.08 -19.53 9.78
N LEU D 110 -12.34 -18.69 9.07
CA LEU D 110 -12.26 -17.27 9.40
C LEU D 110 -12.81 -16.35 8.31
N ASP D 111 -12.98 -16.84 7.08
CA ASP D 111 -13.39 -15.98 5.97
C ASP D 111 -14.82 -16.19 5.52
N THR D 112 -15.41 -17.35 5.78
CA THR D 112 -16.79 -17.57 5.41
C THR D 112 -17.71 -16.70 6.26
N PRO D 113 -18.70 -16.03 5.66
CA PRO D 113 -19.62 -15.21 6.45
C PRO D 113 -20.40 -16.05 7.45
N VAL D 114 -20.71 -15.44 8.58
CA VAL D 114 -21.41 -16.13 9.65
C VAL D 114 -22.81 -16.56 9.23
N SER D 115 -23.38 -15.90 8.21
CA SER D 115 -24.70 -16.26 7.71
C SER D 115 -24.73 -15.95 6.21
N LYS D 116 -25.69 -16.56 5.52
CA LYS D 116 -25.81 -16.34 4.08
C LYS D 116 -26.24 -14.91 3.77
N THR D 117 -27.15 -14.35 4.56
CA THR D 117 -27.59 -12.97 4.33
C THR D 117 -26.55 -11.96 4.83
N GLU D 118 -25.85 -12.28 5.91
CA GLU D 118 -24.88 -11.37 6.48
C GLU D 118 -23.55 -11.46 5.75
N LYS D 119 -22.71 -10.44 5.94
CA LYS D 119 -21.37 -10.42 5.39
C LYS D 119 -20.29 -10.35 6.46
N THR D 120 -20.65 -10.61 7.71
CA THR D 120 -19.70 -10.59 8.81
C THR D 120 -19.03 -11.95 8.96
N ASN D 121 -17.72 -11.93 9.22
CA ASN D 121 -16.95 -13.15 9.43
C ASN D 121 -16.27 -13.07 10.80
N PHE D 122 -15.52 -14.14 11.12
CA PHE D 122 -14.85 -14.19 12.41
C PHE D 122 -13.77 -13.13 12.55
N LYS D 123 -13.05 -12.83 11.47
CA LYS D 123 -11.93 -11.88 11.56
C LYS D 123 -12.41 -10.50 11.97
N THR D 124 -13.67 -10.16 11.70
CA THR D 124 -14.24 -8.85 12.06
C THR D 124 -15.53 -9.10 12.83
N LEU D 125 -15.42 -9.29 14.14
CA LEU D 125 -16.57 -9.44 15.02
C LEU D 125 -16.77 -8.18 15.84
N SER D 126 -18.02 -7.92 16.20
CA SER D 126 -18.37 -6.65 16.84
C SER D 126 -19.16 -6.77 18.14
N SER D 127 -19.94 -7.83 18.34
CA SER D 127 -20.79 -7.90 19.52
C SER D 127 -21.11 -9.37 19.83
N MET D 128 -21.79 -9.58 20.95
CA MET D 128 -22.17 -10.93 21.36
C MET D 128 -23.19 -11.55 20.40
N GLU D 129 -24.04 -10.74 19.78
CA GLU D 129 -24.97 -11.27 18.79
C GLU D 129 -24.22 -11.87 17.61
N ASP D 130 -23.17 -11.19 17.15
CA ASP D 130 -22.35 -11.74 16.07
C ASP D 130 -21.68 -13.04 16.49
N PHE D 131 -21.19 -13.10 17.72
CA PHE D 131 -20.57 -14.33 18.20
C PHE D 131 -21.57 -15.48 18.26
N TRP D 132 -22.79 -15.20 18.73
CA TRP D 132 -23.81 -16.25 18.77
C TRP D 132 -24.18 -16.70 17.36
N LYS D 133 -24.26 -15.75 16.41
CA LYS D 133 -24.55 -16.12 15.03
C LYS D 133 -23.44 -16.97 14.44
N PHE D 134 -22.18 -16.67 14.78
CA PHE D 134 -21.07 -17.45 14.28
C PHE D 134 -21.03 -18.85 14.89
N THR D 135 -21.32 -18.96 16.19
CA THR D 135 -21.19 -20.25 16.87
C THR D 135 -22.16 -21.28 16.32
N GLU D 136 -23.40 -20.90 16.07
CA GLU D 136 -24.40 -21.80 15.50
C GLU D 136 -24.51 -21.66 13.98
N GLY D 137 -23.66 -20.84 13.37
CA GLY D 137 -23.71 -20.62 11.93
C GLY D 137 -22.51 -21.17 11.20
N SER D 138 -21.57 -20.29 10.87
CA SER D 138 -20.42 -20.68 10.07
C SER D 138 -19.54 -21.72 10.76
N LEU D 139 -19.53 -21.74 12.10
CA LEU D 139 -18.72 -22.72 12.81
C LEU D 139 -19.26 -24.13 12.62
N LEU D 140 -20.58 -24.30 12.75
CA LEU D 140 -21.17 -25.63 12.58
C LEU D 140 -21.13 -26.08 11.12
N ASP D 141 -21.28 -25.14 10.18
CA ASP D 141 -21.24 -25.50 8.77
C ASP D 141 -19.87 -26.00 8.36
N GLY D 142 -18.81 -25.35 8.82
CA GLY D 142 -17.46 -25.70 8.46
C GLY D 142 -16.79 -26.75 9.32
N LEU D 143 -17.53 -27.36 10.25
CA LEU D 143 -16.97 -28.36 11.15
C LEU D 143 -17.56 -29.75 10.95
N TYR D 144 -18.86 -29.83 10.66
CA TYR D 144 -19.55 -31.10 10.47
C TYR D 144 -19.90 -31.24 8.98
N TRP D 145 -19.17 -32.09 8.28
CA TRP D 145 -19.45 -32.35 6.87
C TRP D 145 -20.33 -33.58 6.74
N LYS D 146 -21.32 -33.50 5.85
CA LYS D 146 -22.46 -34.41 5.85
C LYS D 146 -22.05 -35.87 5.67
N MET D 147 -21.51 -36.23 4.51
CA MET D 147 -20.95 -37.55 4.23
C MET D 147 -20.37 -37.54 2.83
N GLN D 148 -19.41 -38.45 2.59
CA GLN D 148 -18.56 -38.33 1.39
C GLN D 148 -19.31 -38.70 0.11
N PRO D 149 -19.81 -39.93 -0.08
CA PRO D 149 -20.48 -40.12 -1.37
C PRO D 149 -21.91 -39.57 -1.38
N ASP D 156 -21.90 -43.76 8.55
CA ASP D 156 -20.98 -43.44 9.65
C ASP D 156 -20.98 -41.94 9.95
N ASN D 157 -20.53 -41.58 11.14
CA ASN D 157 -20.44 -40.18 11.58
C ASN D 157 -19.01 -39.85 12.05
N ARG D 158 -18.20 -39.37 11.11
CA ARG D 158 -16.82 -39.01 11.44
C ARG D 158 -16.38 -37.66 10.89
N SER D 159 -17.15 -37.02 10.02
CA SER D 159 -16.98 -35.60 9.67
C SER D 159 -15.58 -35.33 9.12
N PHE D 160 -15.32 -35.89 7.95
CA PHE D 160 -14.08 -35.60 7.21
C PHE D 160 -14.17 -34.19 6.63
N ILE D 161 -13.53 -33.24 7.28
CA ILE D 161 -13.48 -31.87 6.76
C ILE D 161 -12.70 -31.86 5.46
N PHE D 162 -13.28 -31.22 4.43
CA PHE D 162 -12.72 -31.19 3.08
C PHE D 162 -12.58 -32.60 2.49
N TYR D 163 -13.19 -33.59 3.14
CA TYR D 163 -13.24 -35.00 2.80
C TYR D 163 -12.00 -35.80 3.22
N GLU D 164 -10.96 -35.16 3.78
CA GLU D 164 -9.86 -35.96 4.31
C GLU D 164 -9.21 -35.38 5.59
N ASN D 165 -9.96 -34.70 6.45
CA ASN D 165 -9.36 -34.13 7.65
C ASN D 165 -9.73 -34.82 8.95
N LEU D 166 -10.90 -35.45 9.05
CA LEU D 166 -11.23 -36.35 10.15
C LEU D 166 -11.10 -35.65 11.50
N LEU D 167 -12.01 -34.70 11.73
CA LEU D 167 -12.15 -34.06 13.03
C LEU D 167 -12.06 -35.07 14.17
N LEU D 168 -11.08 -34.88 15.05
CA LEU D 168 -10.77 -35.85 16.10
C LEU D 168 -11.58 -35.54 17.35
N GLY D 169 -12.29 -36.54 17.86
CA GLY D 169 -13.02 -36.36 19.11
C GLY D 169 -14.15 -35.35 18.96
N VAL D 170 -14.33 -34.55 20.00
CA VAL D 170 -15.37 -33.53 20.02
C VAL D 170 -14.74 -32.18 20.36
N PRO D 171 -15.30 -31.07 19.92
CA PRO D 171 -14.77 -29.75 20.30
C PRO D 171 -15.21 -29.37 21.71
N ARG D 172 -14.55 -28.35 22.25
CA ARG D 172 -14.82 -27.87 23.60
C ARG D 172 -14.87 -26.35 23.59
N ILE D 173 -15.80 -25.79 24.37
CA ILE D 173 -15.96 -24.35 24.51
C ILE D 173 -15.88 -24.00 25.99
N ARG D 174 -15.11 -22.96 26.30
CA ARG D 174 -14.83 -22.57 27.69
C ARG D 174 -14.85 -21.05 27.80
N GLN D 175 -15.27 -20.56 28.97
CA GLN D 175 -15.35 -19.13 29.24
C GLN D 175 -14.73 -18.80 30.58
N LEU D 176 -14.39 -17.52 30.76
CA LEU D 176 -13.84 -17.00 32.01
C LEU D 176 -14.68 -15.81 32.45
N ARG D 177 -14.97 -15.73 33.74
CA ARG D 177 -15.86 -14.72 34.27
C ARG D 177 -15.17 -13.96 35.40
N VAL D 178 -15.74 -12.82 35.77
CA VAL D 178 -15.24 -12.02 36.89
C VAL D 178 -16.39 -11.79 37.87
N ARG D 179 -16.05 -11.30 39.06
CA ARG D 179 -17.03 -11.12 40.13
C ARG D 179 -17.73 -9.78 40.01
N ASN D 180 -19.03 -9.77 40.32
CA ASN D 180 -19.76 -8.52 40.42
C ASN D 180 -19.36 -7.80 41.71
N GLY D 181 -19.27 -6.48 41.62
CA GLY D 181 -18.89 -5.69 42.77
C GLY D 181 -17.41 -5.72 43.08
N SER D 182 -16.57 -6.06 42.10
CA SER D 182 -15.13 -6.04 42.27
C SER D 182 -14.52 -4.67 41.94
N CYS D 183 -15.32 -3.61 41.98
CA CYS D 183 -14.91 -2.26 41.65
C CYS D 183 -14.94 -1.37 42.89
N SER D 184 -14.68 -0.09 42.68
CA SER D 184 -14.89 0.95 43.68
C SER D 184 -15.66 2.07 42.99
N ILE D 185 -16.98 1.96 42.96
CA ILE D 185 -17.81 2.93 42.25
C ILE D 185 -17.77 4.26 43.01
N PRO D 186 -17.59 5.39 42.32
CA PRO D 186 -17.60 6.69 43.03
C PRO D 186 -18.95 6.93 43.70
N GLN D 187 -18.90 7.58 44.86
CA GLN D 187 -20.11 7.85 45.62
C GLN D 187 -21.05 8.80 44.89
N ASP D 188 -20.53 9.63 43.97
CA ASP D 188 -21.38 10.51 43.19
C ASP D 188 -22.29 9.70 42.27
N LEU D 189 -21.72 8.74 41.54
CA LEU D 189 -22.49 7.89 40.65
C LEU D 189 -22.93 6.62 41.37
N ARG D 190 -23.59 6.76 42.51
CA ARG D 190 -24.00 5.61 43.31
C ARG D 190 -25.48 5.30 43.18
N ASP D 191 -26.28 6.20 42.61
CA ASP D 191 -27.70 5.97 42.46
C ASP D 191 -28.09 5.49 41.07
N GLU D 192 -27.31 5.79 40.04
CA GLU D 192 -27.62 5.38 38.68
C GLU D 192 -27.00 4.05 38.28
N ILE D 193 -25.83 3.72 38.83
CA ILE D 193 -25.12 2.48 38.51
C ILE D 193 -25.00 1.66 39.79
N LYS D 194 -25.37 0.38 39.69
CA LYS D 194 -25.30 -0.53 40.83
C LYS D 194 -24.56 -1.82 40.57
N GLU D 195 -24.05 -2.05 39.35
CA GLU D 195 -23.19 -3.17 39.06
C GLU D 195 -21.88 -2.67 38.46
N CYS D 196 -20.80 -3.38 38.75
CA CYS D 196 -19.51 -3.11 38.12
C CYS D 196 -18.72 -4.40 37.99
N TYR D 197 -17.81 -4.42 37.02
CA TYR D 197 -17.00 -5.60 36.74
C TYR D 197 -15.62 -5.13 36.35
N ASP D 198 -14.60 -5.53 37.11
CA ASP D 198 -13.24 -5.12 36.81
C ASP D 198 -12.72 -5.85 35.58
N VAL D 199 -11.54 -5.43 35.10
CA VAL D 199 -10.86 -6.10 34.01
C VAL D 199 -10.38 -7.45 34.51
N TYR D 200 -9.99 -8.34 33.59
CA TYR D 200 -9.64 -9.69 33.99
C TYR D 200 -8.36 -9.71 34.82
N SER D 201 -8.38 -10.50 35.89
CA SER D 201 -7.23 -10.73 36.75
C SER D 201 -7.51 -11.96 37.58
N VAL D 202 -6.44 -12.54 38.13
CA VAL D 202 -6.58 -13.71 38.99
C VAL D 202 -7.35 -13.38 40.25
N SER D 203 -7.17 -12.18 40.80
CA SER D 203 -7.87 -11.79 42.02
C SER D 203 -9.36 -11.52 41.78
N SER D 204 -9.73 -11.09 40.58
CA SER D 204 -11.12 -10.75 40.27
C SER D 204 -11.89 -11.91 39.66
N GLU D 205 -11.27 -13.07 39.50
CA GLU D 205 -11.90 -14.18 38.81
C GLU D 205 -13.06 -14.74 39.63
N ASP D 206 -14.13 -15.14 38.94
CA ASP D 206 -15.32 -15.68 39.57
C ASP D 206 -15.19 -17.20 39.71
N ARG D 207 -15.68 -17.72 40.84
CA ARG D 207 -15.60 -19.15 41.11
C ARG D 207 -16.91 -19.72 41.64
N ALA D 208 -18.04 -19.05 41.40
CA ALA D 208 -19.31 -19.50 41.92
C ALA D 208 -20.22 -19.97 40.79
N PRO D 209 -21.11 -20.92 41.06
CA PRO D 209 -22.08 -21.34 40.04
C PRO D 209 -23.09 -20.23 39.74
N PHE D 210 -23.67 -20.32 38.55
CA PHE D 210 -24.64 -19.32 38.11
C PHE D 210 -25.64 -20.00 37.18
N GLY D 211 -26.83 -19.40 37.10
CA GLY D 211 -27.89 -19.92 36.27
C GLY D 211 -28.35 -21.29 36.75
N PRO D 212 -29.03 -22.03 35.88
CA PRO D 212 -29.37 -23.42 36.22
C PRO D 212 -28.12 -24.29 36.23
N ARG D 213 -27.75 -24.81 37.39
CA ARG D 213 -26.47 -25.48 37.54
C ARG D 213 -26.38 -26.69 36.61
N ASN D 214 -27.20 -27.71 36.90
CA ASN D 214 -27.55 -28.80 35.98
C ASN D 214 -26.44 -29.21 35.02
N GLY D 215 -25.24 -29.42 35.50
CA GLY D 215 -24.16 -29.89 34.65
C GLY D 215 -22.88 -29.16 34.93
N THR D 216 -21.95 -29.26 33.97
CA THR D 216 -20.60 -28.72 34.12
C THR D 216 -20.37 -27.40 33.39
N ALA D 217 -21.34 -26.94 32.60
CA ALA D 217 -21.20 -25.65 31.94
C ALA D 217 -21.54 -24.48 32.86
N TRP D 218 -22.03 -24.76 34.07
CA TRP D 218 -22.42 -23.72 35.01
C TRP D 218 -21.70 -23.86 36.35
N ILE D 219 -20.63 -24.65 36.41
CA ILE D 219 -19.89 -24.89 37.64
C ILE D 219 -18.41 -24.70 37.37
N TYR D 220 -17.74 -23.94 38.23
CA TYR D 220 -16.32 -23.69 38.07
C TYR D 220 -15.51 -24.97 38.20
N THR D 221 -14.50 -25.10 37.34
CA THR D 221 -13.58 -26.23 37.37
C THR D 221 -12.17 -25.68 37.45
N SER D 222 -11.37 -26.23 38.37
CA SER D 222 -10.04 -25.70 38.62
C SER D 222 -9.10 -25.99 37.44
N GLU D 223 -7.99 -25.25 37.41
CA GLU D 223 -7.00 -25.44 36.35
C GLU D 223 -6.28 -26.77 36.47
N LYS D 224 -6.33 -27.42 37.63
CA LYS D 224 -5.73 -28.74 37.79
C LYS D 224 -6.68 -29.85 37.35
N ASP D 225 -7.95 -29.76 37.72
CA ASP D 225 -8.93 -30.74 37.26
C ASP D 225 -9.12 -30.64 35.75
N LEU D 226 -9.17 -29.42 35.22
CA LEU D 226 -9.24 -29.20 33.78
C LEU D 226 -7.84 -29.11 33.22
N ASN D 227 -7.42 -30.16 32.53
CA ASN D 227 -6.04 -30.29 32.05
C ASN D 227 -5.74 -29.17 31.06
N GLY D 228 -4.94 -28.20 31.49
CA GLY D 228 -4.62 -27.09 30.62
C GLY D 228 -3.67 -26.13 31.30
N SER D 229 -3.25 -25.12 30.53
CA SER D 229 -2.32 -24.12 31.02
C SER D 229 -2.79 -22.75 30.53
N SER D 230 -2.02 -21.72 30.89
CA SER D 230 -2.38 -20.35 30.58
C SER D 230 -2.13 -20.05 29.10
N HIS D 231 -2.93 -19.12 28.57
CA HIS D 231 -2.76 -18.64 27.21
C HIS D 231 -2.64 -17.13 27.24
N TRP D 232 -1.62 -16.61 26.56
CA TRP D 232 -1.30 -15.18 26.57
C TRP D 232 -2.01 -14.53 25.39
N GLY D 233 -3.16 -13.92 25.67
CA GLY D 233 -3.97 -13.29 24.65
C GLY D 233 -3.55 -11.87 24.37
N ILE D 234 -4.44 -11.14 23.69
CA ILE D 234 -4.16 -9.78 23.26
C ILE D 234 -4.24 -8.80 24.43
N ILE D 235 -5.31 -8.87 25.24
CA ILE D 235 -5.50 -7.91 26.31
C ILE D 235 -4.73 -8.33 27.55
N ALA D 236 -4.89 -9.58 27.98
CA ALA D 236 -4.28 -10.06 29.22
C ALA D 236 -3.90 -11.52 29.04
N THR D 237 -3.48 -12.14 30.14
CA THR D 237 -3.14 -13.55 30.17
C THR D 237 -4.18 -14.29 30.99
N TYR D 238 -4.72 -15.37 30.43
CA TYR D 238 -5.84 -16.08 31.02
C TYR D 238 -5.39 -17.37 31.68
N SER D 239 -6.04 -17.69 32.80
CA SER D 239 -5.57 -18.74 33.70
C SER D 239 -5.59 -20.11 33.03
N GLY D 240 -6.70 -20.46 32.41
CA GLY D 240 -6.89 -21.79 31.83
C GLY D 240 -7.96 -22.61 32.50
N ALA D 241 -8.60 -22.11 33.55
CA ALA D 241 -9.72 -22.76 34.20
C ALA D 241 -11.02 -22.11 33.73
N GLY D 242 -12.14 -22.46 34.35
CA GLY D 242 -13.38 -21.79 34.06
C GLY D 242 -14.50 -22.78 33.84
N TYR D 243 -15.52 -22.33 33.11
CA TYR D 243 -16.73 -23.10 32.84
C TYR D 243 -16.65 -23.61 31.41
N TYR D 244 -16.59 -24.93 31.26
CA TYR D 244 -16.40 -25.55 29.96
C TYR D 244 -17.59 -26.43 29.62
N LEU D 245 -17.70 -26.76 28.34
CA LEU D 245 -18.73 -27.68 27.86
C LEU D 245 -18.18 -28.43 26.65
N ASP D 246 -18.34 -29.74 26.65
CA ASP D 246 -17.89 -30.60 25.56
C ASP D 246 -19.05 -30.78 24.58
N LEU D 247 -18.85 -30.35 23.34
CA LEU D 247 -19.89 -30.47 22.34
C LEU D 247 -20.00 -31.92 21.87
N SER D 248 -20.86 -32.14 20.88
CA SER D 248 -21.19 -33.49 20.43
C SER D 248 -20.43 -33.83 19.15
N ARG D 249 -20.61 -35.08 18.71
CA ARG D 249 -19.95 -35.60 17.53
C ARG D 249 -20.74 -35.40 16.25
N THR D 250 -21.97 -34.91 16.34
CA THR D 250 -22.83 -34.70 15.19
C THR D 250 -23.33 -33.27 15.17
N ARG D 251 -23.95 -32.87 14.05
CA ARG D 251 -24.41 -31.51 13.89
C ARG D 251 -25.65 -31.21 14.73
N GLU D 252 -26.60 -32.15 14.76
CA GLU D 252 -27.89 -31.89 15.41
C GLU D 252 -27.73 -31.71 16.92
N GLU D 253 -27.02 -32.63 17.57
CA GLU D 253 -26.85 -32.55 19.01
C GLU D 253 -26.04 -31.32 19.41
N THR D 254 -24.99 -31.01 18.66
CA THR D 254 -24.20 -29.81 18.94
C THR D 254 -25.03 -28.54 18.78
N ALA D 255 -25.85 -28.49 17.72
CA ALA D 255 -26.71 -27.34 17.52
C ALA D 255 -27.72 -27.20 18.67
N ALA D 256 -28.27 -28.33 19.11
CA ALA D 256 -29.20 -28.28 20.24
C ALA D 256 -28.52 -27.79 21.51
N GLN D 257 -27.29 -28.25 21.76
CA GLN D 257 -26.56 -27.81 22.94
C GLN D 257 -26.25 -26.32 22.88
N VAL D 258 -25.85 -25.83 21.71
CA VAL D 258 -25.56 -24.40 21.57
C VAL D 258 -26.83 -23.58 21.73
N ALA D 259 -27.96 -24.07 21.21
CA ALA D 259 -29.22 -23.37 21.39
C ALA D 259 -29.63 -23.32 22.86
N SER D 260 -29.42 -24.43 23.58
CA SER D 260 -29.71 -24.44 25.01
C SER D 260 -28.81 -23.48 25.78
N LEU D 261 -27.53 -23.39 25.39
CA LEU D 261 -26.63 -22.41 26.01
C LEU D 261 -27.10 -20.99 25.72
N LYS D 262 -27.56 -20.73 24.50
CA LYS D 262 -28.02 -19.39 24.14
C LYS D 262 -29.29 -19.01 24.91
N LYS D 263 -30.22 -19.95 25.05
CA LYS D 263 -31.48 -19.68 25.72
C LYS D 263 -31.27 -19.27 27.17
N ASN D 264 -30.74 -20.19 27.98
CA ASN D 264 -30.35 -19.88 29.35
C ASN D 264 -29.07 -19.07 29.28
N VAL D 265 -29.17 -17.75 29.49
CA VAL D 265 -28.09 -16.81 29.18
C VAL D 265 -26.79 -17.26 29.84
N TRP D 266 -25.78 -17.52 29.02
CA TRP D 266 -24.50 -18.06 29.45
C TRP D 266 -23.38 -17.04 29.34
N LEU D 267 -23.45 -16.17 28.33
CA LEU D 267 -22.57 -15.01 28.20
C LEU D 267 -23.37 -13.78 28.62
N ASP D 268 -23.10 -13.26 29.82
CA ASP D 268 -23.91 -12.13 30.30
C ASP D 268 -23.04 -11.24 31.19
N ARG D 269 -22.41 -10.24 30.57
CA ARG D 269 -21.91 -9.05 31.26
C ARG D 269 -20.77 -9.35 32.23
N GLY D 270 -20.44 -10.63 32.40
CA GLY D 270 -19.37 -11.01 33.30
C GLY D 270 -18.29 -11.78 32.57
N THR D 271 -18.61 -12.26 31.38
CA THR D 271 -17.66 -13.01 30.57
C THR D 271 -16.53 -12.10 30.12
N ARG D 272 -15.30 -12.59 30.23
CA ARG D 272 -14.13 -11.86 29.81
C ARG D 272 -13.32 -12.55 28.72
N ALA D 273 -13.59 -13.83 28.44
CA ALA D 273 -12.90 -14.55 27.39
C ALA D 273 -13.71 -15.79 27.04
N THR D 274 -13.49 -16.31 25.84
CA THR D 274 -14.15 -17.52 25.36
C THR D 274 -13.22 -18.24 24.41
N PHE D 275 -13.05 -19.54 24.62
CA PHE D 275 -12.15 -20.37 23.83
C PHE D 275 -12.93 -21.47 23.11
N ILE D 276 -12.47 -21.79 21.90
CA ILE D 276 -13.00 -22.91 21.12
C ILE D 276 -11.81 -23.75 20.67
N ASP D 277 -11.87 -25.05 20.94
CA ASP D 277 -10.76 -25.96 20.67
C ASP D 277 -11.25 -27.18 19.92
N PHE D 278 -10.46 -27.64 18.96
CA PHE D 278 -10.68 -28.90 18.28
C PHE D 278 -9.40 -29.27 17.52
N SER D 279 -9.39 -30.46 16.94
CA SER D 279 -8.21 -30.93 16.23
C SER D 279 -8.63 -31.81 15.06
N VAL D 280 -7.77 -31.87 14.04
CA VAL D 280 -7.99 -32.68 12.85
C VAL D 280 -6.71 -33.43 12.53
N TYR D 281 -6.86 -34.50 11.74
CA TYR D 281 -5.73 -35.34 11.35
C TYR D 281 -5.84 -35.65 9.86
N ASN D 282 -4.82 -35.25 9.10
CA ASN D 282 -4.78 -35.51 7.66
C ASN D 282 -3.99 -36.77 7.40
N ALA D 283 -4.61 -37.72 6.69
CA ALA D 283 -3.98 -39.02 6.44
C ALA D 283 -3.02 -39.02 5.25
N ASN D 284 -3.27 -38.17 4.25
CA ASN D 284 -2.40 -38.14 3.08
C ASN D 284 -0.98 -37.72 3.45
N ILE D 285 -0.84 -36.72 4.33
CA ILE D 285 0.44 -36.37 4.90
C ILE D 285 0.27 -36.36 6.42
N ASN D 286 1.10 -37.11 7.13
CA ASN D 286 0.88 -37.30 8.56
C ASN D 286 1.10 -35.99 9.31
N LEU D 287 0.01 -35.31 9.65
CA LEU D 287 0.07 -34.03 10.34
C LEU D 287 -1.22 -33.84 11.12
N PHE D 288 -1.10 -33.37 12.36
CA PHE D 288 -2.24 -32.91 13.12
C PHE D 288 -2.34 -31.39 13.03
N CYS D 289 -3.50 -30.87 13.42
CA CYS D 289 -3.72 -29.43 13.45
C CYS D 289 -4.58 -29.10 14.66
N VAL D 290 -4.10 -28.19 15.49
CA VAL D 290 -4.83 -27.73 16.67
C VAL D 290 -5.30 -26.30 16.44
N VAL D 291 -6.59 -26.07 16.63
CA VAL D 291 -7.21 -24.77 16.43
C VAL D 291 -7.71 -24.28 17.79
N ARG D 292 -7.34 -23.05 18.13
CA ARG D 292 -7.72 -22.45 19.42
C ARG D 292 -8.19 -21.03 19.14
N LEU D 293 -9.49 -20.88 18.87
CA LEU D 293 -10.08 -19.58 18.61
C LEU D 293 -10.44 -18.89 19.92
N LEU D 294 -9.94 -17.67 20.10
CA LEU D 294 -10.16 -16.91 21.31
C LEU D 294 -10.90 -15.62 20.99
N VAL D 295 -11.96 -15.35 21.75
CA VAL D 295 -12.72 -14.12 21.63
C VAL D 295 -12.71 -13.43 22.99
N GLU D 296 -12.19 -12.20 23.03
CA GLU D 296 -12.02 -11.47 24.27
C GLU D 296 -13.11 -10.41 24.42
N PHE D 297 -13.64 -10.28 25.64
CA PHE D 297 -14.67 -9.29 25.94
C PHE D 297 -14.09 -8.25 26.89
N PRO D 298 -13.66 -7.10 26.39
CA PRO D 298 -13.09 -6.08 27.28
C PRO D 298 -14.14 -5.48 28.20
N ALA D 299 -13.66 -4.85 29.27
CA ALA D 299 -14.55 -4.22 30.24
C ALA D 299 -15.33 -3.06 29.66
N THR D 300 -14.92 -2.54 28.50
CA THR D 300 -15.60 -1.43 27.84
C THR D 300 -16.75 -1.88 26.94
N GLY D 301 -16.56 -2.96 26.20
CA GLY D 301 -17.56 -3.47 25.29
C GLY D 301 -16.92 -3.98 24.01
N GLY D 302 -17.71 -4.72 23.24
CA GLY D 302 -17.20 -5.29 22.00
C GLY D 302 -16.44 -6.57 22.23
N VAL D 303 -15.87 -7.09 21.13
CA VAL D 303 -15.10 -8.33 21.15
C VAL D 303 -13.83 -8.16 20.35
N ILE D 304 -12.84 -9.01 20.64
CA ILE D 304 -11.57 -9.06 19.92
C ILE D 304 -11.24 -10.51 19.61
N PRO D 305 -11.23 -10.92 18.33
CA PRO D 305 -11.01 -12.34 18.01
C PRO D 305 -9.54 -12.71 17.78
N SER D 306 -9.24 -14.00 17.86
CA SER D 306 -7.92 -14.54 17.58
C SER D 306 -8.05 -16.01 17.27
N TRP D 307 -7.20 -16.52 16.37
CA TRP D 307 -7.37 -17.87 15.85
C TRP D 307 -6.23 -18.83 16.15
N GLN D 308 -4.99 -18.50 15.79
CA GLN D 308 -3.80 -19.26 16.17
C GLN D 308 -3.92 -20.73 15.71
N PHE D 309 -3.81 -20.92 14.39
CA PHE D 309 -3.73 -22.26 13.82
C PHE D 309 -2.30 -22.78 13.93
N GLN D 310 -2.17 -24.09 14.21
CA GLN D 310 -0.84 -24.67 14.41
C GLN D 310 -0.81 -26.15 14.04
N PRO D 311 0.07 -26.56 13.12
CA PRO D 311 0.18 -27.97 12.77
C PRO D 311 1.06 -28.74 13.74
N LEU D 312 0.91 -30.06 13.71
CA LEU D 312 1.64 -30.97 14.60
C LEU D 312 2.14 -32.17 13.81
N LYS D 313 3.18 -32.82 14.32
CA LYS D 313 3.69 -34.08 13.78
C LYS D 313 3.99 -35.00 14.96
N LEU D 314 3.05 -35.90 15.25
CA LEU D 314 3.14 -36.78 16.42
C LEU D 314 3.75 -38.14 16.08
N ILE D 315 3.26 -38.77 15.01
CA ILE D 315 3.73 -40.10 14.66
C ILE D 315 5.00 -39.98 13.83
N ARG D 316 6.07 -40.63 14.29
CA ARG D 316 7.35 -40.66 13.58
C ARG D 316 7.75 -42.11 13.34
N TYR D 317 8.92 -42.26 12.72
CA TYR D 317 9.46 -43.58 12.35
C TYR D 317 8.50 -44.33 11.43
N VAL D 318 8.04 -43.64 10.38
CA VAL D 318 7.14 -44.23 9.40
C VAL D 318 7.86 -44.59 8.10
N THR D 319 8.88 -43.84 7.70
CA THR D 319 9.65 -44.13 6.50
C THR D 319 11.12 -44.26 6.86
N THR D 320 11.91 -44.78 5.91
CA THR D 320 13.34 -44.96 6.14
C THR D 320 14.03 -43.62 6.39
N PHE D 321 13.53 -42.55 5.75
CA PHE D 321 14.09 -41.23 5.97
C PHE D 321 14.00 -40.81 7.43
N ASP D 322 12.96 -41.27 8.14
CA ASP D 322 12.85 -40.98 9.56
C ASP D 322 13.98 -41.62 10.35
N PHE D 323 14.32 -42.86 10.04
CA PHE D 323 15.45 -43.50 10.72
C PHE D 323 16.77 -42.87 10.34
N PHE D 324 16.89 -42.40 9.09
CA PHE D 324 18.08 -41.65 8.71
C PHE D 324 18.20 -40.37 9.52
N LEU D 325 17.08 -39.67 9.72
CA LEU D 325 17.09 -38.47 10.56
C LEU D 325 17.41 -38.79 12.01
N ALA D 326 16.96 -39.95 12.51
CA ALA D 326 17.33 -40.36 13.86
C ALA D 326 18.83 -40.59 13.98
N ALA D 327 19.43 -41.23 12.97
CA ALA D 327 20.88 -41.39 12.96
C ALA D 327 21.58 -40.04 12.90
N CYS D 328 21.05 -39.11 12.10
CA CYS D 328 21.61 -37.77 12.07
C CYS D 328 21.51 -37.08 13.42
N GLU D 329 20.39 -37.27 14.14
CA GLU D 329 20.24 -36.66 15.45
C GLU D 329 21.24 -37.23 16.46
N ILE D 330 21.45 -38.55 16.43
CA ILE D 330 22.38 -39.14 17.39
C ILE D 330 23.82 -38.74 17.09
N ILE D 331 24.20 -38.71 15.80
CA ILE D 331 25.54 -38.23 15.52
C ILE D 331 25.66 -36.74 15.83
N PHE D 332 24.59 -35.97 15.69
CA PHE D 332 24.60 -34.56 16.05
C PHE D 332 24.85 -34.37 17.54
N CYS D 333 24.18 -35.15 18.39
CA CYS D 333 24.45 -35.02 19.82
C CYS D 333 25.86 -35.54 20.15
N PHE D 334 26.37 -36.48 19.35
CA PHE D 334 27.78 -36.85 19.51
C PHE D 334 28.71 -35.68 19.23
N PHE D 335 28.46 -34.94 18.14
CA PHE D 335 29.25 -33.74 17.88
C PHE D 335 29.10 -32.71 18.99
N ILE D 336 27.89 -32.55 19.52
CA ILE D 336 27.68 -31.58 20.59
C ILE D 336 28.49 -31.95 21.82
N PHE D 337 28.48 -33.24 22.19
CA PHE D 337 29.30 -33.68 23.31
C PHE D 337 30.78 -33.49 23.02
N TYR D 338 31.22 -33.76 21.79
CA TYR D 338 32.62 -33.60 21.44
C TYR D 338 33.05 -32.15 21.56
N TYR D 339 32.22 -31.22 21.05
CA TYR D 339 32.55 -29.80 21.17
C TYR D 339 32.57 -29.35 22.63
N VAL D 340 31.59 -29.76 23.43
CA VAL D 340 31.56 -29.27 24.80
C VAL D 340 32.74 -29.83 25.60
N VAL D 341 33.11 -31.09 25.35
CA VAL D 341 34.24 -31.66 26.07
C VAL D 341 35.55 -31.05 25.61
N GLU D 342 35.69 -30.75 24.31
CA GLU D 342 36.93 -30.17 23.83
C GLU D 342 37.04 -28.69 24.19
N GLU D 343 35.92 -28.05 24.52
CA GLU D 343 35.92 -26.66 24.94
C GLU D 343 36.04 -26.52 26.45
N ILE D 344 35.66 -27.52 27.22
CA ILE D 344 35.64 -27.36 28.67
C ILE D 344 37.01 -27.54 29.32
N LEU D 345 37.92 -28.30 28.70
CA LEU D 345 39.22 -28.50 29.33
C LEU D 345 40.18 -27.35 29.04
N GLU D 346 39.88 -26.53 28.04
CA GLU D 346 40.74 -25.43 27.63
C GLU D 346 40.31 -24.09 28.20
N ILE D 347 39.30 -24.07 29.08
CA ILE D 347 38.98 -22.89 29.86
C ILE D 347 39.74 -22.99 31.18
N ARG D 348 40.70 -23.91 31.21
CA ARG D 348 41.51 -24.19 32.39
C ARG D 348 42.60 -23.14 32.53
N ILE D 349 43.62 -23.42 33.35
CA ILE D 349 44.68 -22.45 33.63
C ILE D 349 45.24 -21.85 32.34
N HIS D 350 45.33 -22.65 31.28
CA HIS D 350 45.73 -22.12 29.99
C HIS D 350 44.51 -21.55 29.27
N LYS D 351 44.69 -20.37 28.67
CA LYS D 351 43.58 -19.62 28.06
C LYS D 351 42.47 -19.36 29.07
N LEU D 352 42.87 -19.03 30.31
CA LEU D 352 41.88 -18.79 31.35
C LEU D 352 41.10 -17.50 31.09
N HIS D 353 41.72 -16.52 30.44
CA HIS D 353 41.02 -15.30 30.03
C HIS D 353 40.24 -15.58 28.74
N TYR D 354 39.21 -16.42 28.88
CA TYR D 354 38.50 -17.00 27.75
C TYR D 354 37.28 -16.20 27.32
N PHE D 355 36.97 -15.09 28.00
CA PHE D 355 35.74 -14.35 27.76
C PHE D 355 35.94 -13.17 26.82
N ARG D 356 36.85 -13.30 25.85
CA ARG D 356 37.08 -12.24 24.88
C ARG D 356 37.10 -12.77 23.45
N SER D 357 37.44 -11.90 22.50
CA SER D 357 37.62 -12.22 21.09
C SER D 357 36.31 -12.50 20.37
N PHE D 358 35.21 -12.58 21.12
CA PHE D 358 33.85 -12.64 20.60
C PHE D 358 33.58 -13.96 19.86
N TRP D 359 34.61 -14.78 19.69
CA TRP D 359 34.45 -16.10 19.08
C TRP D 359 34.37 -17.20 20.12
N ASN D 360 35.20 -17.12 21.16
CA ASN D 360 35.13 -18.07 22.25
C ASN D 360 33.89 -17.86 23.11
N CYS D 361 33.35 -16.65 23.13
CA CYS D 361 32.13 -16.37 23.87
C CYS D 361 30.89 -16.87 23.15
N LEU D 362 30.99 -17.16 21.85
CA LEU D 362 29.85 -17.65 21.08
C LEU D 362 29.72 -19.17 21.15
N ASP D 363 30.85 -19.89 21.26
CA ASP D 363 30.84 -21.34 21.35
C ASP D 363 30.16 -21.85 22.61
N VAL D 364 30.00 -21.04 23.65
CA VAL D 364 29.21 -21.43 24.82
C VAL D 364 27.72 -21.22 24.58
N VAL D 365 27.36 -20.17 23.84
CA VAL D 365 25.96 -19.98 23.44
C VAL D 365 25.52 -21.13 22.55
N ILE D 366 26.39 -21.56 21.63
CA ILE D 366 26.07 -22.67 20.74
C ILE D 366 25.75 -23.93 21.56
N VAL D 367 26.62 -24.26 22.51
CA VAL D 367 26.41 -25.50 23.27
C VAL D 367 25.22 -25.39 24.21
N VAL D 368 24.97 -24.21 24.79
CA VAL D 368 23.79 -24.04 25.64
C VAL D 368 22.52 -24.24 24.83
N LEU D 369 22.45 -23.60 23.65
CA LEU D 369 21.27 -23.74 22.81
C LEU D 369 21.10 -25.18 22.34
N SER D 370 22.20 -25.84 21.97
CA SER D 370 22.11 -27.23 21.56
C SER D 370 21.65 -28.14 22.69
N VAL D 371 22.15 -27.91 23.91
CA VAL D 371 21.75 -28.74 25.03
C VAL D 371 20.27 -28.55 25.36
N VAL D 372 19.79 -27.31 25.37
CA VAL D 372 18.38 -27.09 25.67
C VAL D 372 17.50 -27.66 24.54
N ALA D 373 17.96 -27.56 23.29
CA ALA D 373 17.20 -28.15 22.18
C ALA D 373 17.13 -29.66 22.31
N ILE D 374 18.24 -30.31 22.67
CA ILE D 374 18.25 -31.76 22.85
C ILE D 374 17.34 -32.15 24.01
N GLY D 375 17.38 -31.38 25.10
CA GLY D 375 16.50 -31.67 26.21
C GLY D 375 15.03 -31.57 25.83
N ILE D 376 14.67 -30.53 25.09
CA ILE D 376 13.29 -30.39 24.64
C ILE D 376 12.91 -31.53 23.71
N ASN D 377 13.82 -31.93 22.81
CA ASN D 377 13.53 -32.99 21.86
C ASN D 377 13.32 -34.33 22.55
N ILE D 378 14.14 -34.63 23.57
CA ILE D 378 13.98 -35.90 24.27
C ILE D 378 12.87 -35.88 25.31
N TYR D 379 12.43 -34.69 25.73
CA TYR D 379 11.27 -34.59 26.60
C TYR D 379 9.97 -34.61 25.81
N ARG D 380 10.00 -34.22 24.55
CA ARG D 380 8.82 -34.15 23.70
C ARG D 380 8.53 -35.45 22.98
N THR D 381 9.49 -36.39 22.94
CA THR D 381 9.29 -37.67 22.30
C THR D 381 8.81 -38.76 23.24
N SER D 382 8.79 -38.49 24.55
CA SER D 382 8.33 -39.45 25.54
C SER D 382 6.85 -39.28 25.88
N ASN D 383 6.16 -38.33 25.28
CA ASN D 383 4.76 -38.09 25.54
C ASN D 383 3.87 -38.35 24.33
N VAL D 384 4.43 -38.77 23.19
CA VAL D 384 3.65 -39.00 21.98
C VAL D 384 2.79 -40.24 22.14
N GLU D 385 3.10 -41.07 23.14
CA GLU D 385 2.33 -42.27 23.44
C GLU D 385 1.44 -42.11 24.66
N VAL D 386 1.93 -41.41 25.69
CA VAL D 386 1.14 -41.21 26.91
C VAL D 386 -0.12 -40.42 26.61
N LEU D 387 0.01 -39.36 25.81
CA LEU D 387 -1.11 -38.47 25.54
C LEU D 387 -1.94 -38.90 24.34
N LEU D 388 -1.50 -39.90 23.58
CA LEU D 388 -2.31 -40.50 22.52
C LEU D 388 -3.10 -41.72 23.02
N GLN D 389 -3.46 -41.75 24.30
CA GLN D 389 -4.40 -42.74 24.79
C GLN D 389 -5.81 -42.48 24.28
N PHE D 390 -6.03 -41.33 23.64
CA PHE D 390 -7.32 -41.02 23.02
C PHE D 390 -7.70 -42.03 21.96
N LEU D 391 -6.73 -42.75 21.38
CA LEU D 391 -7.03 -43.77 20.39
C LEU D 391 -7.89 -44.89 20.96
N GLU D 392 -7.84 -45.12 22.27
CA GLU D 392 -8.67 -46.15 22.87
C GLU D 392 -10.14 -45.74 22.86
N ASP D 393 -10.43 -44.50 23.22
CA ASP D 393 -11.80 -43.99 23.28
C ASP D 393 -11.87 -42.68 22.50
N GLN D 394 -12.42 -42.74 21.28
CA GLN D 394 -12.55 -41.56 20.43
C GLN D 394 -13.91 -40.88 20.62
N ASN D 395 -14.22 -40.51 21.87
CA ASN D 395 -15.48 -39.87 22.19
C ASN D 395 -15.28 -38.64 23.06
N THR D 396 -14.08 -38.44 23.60
CA THR D 396 -13.80 -37.32 24.50
C THR D 396 -12.89 -36.32 23.81
N PHE D 397 -12.49 -35.30 24.55
CA PHE D 397 -11.72 -34.20 23.98
C PHE D 397 -10.23 -34.53 24.00
N PRO D 398 -9.56 -34.55 22.85
CA PRO D 398 -8.11 -34.78 22.83
C PRO D 398 -7.35 -33.49 23.13
N ASN D 399 -6.59 -33.50 24.23
CA ASN D 399 -5.88 -32.31 24.69
C ASN D 399 -4.47 -32.33 24.11
N PHE D 400 -4.23 -31.49 23.10
CA PHE D 400 -2.96 -31.46 22.38
C PHE D 400 -2.27 -30.10 22.45
N GLU D 401 -2.64 -29.25 23.42
CA GLU D 401 -2.08 -27.90 23.46
C GLU D 401 -0.60 -27.90 23.83
N HIS D 402 -0.22 -28.74 24.81
CA HIS D 402 1.17 -28.76 25.25
C HIS D 402 2.10 -29.22 24.15
N LEU D 403 1.67 -30.20 23.34
CA LEU D 403 2.48 -30.66 22.23
C LEU D 403 2.73 -29.54 21.23
N ALA D 404 1.69 -28.76 20.91
CA ALA D 404 1.87 -27.63 19.99
C ALA D 404 2.79 -26.57 20.59
N TYR D 405 2.65 -26.29 21.88
CA TYR D 405 3.52 -25.33 22.53
C TYR D 405 4.98 -25.77 22.43
N TRP D 406 5.24 -27.05 22.67
CA TRP D 406 6.63 -27.52 22.61
C TRP D 406 7.14 -27.61 21.18
N GLN D 407 6.27 -27.88 20.21
CA GLN D 407 6.65 -27.74 18.81
C GLN D 407 7.15 -26.32 18.52
N ILE D 408 6.38 -25.32 18.96
CA ILE D 408 6.75 -23.95 18.69
C ILE D 408 8.08 -23.61 19.35
N GLN D 409 8.25 -24.01 20.62
CA GLN D 409 9.48 -23.72 21.33
C GLN D 409 10.69 -24.39 20.67
N PHE D 410 10.54 -25.66 20.29
CA PHE D 410 11.64 -26.39 19.67
C PHE D 410 12.00 -25.80 18.32
N ASN D 411 11.00 -25.41 17.52
CA ASN D 411 11.28 -24.79 16.23
C ASN D 411 12.01 -23.47 16.40
N ASN D 412 11.59 -22.65 17.36
CA ASN D 412 12.27 -21.38 17.60
C ASN D 412 13.72 -21.61 18.02
N ILE D 413 13.94 -22.55 18.94
CA ILE D 413 15.30 -22.83 19.42
C ILE D 413 16.18 -23.33 18.29
N ALA D 414 15.65 -24.24 17.46
CA ALA D 414 16.43 -24.78 16.35
C ALA D 414 16.78 -23.69 15.33
N ALA D 415 15.83 -22.80 15.03
CA ALA D 415 16.10 -21.73 14.08
C ALA D 415 17.19 -20.80 14.62
N VAL D 416 17.11 -20.45 15.91
CA VAL D 416 18.13 -19.59 16.49
C VAL D 416 19.50 -20.27 16.47
N THR D 417 19.53 -21.56 16.80
CA THR D 417 20.79 -22.29 16.83
C THR D 417 21.42 -22.34 15.43
N VAL D 418 20.64 -22.64 14.40
CA VAL D 418 21.21 -22.71 13.06
C VAL D 418 21.66 -21.34 12.57
N PHE D 419 20.92 -20.28 12.94
CA PHE D 419 21.36 -18.93 12.57
C PHE D 419 22.71 -18.61 13.20
N PHE D 420 22.88 -18.94 14.48
CA PHE D 420 24.16 -18.67 15.14
C PHE D 420 25.29 -19.52 14.55
N VAL D 421 25.00 -20.78 14.23
CA VAL D 421 26.01 -21.64 13.61
C VAL D 421 26.43 -21.07 12.26
N TRP D 422 25.47 -20.59 11.47
CA TRP D 422 25.81 -19.98 10.17
C TRP D 422 26.67 -18.73 10.36
N ILE D 423 26.31 -17.86 11.29
CA ILE D 423 27.08 -16.63 11.43
C ILE D 423 28.42 -16.88 12.09
N LYS D 424 28.62 -18.06 12.68
CA LYS D 424 29.94 -18.40 13.21
C LYS D 424 30.97 -18.69 12.12
N LEU D 425 30.55 -18.77 10.86
CA LEU D 425 31.44 -19.09 9.75
C LEU D 425 32.57 -18.09 9.55
N PHE D 426 32.45 -16.87 10.10
CA PHE D 426 33.42 -15.82 9.79
C PHE D 426 34.80 -16.12 10.34
N LYS D 427 34.90 -16.90 11.41
CA LYS D 427 36.20 -17.11 12.04
C LYS D 427 37.15 -17.95 11.18
N PHE D 428 36.63 -18.72 10.22
CA PHE D 428 37.47 -19.56 9.37
C PHE D 428 37.89 -18.87 8.08
N ILE D 429 37.00 -18.05 7.50
CA ILE D 429 37.36 -17.28 6.32
C ILE D 429 38.32 -16.15 6.61
N ASN D 430 38.49 -15.79 7.89
CA ASN D 430 39.36 -14.70 8.29
C ASN D 430 40.83 -15.08 8.29
N PHE D 431 41.15 -16.37 8.39
CA PHE D 431 42.55 -16.80 8.49
C PHE D 431 43.28 -16.74 7.16
N ASN D 432 42.57 -16.57 6.04
CA ASN D 432 43.22 -16.28 4.77
C ASN D 432 43.54 -14.78 4.74
N ARG D 433 44.00 -14.27 3.60
CA ARG D 433 44.45 -12.87 3.52
C ARG D 433 43.33 -11.85 3.76
N THR D 434 42.15 -12.32 4.18
CA THR D 434 41.04 -11.45 4.54
C THR D 434 41.28 -10.71 5.86
N MET D 435 42.33 -11.06 6.62
CA MET D 435 42.48 -10.47 7.95
C MET D 435 42.61 -8.95 7.91
N SER D 436 43.32 -8.40 6.93
CA SER D 436 43.47 -6.95 6.80
C SER D 436 42.16 -6.27 6.43
N GLN D 437 41.23 -6.99 5.79
CA GLN D 437 39.96 -6.40 5.42
C GLN D 437 39.12 -6.02 6.63
N LEU D 438 39.07 -6.90 7.62
CA LEU D 438 38.23 -6.72 8.79
C LEU D 438 38.83 -6.12 10.05
N SER D 439 40.10 -5.74 10.01
CA SER D 439 40.71 -5.14 11.18
C SER D 439 40.04 -3.80 11.42
N THR D 440 40.22 -2.91 10.46
CA THR D 440 39.64 -1.56 10.52
C THR D 440 38.12 -1.63 10.75
N THR D 441 37.45 -2.47 9.97
CA THR D 441 36.00 -2.53 10.00
C THR D 441 35.42 -3.18 11.26
N MET D 442 36.18 -4.05 11.91
CA MET D 442 35.66 -4.70 13.12
C MET D 442 36.50 -4.37 14.34
N SER D 443 37.61 -3.70 14.08
CA SER D 443 38.55 -3.26 15.10
C SER D 443 38.66 -1.74 15.21
N ARG D 444 38.42 -1.02 14.11
CA ARG D 444 38.46 0.44 14.12
C ARG D 444 37.14 1.08 13.71
N CYS D 445 36.27 0.36 13.00
CA CYS D 445 35.03 0.94 12.48
C CYS D 445 33.77 0.37 13.12
N ALA D 446 33.75 -0.90 13.49
CA ALA D 446 32.57 -1.44 14.15
C ALA D 446 32.55 -1.12 15.65
N LYS D 447 33.60 -0.49 16.17
CA LYS D 447 33.67 -0.13 17.58
C LYS D 447 33.32 1.33 17.83
N ASP D 448 33.66 2.24 16.93
CA ASP D 448 33.43 3.66 17.18
C ASP D 448 32.01 4.11 16.86
N LEU D 449 31.22 3.33 16.12
CA LEU D 449 29.79 3.61 16.09
C LEU D 449 29.16 3.38 17.45
N PHE D 450 29.43 2.24 18.08
CA PHE D 450 28.84 1.92 19.37
C PHE D 450 29.22 2.90 20.47
N GLY D 451 30.27 3.69 20.26
CA GLY D 451 30.58 4.76 21.19
C GLY D 451 29.64 5.93 21.05
N PHE D 452 29.69 6.63 19.92
CA PHE D 452 28.79 7.76 19.66
C PHE D 452 27.66 7.33 18.71
N ALA D 453 26.72 6.59 19.29
CA ALA D 453 25.45 6.28 18.62
C ALA D 453 24.27 6.41 19.57
N ILE D 454 24.52 6.78 20.83
CA ILE D 454 23.43 6.91 21.79
C ILE D 454 22.60 8.17 21.52
N MET D 455 23.09 9.07 20.67
CA MET D 455 22.31 10.26 20.36
C MET D 455 21.20 9.89 19.37
N PRO D 456 21.47 9.10 18.33
CA PRO D 456 20.37 8.45 17.60
C PRO D 456 19.42 7.66 18.48
N PHE D 457 19.90 7.15 19.61
CA PHE D 457 19.15 6.24 20.47
C PHE D 457 18.26 6.97 21.47
N ILE D 458 18.82 7.95 22.18
CA ILE D 458 18.06 8.71 23.16
C ILE D 458 16.92 9.48 22.50
N ILE D 459 17.20 10.13 21.37
CA ILE D 459 16.14 10.86 20.65
C ILE D 459 15.15 9.92 19.99
N PHE D 460 15.55 8.70 19.66
CA PHE D 460 14.61 7.71 19.16
C PHE D 460 13.60 7.32 20.23
N LEU D 461 14.06 6.99 21.43
CA LEU D 461 13.14 6.70 22.52
C LEU D 461 12.35 7.91 23.00
N ALA D 462 12.94 9.11 22.96
CA ALA D 462 12.17 10.31 23.29
C ALA D 462 11.02 10.52 22.31
N TYR D 463 11.30 10.34 21.01
CA TYR D 463 10.25 10.45 20.01
C TYR D 463 9.20 9.35 20.18
N ALA D 464 9.63 8.14 20.54
CA ALA D 464 8.67 7.06 20.79
C ALA D 464 7.75 7.40 21.96
N GLN D 465 8.31 7.94 23.03
CA GLN D 465 7.49 8.34 24.18
C GLN D 465 6.55 9.47 23.82
N LEU D 466 7.03 10.44 23.04
CA LEU D 466 6.16 11.54 22.61
C LEU D 466 4.99 11.03 21.77
N ALA D 467 5.27 10.11 20.84
CA ALA D 467 4.21 9.54 20.01
C ALA D 467 3.25 8.70 20.84
N TYR D 468 3.75 7.98 21.84
CA TYR D 468 2.86 7.19 22.69
C TYR D 468 1.98 8.08 23.56
N LEU D 469 2.50 9.22 24.01
CA LEU D 469 1.67 10.13 24.82
C LEU D 469 0.65 10.88 23.98
N VAL D 470 1.04 11.35 22.80
CA VAL D 470 0.12 12.11 21.96
C VAL D 470 -0.89 11.18 21.29
N PHE D 471 -0.42 10.24 20.50
CA PHE D 471 -1.27 9.24 19.88
C PHE D 471 -1.41 8.06 20.84
N GLY D 472 -1.92 6.94 20.35
CA GLY D 472 -2.04 5.73 21.14
C GLY D 472 -3.40 5.51 21.77
N THR D 473 -4.19 6.57 21.90
CA THR D 473 -5.60 6.44 22.29
C THR D 473 -6.53 6.61 21.10
N GLN D 474 -5.99 6.90 19.91
CA GLN D 474 -6.80 7.11 18.73
C GLN D 474 -6.30 6.27 17.57
N VAL D 475 -5.00 5.95 17.58
CA VAL D 475 -4.34 5.21 16.50
C VAL D 475 -3.88 3.87 17.05
N ASP D 476 -4.18 2.80 16.31
CA ASP D 476 -3.81 1.46 16.76
C ASP D 476 -2.31 1.22 16.71
N ASP D 477 -1.59 1.94 15.84
CA ASP D 477 -0.15 1.74 15.69
C ASP D 477 0.66 2.37 16.81
N PHE D 478 0.05 3.18 17.67
CA PHE D 478 0.79 3.89 18.70
C PHE D 478 0.38 3.52 20.11
N SER D 479 -0.61 2.65 20.29
CA SER D 479 -0.84 2.03 21.58
C SER D 479 0.20 0.95 21.83
N THR D 480 0.28 0.48 23.08
CA THR D 480 1.20 -0.61 23.42
C THR D 480 2.63 -0.25 23.05
N PHE D 481 3.25 0.61 23.87
CA PHE D 481 4.44 1.40 23.59
C PHE D 481 5.45 0.77 22.63
N GLN D 482 5.72 -0.53 22.74
CA GLN D 482 6.63 -1.18 21.80
C GLN D 482 6.16 -1.00 20.35
N GLU D 483 4.86 -0.94 20.12
CA GLU D 483 4.39 -0.70 18.75
C GLU D 483 4.76 0.70 18.28
N CYS D 484 5.01 1.64 19.18
CA CYS D 484 5.56 2.92 18.76
C CYS D 484 6.96 2.74 18.17
N ILE D 485 7.77 1.88 18.80
CA ILE D 485 9.09 1.58 18.26
C ILE D 485 8.98 0.94 16.89
N PHE D 486 8.09 -0.05 16.75
CA PHE D 486 7.95 -0.72 15.46
C PHE D 486 7.41 0.23 14.38
N THR D 487 6.46 1.09 14.74
CA THR D 487 5.92 2.05 13.79
C THR D 487 6.98 3.06 13.37
N GLN D 488 7.84 3.48 14.29
CA GLN D 488 8.93 4.38 13.93
C GLN D 488 9.91 3.70 12.98
N PHE D 489 10.22 2.43 13.23
CA PHE D 489 11.07 1.69 12.28
C PHE D 489 10.44 1.63 10.90
N ARG D 490 9.14 1.33 10.84
CA ARG D 490 8.46 1.28 9.54
C ARG D 490 8.42 2.65 8.86
N ILE D 491 8.23 3.72 9.63
CA ILE D 491 8.23 5.06 9.06
C ILE D 491 9.60 5.40 8.48
N ILE D 492 10.67 5.05 9.20
CA ILE D 492 12.01 5.27 8.66
C ILE D 492 12.20 4.48 7.38
N LEU D 493 11.77 3.22 7.36
CA LEU D 493 11.91 2.41 6.14
C LEU D 493 11.07 2.97 5.00
N GLY D 494 9.85 3.42 5.30
CA GLY D 494 9.02 4.01 4.26
C GLY D 494 7.57 3.59 4.26
N ASP D 495 7.17 2.79 5.25
CA ASP D 495 5.78 2.33 5.35
C ASP D 495 5.01 3.34 6.18
N ILE D 496 4.32 4.25 5.50
CA ILE D 496 3.64 5.37 6.13
C ILE D 496 2.14 5.19 6.02
N ASN D 497 1.43 5.60 7.06
CA ASN D 497 -0.03 5.59 7.12
C ASN D 497 -0.53 6.96 7.54
N PHE D 498 -0.03 7.99 6.86
CA PHE D 498 -0.16 9.37 7.30
C PHE D 498 -1.61 9.84 7.45
N ALA D 499 -2.57 9.18 6.79
CA ALA D 499 -3.96 9.60 6.90
C ALA D 499 -4.46 9.52 8.33
N GLU D 500 -4.15 8.43 9.03
CA GLU D 500 -4.62 8.27 10.41
C GLU D 500 -3.98 9.30 11.34
N ILE D 501 -2.69 9.56 11.17
CA ILE D 501 -2.01 10.55 11.99
C ILE D 501 -2.59 11.94 11.73
N GLU D 502 -2.84 12.27 10.46
CA GLU D 502 -3.46 13.55 10.14
C GLU D 502 -4.84 13.68 10.76
N GLU D 503 -5.64 12.60 10.71
CA GLU D 503 -6.97 12.65 11.29
C GLU D 503 -6.94 12.77 12.80
N ALA D 504 -5.95 12.15 13.46
CA ALA D 504 -5.90 12.16 14.91
C ALA D 504 -5.68 13.57 15.46
N ASN D 505 -4.55 14.18 15.11
CA ASN D 505 -4.22 15.52 15.55
C ASN D 505 -3.79 16.34 14.34
N ARG D 506 -4.39 17.52 14.17
CA ARG D 506 -4.15 18.33 12.99
C ARG D 506 -2.91 19.20 13.11
N VAL D 507 -2.28 19.26 14.29
CA VAL D 507 -1.12 20.11 14.51
C VAL D 507 0.11 19.29 14.88
N LEU D 508 0.04 18.51 15.97
CA LEU D 508 1.22 17.78 16.42
C LEU D 508 1.53 16.58 15.53
N GLY D 509 0.56 16.09 14.77
CA GLY D 509 0.79 14.98 13.87
C GLY D 509 1.81 15.29 12.81
N PRO D 510 1.49 16.24 11.92
CA PRO D 510 2.47 16.64 10.89
C PRO D 510 3.77 17.17 11.47
N ILE D 511 3.70 17.93 12.57
CA ILE D 511 4.92 18.45 13.18
C ILE D 511 5.84 17.31 13.62
N TYR D 512 5.26 16.33 14.33
CA TYR D 512 6.03 15.17 14.76
C TYR D 512 6.61 14.42 13.58
N PHE D 513 5.80 14.19 12.55
CA PHE D 513 6.26 13.42 11.40
C PHE D 513 7.44 14.11 10.71
N THR D 514 7.26 15.38 10.36
CA THR D 514 8.32 16.10 9.64
C THR D 514 9.57 16.25 10.50
N THR D 515 9.41 16.60 11.79
CA THR D 515 10.58 16.77 12.64
C THR D 515 11.34 15.48 12.82
N PHE D 516 10.63 14.36 13.00
CA PHE D 516 11.30 13.08 13.15
C PHE D 516 12.07 12.71 11.89
N VAL D 517 11.40 12.80 10.73
CA VAL D 517 12.06 12.44 9.48
C VAL D 517 13.26 13.34 9.21
N PHE D 518 13.16 14.63 9.50
CA PHE D 518 14.28 15.54 9.27
C PHE D 518 15.44 15.23 10.22
N PHE D 519 15.16 15.14 11.52
CA PHE D 519 16.22 15.06 12.50
C PHE D 519 16.92 13.70 12.49
N MET D 520 16.21 12.63 12.16
CA MET D 520 16.85 11.32 12.12
C MET D 520 17.99 11.31 11.09
N PHE D 521 17.70 11.72 9.86
CA PHE D 521 18.74 11.76 8.84
C PHE D 521 19.75 12.86 9.10
N PHE D 522 19.32 13.99 9.70
CA PHE D 522 20.26 15.03 10.06
C PHE D 522 21.34 14.48 10.99
N ILE D 523 20.92 13.82 12.07
CA ILE D 523 21.89 13.34 13.05
C ILE D 523 22.68 12.16 12.49
N LEU D 524 22.05 11.32 11.68
CA LEU D 524 22.75 10.18 11.12
C LEU D 524 23.88 10.64 10.21
N LEU D 525 23.58 11.57 9.32
CA LEU D 525 24.59 12.11 8.41
C LEU D 525 25.70 12.78 9.19
N ASN D 526 25.32 13.50 10.23
CA ASN D 526 26.28 14.20 11.07
C ASN D 526 27.25 13.21 11.71
N MET D 527 26.71 12.10 12.21
CA MET D 527 27.52 11.06 12.83
C MET D 527 28.47 10.44 11.81
N PHE D 528 27.97 10.25 10.58
CA PHE D 528 28.79 9.72 9.50
C PHE D 528 29.97 10.64 9.26
N LEU D 529 29.69 11.93 9.19
CA LEU D 529 30.74 12.92 8.98
C LEU D 529 31.76 12.88 10.11
N ALA D 530 31.27 12.77 11.34
CA ALA D 530 32.16 12.69 12.49
C ALA D 530 33.09 11.50 12.36
N ILE D 531 32.53 10.35 11.99
CA ILE D 531 33.32 9.13 11.83
C ILE D 531 34.36 9.30 10.74
N ILE D 532 33.99 9.96 9.65
CA ILE D 532 34.94 10.17 8.56
C ILE D 532 36.08 11.05 9.05
N ASN D 533 35.75 12.24 9.56
CA ASN D 533 36.75 13.18 10.04
C ASN D 533 37.71 12.52 11.03
N ASP D 534 37.16 11.70 11.93
CA ASP D 534 37.97 11.00 12.93
C ASP D 534 38.95 10.04 12.24
N THR D 535 38.46 9.36 11.21
CA THR D 535 39.29 8.43 10.44
C THR D 535 40.41 9.18 9.75
N TYR D 536 40.10 10.38 9.23
CA TYR D 536 41.08 11.21 8.56
C TYR D 536 42.11 11.80 9.53
N SER D 537 41.70 11.97 10.79
CA SER D 537 42.59 12.50 11.81
C SER D 537 43.33 11.37 12.53
N GLU D 538 42.98 10.14 12.18
CA GLU D 538 43.63 8.97 12.79
C GLU D 538 44.70 8.40 11.87
#